data_5UUV
#
_entry.id   5UUV
#
_cell.length_a   85.281
_cell.length_b   89.164
_cell.length_c   164.297
_cell.angle_alpha   90.00
_cell.angle_beta   90.00
_cell.angle_gamma   90.00
#
_symmetry.space_group_name_H-M   'P 21 21 21'
#
loop_
_entity.id
_entity.type
_entity.pdbx_description
1 polymer "Inosine-5'-monophosphate dehydrogenase"
2 non-polymer 'INOSINIC ACID'
3 non-polymer "N-{4-chloro-3-[4-(trifluoromethyl)-1,3-thiazol-2-yl]phenyl}-N'-(2-{3-[(1E)-N-hydroxyethanimidoyl]phenyl}propan-2-yl)urea"
4 non-polymer 'POTASSIUM ION'
5 non-polymer GLYCEROL
6 water water
#
_entity_poly.entity_id   1
_entity_poly.type   'polypeptide(L)'
_entity_poly.pdbx_seq_one_letter_code
;MHHHHHHSSGVDLGTENLYFQSNAMWESKFVKEGLTFDDVLLVPAKSDVLPREVSVKTVLSESLQLNIPLISAGMDTVTE
ADMAIAMARQGGLGIIHKNMSIEQQAEQVDKVKRSGGLLVGAAVGVTADAMTRIDALVKASVDAIVLDTAHGHSQGVIDK
VKEVRAKYPSLNIIAGNVATAEATKALIEAGANVVKVGIGPGSICTTRVVAGVGVPQLTAVYDCATEARKHGIPVIADGG
IKYSGDMVKALAAGAHVVMLGSMFAGVAESPGETEIYQGRQFKVYRGMGSVGAMEKGSKDRYFQEGNKKLVPEGIEGRVP
YKGPLADTVHQLVGGLRAGMGYCGAQDLEFLRENAQFIRMSGAGLLESHPHHVQITKEAPNYSL
;
_entity_poly.pdbx_strand_id   A,B,C,D
#
loop_
_chem_comp.id
_chem_comp.type
_chem_comp.name
_chem_comp.formula
8L1 non-polymer N-{4-chloro-3-[4-(trifluoromethyl)-1,3-thiazol-2-yl]phenyl}-N'-(2-{3-[(1E)-N-hydroxyethanimidoyl]phenyl}propan-2-yl)urea 'C22 H20 Cl F3 N4 O2 S'
GOL non-polymer GLYCEROL 'C3 H8 O3'
IMP non-polymer 'INOSINIC ACID' 'C10 H13 N4 O8 P'
K non-polymer 'POTASSIUM ION' 'K 1'
#
# COMPACT_ATOMS: atom_id res chain seq x y z
N ASN A 23 -19.09 13.82 -25.07
CA ASN A 23 -19.44 14.58 -23.87
C ASN A 23 -19.72 13.67 -22.70
N ALA A 24 -20.67 12.74 -22.87
CA ALA A 24 -20.98 11.79 -21.82
C ALA A 24 -19.80 10.85 -21.56
N MET A 25 -18.92 10.68 -22.54
CA MET A 25 -17.73 9.87 -22.37
C MET A 25 -16.71 10.58 -21.48
N TRP A 26 -16.77 11.91 -21.41
CA TRP A 26 -15.80 12.68 -20.63
C TRP A 26 -16.03 12.54 -19.12
N GLU A 27 -17.30 12.46 -18.69
CA GLU A 27 -17.59 12.44 -17.26
C GLU A 27 -17.45 11.05 -16.64
N SER A 28 -17.47 9.98 -17.43
CA SER A 28 -17.31 8.63 -16.93
C SER A 28 -15.89 8.10 -17.12
N LYS A 29 -14.90 9.00 -17.08
CA LYS A 29 -13.52 8.60 -17.37
C LYS A 29 -12.94 7.74 -16.25
N PHE A 30 -13.21 8.08 -14.99
CA PHE A 30 -12.58 7.40 -13.86
C PHE A 30 -13.60 6.70 -12.96
N VAL A 31 -14.67 6.17 -13.54
CA VAL A 31 -15.71 5.53 -12.73
C VAL A 31 -15.44 4.04 -12.50
N LYS A 32 -14.95 3.34 -13.53
CA LYS A 32 -14.73 1.90 -13.41
C LYS A 32 -13.67 1.56 -12.38
N GLU A 33 -13.80 0.36 -11.83
CA GLU A 33 -12.92 -0.15 -10.78
C GLU A 33 -12.48 -1.55 -11.17
N GLY A 34 -11.23 -1.88 -10.92
CA GLY A 34 -10.69 -3.17 -11.32
C GLY A 34 -10.07 -3.90 -10.15
N LEU A 35 -10.15 -5.23 -10.19
CA LEU A 35 -9.63 -6.09 -9.15
C LEU A 35 -8.67 -7.11 -9.73
N THR A 36 -7.57 -7.39 -9.01
CA THR A 36 -6.58 -8.37 -9.42
C THR A 36 -6.59 -9.55 -8.45
N PHE A 37 -5.65 -10.48 -8.65
CA PHE A 37 -5.63 -11.70 -7.86
C PHE A 37 -5.38 -11.41 -6.38
N ASP A 38 -4.43 -10.54 -6.08
CA ASP A 38 -4.04 -10.28 -4.70
C ASP A 38 -4.98 -9.32 -3.99
N ASP A 39 -6.11 -8.98 -4.60
CA ASP A 39 -7.10 -8.11 -3.97
C ASP A 39 -8.19 -8.88 -3.25
N VAL A 40 -8.36 -10.17 -3.53
CA VAL A 40 -9.50 -10.93 -3.06
C VAL A 40 -9.04 -12.27 -2.49
N LEU A 41 -10.00 -12.98 -1.91
CA LEU A 41 -9.82 -14.35 -1.44
C LEU A 41 -11.11 -15.12 -1.66
N LEU A 42 -10.99 -16.43 -1.88
CA LEU A 42 -12.16 -17.28 -2.02
C LEU A 42 -12.71 -17.62 -0.64
N VAL A 43 -14.03 -17.52 -0.50
CA VAL A 43 -14.70 -17.76 0.78
C VAL A 43 -14.98 -19.25 0.92
N PRO A 44 -14.58 -19.88 2.02
CA PRO A 44 -14.89 -21.29 2.22
C PRO A 44 -16.40 -21.49 2.37
N ALA A 45 -16.88 -22.61 1.84
CA ALA A 45 -18.30 -22.94 1.92
C ALA A 45 -18.46 -24.38 2.38
N LYS A 46 -19.72 -24.79 2.60
CA LYS A 46 -20.00 -26.13 3.05
C LYS A 46 -19.49 -27.08 2.00
N SER A 47 -18.84 -28.14 2.45
CA SER A 47 -18.27 -29.12 1.53
C SER A 47 -18.55 -30.53 2.00
N ASP A 48 -18.99 -31.39 1.07
CA ASP A 48 -19.13 -32.81 1.33
C ASP A 48 -18.20 -33.64 0.46
N VAL A 49 -17.20 -33.02 -0.17
CA VAL A 49 -16.30 -33.69 -1.09
C VAL A 49 -14.86 -33.41 -0.64
N LEU A 50 -13.99 -34.44 -0.78
CA LEU A 50 -12.56 -34.32 -0.52
C LEU A 50 -11.81 -33.91 -1.79
N PRO A 51 -10.68 -33.22 -1.65
CA PRO A 51 -9.92 -32.82 -2.83
C PRO A 51 -9.55 -33.96 -3.76
N ARG A 52 -9.35 -35.17 -3.23
CA ARG A 52 -9.01 -36.32 -4.06
C ARG A 52 -10.20 -36.76 -4.91
N GLU A 53 -11.42 -36.35 -4.56
CA GLU A 53 -12.63 -36.82 -5.23
C GLU A 53 -13.16 -35.86 -6.29
N VAL A 54 -12.73 -34.59 -6.27
CA VAL A 54 -13.25 -33.63 -7.23
C VAL A 54 -12.75 -33.96 -8.64
N SER A 55 -13.44 -33.43 -9.63
CA SER A 55 -13.08 -33.59 -11.03
C SER A 55 -12.56 -32.26 -11.58
N VAL A 56 -11.35 -32.29 -12.14
CA VAL A 56 -10.73 -31.10 -12.70
C VAL A 56 -10.78 -31.08 -14.23
N LYS A 57 -11.65 -31.89 -14.82
CA LYS A 57 -11.76 -31.97 -16.27
C LYS A 57 -12.64 -30.84 -16.79
N THR A 58 -12.30 -30.36 -17.99
CA THR A 58 -13.01 -29.25 -18.61
C THR A 58 -13.13 -29.48 -20.11
N VAL A 59 -14.16 -28.88 -20.70
CA VAL A 59 -14.45 -29.02 -22.13
C VAL A 59 -14.46 -27.64 -22.76
N LEU A 60 -13.61 -27.45 -23.77
CA LEU A 60 -13.59 -26.21 -24.55
C LEU A 60 -14.44 -26.28 -25.80
N SER A 61 -14.61 -27.46 -26.39
CA SER A 61 -15.46 -27.63 -27.56
C SER A 61 -15.83 -29.10 -27.68
N GLU A 62 -16.71 -29.41 -28.64
CA GLU A 62 -17.08 -30.80 -28.85
C GLU A 62 -15.89 -31.64 -29.30
N SER A 63 -14.88 -31.01 -29.90
CA SER A 63 -13.66 -31.69 -30.32
C SER A 63 -12.48 -31.48 -29.38
N LEU A 64 -12.63 -30.67 -28.33
CA LEU A 64 -11.51 -30.28 -27.48
C LEU A 64 -11.90 -30.42 -26.01
N GLN A 65 -11.39 -31.48 -25.37
CA GLN A 65 -11.61 -31.74 -23.95
C GLN A 65 -10.27 -32.03 -23.29
N LEU A 66 -10.00 -31.35 -22.17
CA LEU A 66 -8.75 -31.51 -21.43
C LEU A 66 -9.04 -32.13 -20.07
N ASN A 67 -8.12 -32.97 -19.60
CA ASN A 67 -8.25 -33.55 -18.27
C ASN A 67 -7.87 -32.56 -17.18
N ILE A 68 -6.99 -31.61 -17.48
CA ILE A 68 -6.63 -30.57 -16.53
C ILE A 68 -6.74 -29.21 -17.23
N PRO A 69 -7.14 -28.14 -16.52
CA PRO A 69 -7.32 -26.82 -17.14
C PRO A 69 -6.02 -26.02 -17.20
N LEU A 70 -4.99 -26.61 -17.81
CA LEU A 70 -3.69 -25.96 -17.93
C LEU A 70 -3.25 -25.98 -19.38
N ILE A 71 -2.91 -24.80 -19.90
CA ILE A 71 -2.35 -24.65 -21.24
C ILE A 71 -1.01 -23.95 -21.10
N SER A 72 -0.01 -24.47 -21.80
CA SER A 72 1.30 -23.83 -21.85
C SER A 72 1.31 -22.80 -22.97
N ALA A 73 1.72 -21.58 -22.65
CA ALA A 73 1.62 -20.48 -23.60
C ALA A 73 2.55 -20.69 -24.79
N GLY A 74 2.16 -20.11 -25.92
CA GLY A 74 2.93 -20.22 -27.15
C GLY A 74 4.07 -19.24 -27.22
N MET A 75 5.18 -19.53 -26.53
CA MET A 75 6.35 -18.69 -26.54
C MET A 75 7.58 -19.51 -26.89
N ASP A 76 8.58 -18.85 -27.47
CA ASP A 76 9.78 -19.54 -27.93
C ASP A 76 10.67 -20.01 -26.78
N THR A 77 10.34 -19.66 -25.55
CA THR A 77 11.08 -20.12 -24.38
C THR A 77 10.20 -20.90 -23.41
N VAL A 78 9.00 -21.30 -23.84
CA VAL A 78 8.07 -22.01 -22.98
C VAL A 78 7.67 -23.35 -23.59
N THR A 79 7.07 -23.32 -24.78
CA THR A 79 6.39 -24.48 -25.34
C THR A 79 7.02 -24.89 -26.66
N GLU A 80 7.46 -26.14 -26.75
CA GLU A 80 7.91 -26.75 -27.99
C GLU A 80 7.35 -28.17 -28.07
N ALA A 81 7.88 -28.95 -29.02
CA ALA A 81 7.40 -30.32 -29.21
C ALA A 81 7.48 -31.13 -27.92
N ASP A 82 8.63 -31.11 -27.25
CA ASP A 82 8.78 -31.87 -26.02
C ASP A 82 7.83 -31.36 -24.94
N MET A 83 7.65 -30.04 -24.88
CA MET A 83 6.76 -29.46 -23.88
C MET A 83 5.31 -29.83 -24.17
N ALA A 84 4.90 -29.79 -25.44
CA ALA A 84 3.53 -30.17 -25.80
C ALA A 84 3.26 -31.64 -25.54
N ILE A 85 4.27 -32.51 -25.72
CA ILE A 85 4.10 -33.93 -25.44
C ILE A 85 3.87 -34.16 -23.94
N ALA A 86 4.79 -33.65 -23.11
CA ALA A 86 4.67 -33.85 -21.67
C ALA A 86 3.41 -33.21 -21.12
N MET A 87 3.03 -32.05 -21.67
CA MET A 87 1.80 -31.39 -21.24
C MET A 87 0.58 -32.23 -21.62
N ALA A 88 0.59 -32.82 -22.82
CA ALA A 88 -0.54 -33.62 -23.27
C ALA A 88 -0.60 -34.96 -22.55
N ARG A 89 0.56 -35.58 -22.31
CA ARG A 89 0.58 -36.82 -21.54
C ARG A 89 0.14 -36.61 -20.10
N GLN A 90 0.14 -35.37 -19.63
CA GLN A 90 -0.29 -35.03 -18.29
C GLN A 90 -1.75 -34.56 -18.26
N GLY A 91 -2.43 -34.56 -19.39
CA GLY A 91 -3.82 -34.15 -19.48
C GLY A 91 -4.03 -32.71 -19.91
N GLY A 92 -2.97 -31.97 -20.19
CA GLY A 92 -3.06 -30.57 -20.56
C GLY A 92 -2.97 -30.36 -22.05
N LEU A 93 -2.57 -29.14 -22.43
CA LEU A 93 -2.47 -28.75 -23.82
C LEU A 93 -1.28 -27.82 -24.01
N GLY A 94 -0.54 -28.03 -25.09
CA GLY A 94 0.58 -27.18 -25.44
C GLY A 94 0.27 -26.40 -26.70
N ILE A 95 0.83 -25.20 -26.80
CA ILE A 95 0.66 -24.33 -27.96
C ILE A 95 2.04 -24.10 -28.55
N ILE A 96 2.28 -24.64 -29.75
CA ILE A 96 3.56 -24.42 -30.43
C ILE A 96 3.61 -22.98 -30.89
N HIS A 97 4.68 -22.27 -30.49
CA HIS A 97 4.83 -20.86 -30.82
C HIS A 97 5.11 -20.68 -32.31
N LYS A 98 4.97 -19.44 -32.76
CA LYS A 98 5.08 -19.08 -34.17
C LYS A 98 6.44 -18.51 -34.55
N ASN A 99 7.38 -18.45 -33.61
CA ASN A 99 8.70 -17.89 -33.90
C ASN A 99 9.57 -18.94 -34.57
N MET A 100 9.06 -19.54 -35.65
CA MET A 100 9.79 -20.52 -36.43
C MET A 100 9.16 -20.56 -37.82
N SER A 101 9.79 -21.28 -38.73
CA SER A 101 9.29 -21.37 -40.09
C SER A 101 7.96 -22.13 -40.13
N ILE A 102 7.21 -21.90 -41.20
CA ILE A 102 5.91 -22.55 -41.37
C ILE A 102 6.05 -24.06 -41.37
N GLU A 103 7.04 -24.59 -42.07
CA GLU A 103 7.17 -26.04 -42.13
C GLU A 103 7.75 -26.61 -40.84
N GLN A 104 8.58 -25.85 -40.14
CA GLN A 104 9.10 -26.30 -38.85
C GLN A 104 8.01 -26.37 -37.80
N GLN A 105 7.04 -25.46 -37.86
CA GLN A 105 5.91 -25.52 -36.93
C GLN A 105 5.00 -26.69 -37.27
N ALA A 106 4.80 -26.96 -38.56
CA ALA A 106 3.99 -28.09 -38.97
C ALA A 106 4.67 -29.40 -38.60
N GLU A 107 6.00 -29.45 -38.66
CA GLU A 107 6.74 -30.63 -38.23
C GLU A 107 6.57 -30.85 -36.73
N GLN A 108 6.53 -29.76 -35.96
CA GLN A 108 6.32 -29.88 -34.52
C GLN A 108 4.94 -30.43 -34.20
N VAL A 109 3.90 -29.94 -34.89
CA VAL A 109 2.54 -30.41 -34.66
C VAL A 109 2.42 -31.90 -34.97
N ASP A 110 2.95 -32.32 -36.12
CA ASP A 110 2.92 -33.73 -36.47
C ASP A 110 3.76 -34.57 -35.52
N LYS A 111 4.90 -34.03 -35.06
CA LYS A 111 5.75 -34.78 -34.13
C LYS A 111 4.98 -35.09 -32.85
N VAL A 112 4.14 -34.15 -32.41
CA VAL A 112 3.32 -34.38 -31.23
C VAL A 112 2.26 -35.44 -31.51
N LYS A 113 1.60 -35.38 -32.66
CA LYS A 113 0.54 -36.33 -32.98
C LYS A 113 1.08 -37.75 -33.18
N ARG A 114 2.35 -37.85 -33.52
CA ARG A 114 2.99 -39.13 -33.75
C ARG A 114 3.00 -39.98 -32.50
N SER A 115 3.23 -39.37 -31.35
CA SER A 115 3.29 -40.13 -30.11
C SER A 115 1.99 -40.09 -29.31
N GLY A 116 1.23 -41.17 -29.40
CA GLY A 116 -0.02 -41.28 -28.66
C GLY A 116 -1.23 -40.56 -29.21
N GLY A 117 -1.09 -39.93 -30.36
CA GLY A 117 -2.23 -39.22 -30.92
C GLY A 117 -2.81 -38.19 -29.96
N LEU A 118 -1.93 -37.46 -29.29
CA LEU A 118 -2.31 -36.43 -28.34
C LEU A 118 -2.75 -35.11 -28.95
N LEU A 119 -3.36 -34.27 -28.13
CA LEU A 119 -3.82 -32.95 -28.52
C LEU A 119 -2.64 -31.97 -28.59
N VAL A 120 -2.73 -31.02 -29.50
CA VAL A 120 -1.68 -30.02 -29.68
C VAL A 120 -2.28 -28.79 -30.35
N GLY A 121 -1.75 -27.62 -30.01
CA GLY A 121 -2.16 -26.39 -30.64
C GLY A 121 -0.95 -25.64 -31.17
N ALA A 122 -1.22 -24.58 -31.93
CA ALA A 122 -0.17 -23.81 -32.56
C ALA A 122 -0.59 -22.35 -32.67
N ALA A 123 0.35 -21.45 -32.36
CA ALA A 123 0.08 -20.02 -32.43
C ALA A 123 0.26 -19.49 -33.84
N VAL A 124 -0.59 -18.55 -34.23
CA VAL A 124 -0.54 -17.91 -35.55
C VAL A 124 -0.74 -16.41 -35.37
N GLY A 125 0.16 -15.62 -35.95
CA GLY A 125 0.01 -14.19 -35.93
C GLY A 125 -0.83 -13.65 -37.09
N VAL A 126 -1.34 -12.44 -36.91
CA VAL A 126 -2.12 -11.77 -37.95
C VAL A 126 -1.15 -11.10 -38.92
N THR A 127 -0.97 -11.70 -40.08
CA THR A 127 -0.11 -11.15 -41.12
C THR A 127 -0.68 -11.53 -42.47
N ALA A 128 -0.05 -11.04 -43.54
CA ALA A 128 -0.55 -11.34 -44.88
C ALA A 128 -0.33 -12.79 -45.25
N ASP A 129 0.69 -13.43 -44.67
CA ASP A 129 0.99 -14.84 -44.92
C ASP A 129 0.40 -15.77 -43.86
N ALA A 130 -0.56 -15.27 -43.07
CA ALA A 130 -1.15 -16.08 -41.99
C ALA A 130 -1.93 -17.25 -42.53
N MET A 131 -2.69 -17.03 -43.60
CA MET A 131 -3.51 -18.11 -44.15
C MET A 131 -2.66 -19.30 -44.57
N THR A 132 -1.51 -19.04 -45.20
CA THR A 132 -0.64 -20.15 -45.58
C THR A 132 -0.10 -20.88 -44.36
N ARG A 133 0.13 -20.18 -43.26
CA ARG A 133 0.60 -20.87 -42.06
C ARG A 133 -0.50 -21.77 -41.50
N ILE A 134 -1.74 -21.29 -41.54
CA ILE A 134 -2.86 -22.09 -41.05
C ILE A 134 -3.09 -23.30 -41.95
N ASP A 135 -2.89 -23.15 -43.26
CA ASP A 135 -3.07 -24.28 -44.17
C ASP A 135 -2.13 -25.43 -43.84
N ALA A 136 -0.87 -25.12 -43.52
CA ALA A 136 0.08 -26.17 -43.17
C ALA A 136 -0.25 -26.82 -41.84
N LEU A 137 -0.84 -26.06 -40.91
CA LEU A 137 -1.15 -26.61 -39.59
C LEU A 137 -2.33 -27.56 -39.64
N VAL A 138 -3.38 -27.22 -40.40
CA VAL A 138 -4.55 -28.08 -40.46
C VAL A 138 -4.22 -29.36 -41.20
N LYS A 139 -3.31 -29.29 -42.17
CA LYS A 139 -2.86 -30.49 -42.87
C LYS A 139 -1.99 -31.37 -41.97
N ALA A 140 -1.47 -30.82 -40.88
CA ALA A 140 -0.80 -31.59 -39.84
C ALA A 140 -1.78 -32.03 -38.75
N SER A 141 -3.09 -31.85 -38.97
CA SER A 141 -4.13 -32.27 -38.04
C SER A 141 -3.99 -31.56 -36.69
N VAL A 142 -3.79 -30.25 -36.75
CA VAL A 142 -3.78 -29.44 -35.53
C VAL A 142 -5.19 -29.40 -34.95
N ASP A 143 -5.28 -29.41 -33.62
CA ASP A 143 -6.58 -29.47 -32.97
C ASP A 143 -7.16 -28.08 -32.72
N ALA A 144 -6.32 -27.06 -32.60
CA ALA A 144 -6.77 -25.70 -32.41
C ALA A 144 -5.63 -24.75 -32.77
N ILE A 145 -5.97 -23.64 -33.42
CA ILE A 145 -5.01 -22.59 -33.71
C ILE A 145 -5.31 -21.41 -32.77
N VAL A 146 -4.26 -20.67 -32.45
CA VAL A 146 -4.35 -19.53 -31.53
C VAL A 146 -3.89 -18.29 -32.27
N LEU A 147 -4.83 -17.39 -32.56
CA LEU A 147 -4.58 -16.09 -33.15
C LEU A 147 -4.24 -15.10 -32.04
N ASP A 148 -2.98 -15.06 -31.64
CA ASP A 148 -2.55 -14.21 -30.53
C ASP A 148 -2.06 -12.87 -31.07
N THR A 149 -2.62 -11.79 -30.53
CA THR A 149 -2.18 -10.45 -30.86
C THR A 149 -2.05 -9.63 -29.58
N ALA A 150 -1.53 -8.42 -29.74
CA ALA A 150 -1.45 -7.49 -28.61
C ALA A 150 -2.82 -6.94 -28.26
N HIS A 151 -3.64 -6.68 -29.29
CA HIS A 151 -4.96 -6.07 -29.14
C HIS A 151 -5.96 -6.91 -29.91
N GLY A 152 -6.73 -7.74 -29.21
CA GLY A 152 -7.70 -8.58 -29.87
C GLY A 152 -8.94 -7.84 -30.36
N HIS A 153 -9.18 -6.63 -29.85
CA HIS A 153 -10.32 -5.83 -30.29
C HIS A 153 -10.00 -4.98 -31.51
N SER A 154 -8.90 -5.28 -32.21
CA SER A 154 -8.55 -4.56 -33.41
C SER A 154 -9.42 -5.01 -34.58
N GLN A 155 -9.64 -4.10 -35.53
CA GLN A 155 -10.43 -4.45 -36.71
C GLN A 155 -9.69 -5.46 -37.57
N GLY A 156 -8.36 -5.37 -37.64
CA GLY A 156 -7.59 -6.34 -38.41
C GLY A 156 -7.68 -7.75 -37.85
N VAL A 157 -7.78 -7.87 -36.52
CA VAL A 157 -7.91 -9.20 -35.91
C VAL A 157 -9.28 -9.79 -36.21
N ILE A 158 -10.34 -8.98 -36.11
CA ILE A 158 -11.69 -9.46 -36.36
C ILE A 158 -11.82 -9.94 -37.79
N ASP A 159 -11.28 -9.18 -38.75
CA ASP A 159 -11.37 -9.58 -40.15
C ASP A 159 -10.63 -10.89 -40.41
N LYS A 160 -9.53 -11.14 -39.69
CA LYS A 160 -8.85 -12.43 -39.82
C LYS A 160 -9.69 -13.56 -39.27
N VAL A 161 -10.41 -13.33 -38.16
CA VAL A 161 -11.24 -14.38 -37.60
C VAL A 161 -12.37 -14.74 -38.57
N LYS A 162 -12.99 -13.75 -39.18
CA LYS A 162 -13.99 -14.01 -40.22
C LYS A 162 -13.38 -14.77 -41.39
N GLU A 163 -12.15 -14.40 -41.76
CA GLU A 163 -11.50 -15.02 -42.91
C GLU A 163 -11.15 -16.48 -42.64
N VAL A 164 -10.67 -16.77 -41.43
CA VAL A 164 -10.31 -18.15 -41.10
C VAL A 164 -11.55 -19.00 -40.89
N ARG A 165 -12.58 -18.43 -40.26
CA ARG A 165 -13.83 -19.17 -40.06
C ARG A 165 -14.51 -19.51 -41.37
N ALA A 166 -14.40 -18.61 -42.36
CA ALA A 166 -15.04 -18.87 -43.65
C ALA A 166 -14.38 -20.04 -44.37
N LYS A 167 -13.09 -20.25 -44.14
CA LYS A 167 -12.37 -21.33 -44.80
C LYS A 167 -12.37 -22.63 -44.00
N TYR A 168 -12.47 -22.57 -42.67
CA TYR A 168 -12.46 -23.75 -41.81
C TYR A 168 -13.62 -23.74 -40.83
N PRO A 169 -14.76 -24.32 -41.23
CA PRO A 169 -15.93 -24.33 -40.31
C PRO A 169 -15.73 -25.21 -39.10
N SER A 170 -14.86 -26.22 -39.18
CA SER A 170 -14.70 -27.20 -38.11
C SER A 170 -13.45 -26.98 -37.27
N LEU A 171 -12.70 -25.92 -37.53
CA LEU A 171 -11.47 -25.68 -36.78
C LEU A 171 -11.78 -24.97 -35.48
N ASN A 172 -11.08 -25.35 -34.42
CA ASN A 172 -11.17 -24.66 -33.13
C ASN A 172 -10.30 -23.41 -33.18
N ILE A 173 -10.93 -22.24 -33.05
CA ILE A 173 -10.24 -20.97 -33.18
C ILE A 173 -10.22 -20.29 -31.80
N ILE A 174 -9.02 -20.03 -31.31
CA ILE A 174 -8.81 -19.29 -30.06
C ILE A 174 -8.27 -17.92 -30.42
N ALA A 175 -8.99 -16.87 -30.01
CA ALA A 175 -8.67 -15.50 -30.36
C ALA A 175 -8.40 -14.68 -29.11
N GLY A 176 -7.47 -13.74 -29.23
CA GLY A 176 -7.12 -12.86 -28.12
C GLY A 176 -6.04 -11.89 -28.57
N ASN A 177 -5.61 -11.05 -27.63
CA ASN A 177 -6.14 -11.04 -26.27
C ASN A 177 -7.13 -9.91 -26.07
N VAL A 178 -8.11 -10.11 -25.20
CA VAL A 178 -9.13 -9.10 -24.92
C VAL A 178 -9.23 -8.91 -23.42
N ALA A 179 -9.92 -7.84 -23.03
CA ALA A 179 -10.14 -7.55 -21.61
C ALA A 179 -11.47 -6.85 -21.33
N THR A 180 -12.31 -6.63 -22.35
CA THR A 180 -13.61 -5.99 -22.17
C THR A 180 -14.68 -6.89 -22.75
N ALA A 181 -15.93 -6.65 -22.31
CA ALA A 181 -17.05 -7.45 -22.80
C ALA A 181 -17.34 -7.19 -24.28
N GLU A 182 -17.18 -5.95 -24.74
CA GLU A 182 -17.41 -5.66 -26.15
C GLU A 182 -16.39 -6.37 -27.03
N ALA A 183 -15.15 -6.48 -26.57
CA ALA A 183 -14.14 -7.20 -27.35
C ALA A 183 -14.42 -8.70 -27.37
N THR A 184 -14.96 -9.24 -26.28
CA THR A 184 -15.35 -10.65 -26.27
C THR A 184 -16.49 -10.90 -27.24
N LYS A 185 -17.52 -10.04 -27.19
CA LYS A 185 -18.67 -10.18 -28.09
C LYS A 185 -18.24 -10.08 -29.55
N ALA A 186 -17.28 -9.21 -29.85
CA ALA A 186 -16.86 -9.03 -31.23
C ALA A 186 -16.17 -10.28 -31.77
N LEU A 187 -15.38 -10.95 -30.94
CA LEU A 187 -14.68 -12.15 -31.40
C LEU A 187 -15.64 -13.33 -31.56
N ILE A 188 -16.64 -13.44 -30.67
CA ILE A 188 -17.59 -14.54 -30.77
C ILE A 188 -18.39 -14.43 -32.07
N GLU A 189 -18.88 -13.22 -32.38
CA GLU A 189 -19.61 -13.00 -33.62
C GLU A 189 -18.71 -13.03 -34.84
N ALA A 190 -17.38 -12.95 -34.65
CA ALA A 190 -16.46 -13.05 -35.78
C ALA A 190 -16.17 -14.50 -36.17
N GLY A 191 -16.36 -15.44 -35.26
CA GLY A 191 -16.19 -16.85 -35.61
C GLY A 191 -15.42 -17.67 -34.60
N ALA A 192 -14.79 -17.00 -33.63
CA ALA A 192 -14.00 -17.71 -32.63
C ALA A 192 -14.91 -18.40 -31.62
N ASN A 193 -14.58 -19.65 -31.31
CA ASN A 193 -15.33 -20.41 -30.30
C ASN A 193 -14.61 -20.48 -28.96
N VAL A 194 -13.43 -19.89 -28.86
CA VAL A 194 -12.70 -19.75 -27.60
C VAL A 194 -12.10 -18.36 -27.56
N VAL A 195 -12.29 -17.65 -26.44
CA VAL A 195 -11.83 -16.27 -26.27
C VAL A 195 -10.70 -16.25 -25.26
N LYS A 196 -9.61 -15.58 -25.60
CA LYS A 196 -8.43 -15.48 -24.75
C LYS A 196 -8.40 -14.11 -24.09
N VAL A 197 -8.24 -14.08 -22.78
CA VAL A 197 -8.41 -12.88 -21.97
C VAL A 197 -7.09 -12.55 -21.29
N GLY A 198 -6.66 -11.28 -21.41
CA GLY A 198 -5.47 -10.82 -20.72
C GLY A 198 -4.68 -9.79 -21.49
N ILE A 199 -4.70 -8.54 -21.04
CA ILE A 199 -3.94 -7.46 -21.66
C ILE A 199 -3.13 -6.80 -20.54
N GLY A 200 -1.84 -7.13 -20.47
CA GLY A 200 -0.95 -6.55 -19.50
C GLY A 200 -0.55 -7.34 -18.26
N PRO A 201 -1.10 -8.51 -17.96
CA PRO A 201 -0.73 -9.18 -16.71
C PRO A 201 0.47 -10.09 -16.79
N GLY A 202 1.07 -10.29 -17.96
CA GLY A 202 2.20 -11.21 -18.04
C GLY A 202 3.34 -10.78 -17.13
N SER A 203 4.03 -11.76 -16.57
CA SER A 203 5.15 -11.46 -15.69
C SER A 203 6.30 -10.79 -16.43
N ILE A 204 6.43 -11.06 -17.73
CA ILE A 204 7.45 -10.44 -18.56
C ILE A 204 6.88 -9.29 -19.38
N CYS A 205 5.65 -8.89 -19.12
CA CYS A 205 4.96 -7.89 -19.89
C CYS A 205 5.23 -6.48 -19.35
N THR A 206 5.39 -5.52 -20.26
CA THR A 206 5.55 -4.12 -19.88
C THR A 206 4.53 -3.23 -20.59
N THR A 207 3.46 -3.82 -21.13
CA THR A 207 2.47 -3.06 -21.87
C THR A 207 1.84 -1.98 -20.99
N ARG A 208 1.50 -2.32 -19.74
CA ARG A 208 0.87 -1.35 -18.85
C ARG A 208 1.83 -0.24 -18.44
N VAL A 209 3.13 -0.47 -18.54
CA VAL A 209 4.12 0.55 -18.24
C VAL A 209 4.48 1.35 -19.48
N VAL A 210 4.52 0.69 -20.63
CA VAL A 210 4.93 1.37 -21.87
C VAL A 210 3.75 2.08 -22.51
N ALA A 211 2.62 1.39 -22.65
CA ALA A 211 1.43 1.99 -23.26
C ALA A 211 0.43 2.52 -22.24
N GLY A 212 0.53 2.13 -20.97
CA GLY A 212 -0.44 2.55 -19.99
C GLY A 212 -1.80 1.90 -20.12
N VAL A 213 -1.90 0.80 -20.86
CA VAL A 213 -3.17 0.16 -21.18
C VAL A 213 -3.22 -1.20 -20.50
N GLY A 214 -4.38 -1.53 -19.94
CA GLY A 214 -4.56 -2.83 -19.33
C GLY A 214 -5.83 -2.86 -18.49
N VAL A 215 -6.23 -4.07 -18.15
CA VAL A 215 -7.37 -4.28 -17.25
C VAL A 215 -6.98 -5.35 -16.24
N PRO A 216 -7.17 -5.12 -14.94
CA PRO A 216 -6.84 -6.14 -13.94
C PRO A 216 -7.50 -7.47 -14.28
N GLN A 217 -6.71 -8.55 -14.19
CA GLN A 217 -7.11 -9.84 -14.72
C GLN A 217 -8.46 -10.30 -14.18
N LEU A 218 -8.64 -10.27 -12.87
CA LEU A 218 -9.83 -10.84 -12.26
C LEU A 218 -11.10 -10.10 -12.72
N THR A 219 -11.02 -8.78 -12.87
CA THR A 219 -12.14 -8.04 -13.42
C THR A 219 -12.30 -8.33 -14.91
N ALA A 220 -11.19 -8.39 -15.64
CA ALA A 220 -11.25 -8.67 -17.08
C ALA A 220 -11.87 -10.04 -17.34
N VAL A 221 -11.42 -11.06 -16.59
CA VAL A 221 -11.98 -12.39 -16.76
C VAL A 221 -13.47 -12.40 -16.41
N TYR A 222 -13.83 -11.75 -15.30
CA TYR A 222 -15.23 -11.68 -14.90
C TYR A 222 -16.07 -10.97 -15.95
N ASP A 223 -15.55 -9.87 -16.50
CA ASP A 223 -16.28 -9.12 -17.52
C ASP A 223 -16.40 -9.91 -18.81
N CYS A 224 -15.31 -10.56 -19.24
CA CYS A 224 -15.35 -11.34 -20.48
C CYS A 224 -16.18 -12.60 -20.33
N ALA A 225 -16.05 -13.29 -19.19
CA ALA A 225 -16.83 -14.51 -18.98
C ALA A 225 -18.33 -14.23 -18.91
N THR A 226 -18.71 -13.05 -18.41
CA THR A 226 -20.14 -12.71 -18.38
C THR A 226 -20.70 -12.61 -19.80
N GLU A 227 -19.92 -12.03 -20.72
CA GLU A 227 -20.39 -11.91 -22.10
C GLU A 227 -20.33 -13.27 -22.81
N ALA A 228 -19.25 -14.01 -22.61
CA ALA A 228 -19.09 -15.30 -23.29
C ALA A 228 -20.01 -16.37 -22.70
N ARG A 229 -20.57 -16.13 -21.52
CA ARG A 229 -21.49 -17.08 -20.93
C ARG A 229 -22.82 -17.14 -21.67
N LYS A 230 -23.24 -16.01 -22.25
CA LYS A 230 -24.51 -15.94 -22.94
C LYS A 230 -24.46 -16.57 -24.32
N HIS A 231 -23.29 -16.94 -24.80
CA HIS A 231 -23.15 -17.64 -26.08
C HIS A 231 -22.64 -19.06 -25.93
N GLY A 232 -22.42 -19.53 -24.71
CA GLY A 232 -21.85 -20.85 -24.52
C GLY A 232 -20.39 -20.93 -24.94
N ILE A 233 -19.65 -19.86 -24.79
CA ILE A 233 -18.27 -19.76 -25.25
C ILE A 233 -17.35 -19.78 -24.03
N PRO A 234 -16.32 -20.60 -24.01
CA PRO A 234 -15.35 -20.57 -22.90
C PRO A 234 -14.32 -19.46 -23.07
N VAL A 235 -13.75 -19.05 -21.95
CA VAL A 235 -12.70 -18.03 -21.92
C VAL A 235 -11.46 -18.63 -21.28
N ILE A 236 -10.30 -18.12 -21.68
CA ILE A 236 -9.02 -18.58 -21.18
C ILE A 236 -8.38 -17.46 -20.38
N ALA A 237 -8.06 -17.75 -19.12
CA ALA A 237 -7.35 -16.80 -18.27
C ALA A 237 -5.87 -16.86 -18.63
N ASP A 238 -5.39 -15.85 -19.33
CA ASP A 238 -4.05 -15.84 -19.90
C ASP A 238 -3.18 -14.82 -19.17
N GLY A 239 -2.13 -15.32 -18.50
CA GLY A 239 -1.15 -14.45 -17.88
C GLY A 239 -1.52 -13.97 -16.49
N GLY A 240 -0.50 -13.66 -15.68
CA GLY A 240 -0.72 -13.12 -14.35
C GLY A 240 -0.64 -14.13 -13.23
N ILE A 241 -0.74 -15.42 -13.53
CA ILE A 241 -0.77 -16.45 -12.49
C ILE A 241 0.68 -16.70 -12.04
N LYS A 242 0.92 -16.55 -10.74
CA LYS A 242 2.23 -16.81 -10.19
C LYS A 242 2.19 -17.78 -9.02
N TYR A 243 1.01 -18.09 -8.47
CA TYR A 243 0.84 -19.10 -7.45
C TYR A 243 -0.36 -19.96 -7.83
N SER A 244 -0.44 -21.16 -7.24
CA SER A 244 -1.55 -22.05 -7.56
C SER A 244 -2.88 -21.46 -7.13
N GLY A 245 -2.88 -20.63 -6.08
CA GLY A 245 -4.11 -19.98 -5.66
C GLY A 245 -4.63 -18.99 -6.70
N ASP A 246 -3.72 -18.34 -7.42
CA ASP A 246 -4.16 -17.44 -8.49
C ASP A 246 -4.90 -18.21 -9.58
N MET A 247 -4.50 -19.45 -9.83
CA MET A 247 -5.22 -20.27 -10.81
C MET A 247 -6.62 -20.62 -10.31
N VAL A 248 -6.75 -20.92 -9.00
CA VAL A 248 -8.05 -21.25 -8.44
C VAL A 248 -8.98 -20.05 -8.52
N LYS A 249 -8.44 -18.85 -8.27
CA LYS A 249 -9.25 -17.65 -8.37
C LYS A 249 -9.67 -17.38 -9.81
N ALA A 250 -8.79 -17.63 -10.77
CA ALA A 250 -9.11 -17.39 -12.17
C ALA A 250 -10.24 -18.30 -12.65
N LEU A 251 -10.19 -19.58 -12.27
CA LEU A 251 -11.25 -20.50 -12.69
C LEU A 251 -12.58 -20.16 -12.02
N ALA A 252 -12.53 -19.73 -10.75
CA ALA A 252 -13.76 -19.37 -10.05
C ALA A 252 -14.35 -18.06 -10.55
N ALA A 253 -13.57 -17.25 -11.26
CA ALA A 253 -14.07 -15.99 -11.80
C ALA A 253 -14.81 -16.17 -13.13
N GLY A 254 -14.75 -17.35 -13.74
CA GLY A 254 -15.49 -17.60 -14.96
C GLY A 254 -14.67 -18.26 -16.04
N ALA A 255 -13.37 -18.41 -15.81
CA ALA A 255 -12.48 -18.98 -16.82
C ALA A 255 -12.61 -20.50 -16.84
N HIS A 256 -12.56 -21.06 -18.05
CA HIS A 256 -12.60 -22.51 -18.21
C HIS A 256 -11.23 -23.13 -17.99
N VAL A 257 -10.20 -22.53 -18.59
CA VAL A 257 -8.83 -23.02 -18.46
C VAL A 257 -7.93 -21.82 -18.19
N VAL A 258 -6.69 -22.12 -17.81
CA VAL A 258 -5.68 -21.12 -17.50
C VAL A 258 -4.48 -21.38 -18.38
N MET A 259 -3.87 -20.30 -18.88
CA MET A 259 -2.65 -20.39 -19.68
C MET A 259 -1.48 -19.82 -18.87
N LEU A 260 -0.39 -20.57 -18.80
CA LEU A 260 0.76 -20.21 -17.99
C LEU A 260 2.01 -20.13 -18.83
N GLY A 261 2.90 -19.21 -18.44
CA GLY A 261 4.19 -19.05 -19.09
C GLY A 261 5.34 -19.13 -18.11
N SER A 262 5.31 -18.27 -17.09
CA SER A 262 6.43 -18.18 -16.16
C SER A 262 6.54 -19.43 -15.28
N MET A 263 5.41 -20.04 -14.93
CA MET A 263 5.44 -21.23 -14.08
C MET A 263 5.81 -22.50 -14.85
N PHE A 264 5.92 -22.43 -16.17
CA PHE A 264 6.36 -23.55 -16.98
C PHE A 264 7.70 -23.31 -17.66
N ALA A 265 8.22 -22.07 -17.60
CA ALA A 265 9.45 -21.76 -18.32
C ALA A 265 10.68 -22.37 -17.67
N GLY A 266 10.70 -22.46 -16.34
CA GLY A 266 11.83 -23.07 -15.67
C GLY A 266 11.79 -24.58 -15.61
N VAL A 267 10.91 -25.20 -16.36
CA VAL A 267 10.71 -26.64 -16.37
C VAL A 267 11.67 -27.26 -17.38
N ALA A 268 12.05 -28.52 -17.12
CA ALA A 268 13.05 -29.19 -17.95
C ALA A 268 12.60 -29.34 -19.40
N GLU A 269 11.30 -29.49 -19.64
CA GLU A 269 10.82 -29.68 -21.01
C GLU A 269 10.74 -28.36 -21.80
N SER A 270 11.02 -27.23 -21.16
CA SER A 270 11.02 -25.95 -21.85
C SER A 270 12.26 -25.85 -22.74
N PRO A 271 12.22 -25.03 -23.79
CA PRO A 271 13.33 -25.03 -24.76
C PRO A 271 14.67 -24.60 -24.19
N GLY A 272 14.70 -23.78 -23.15
CA GLY A 272 15.97 -23.29 -22.64
C GLY A 272 16.88 -24.38 -22.10
N GLU A 273 18.17 -24.08 -22.08
CA GLU A 273 19.19 -24.90 -21.44
C GLU A 273 19.60 -24.26 -20.12
N THR A 274 20.08 -25.07 -19.20
CA THR A 274 20.38 -24.60 -17.85
C THR A 274 21.70 -23.83 -17.82
N GLU A 275 21.66 -22.63 -17.24
CA GLU A 275 22.83 -21.80 -17.04
C GLU A 275 22.97 -21.47 -15.56
N ILE A 276 24.20 -21.12 -15.17
CA ILE A 276 24.51 -20.71 -13.82
C ILE A 276 24.73 -19.20 -13.85
N TYR A 277 23.95 -18.47 -13.07
CA TYR A 277 24.13 -17.03 -12.89
C TYR A 277 23.98 -16.72 -11.41
N GLN A 278 24.98 -16.07 -10.83
CA GLN A 278 24.99 -15.79 -9.39
C GLN A 278 24.87 -17.08 -8.58
N GLY A 279 25.52 -18.13 -9.06
CA GLY A 279 25.54 -19.39 -8.34
C GLY A 279 24.25 -20.19 -8.32
N ARG A 280 23.36 -19.95 -9.24
CA ARG A 280 22.13 -20.71 -9.25
C ARG A 280 21.74 -21.12 -10.66
N GLN A 281 21.05 -22.25 -10.78
CA GLN A 281 20.59 -22.71 -12.09
C GLN A 281 19.39 -21.87 -12.52
N PHE A 282 19.39 -21.43 -13.77
CA PHE A 282 18.31 -20.62 -14.31
C PHE A 282 17.95 -21.07 -15.71
N LYS A 283 16.80 -20.59 -16.18
CA LYS A 283 16.36 -20.78 -17.56
C LYS A 283 15.91 -19.45 -18.13
N VAL A 284 16.24 -19.22 -19.40
CA VAL A 284 15.87 -17.96 -20.06
C VAL A 284 14.38 -17.92 -20.28
N TYR A 285 13.75 -16.82 -19.86
CA TYR A 285 12.33 -16.57 -20.09
C TYR A 285 12.19 -15.15 -20.61
N ARG A 286 11.81 -15.03 -21.88
CA ARG A 286 11.68 -13.75 -22.54
C ARG A 286 10.24 -13.56 -23.01
N GLY A 287 9.83 -12.29 -23.13
CA GLY A 287 8.52 -12.01 -23.69
C GLY A 287 8.54 -11.97 -25.20
N MET A 288 7.38 -12.25 -25.80
CA MET A 288 7.27 -12.22 -27.25
C MET A 288 7.42 -10.81 -27.79
N GLY A 289 7.20 -9.79 -26.96
CA GLY A 289 7.40 -8.42 -27.31
C GLY A 289 8.76 -7.85 -26.92
N SER A 290 9.61 -8.65 -26.30
CA SER A 290 10.94 -8.18 -25.94
C SER A 290 11.82 -8.03 -27.17
N VAL A 291 12.88 -7.24 -27.02
CA VAL A 291 13.78 -6.99 -28.15
C VAL A 291 14.44 -8.27 -28.63
N GLY A 292 14.68 -9.22 -27.73
CA GLY A 292 15.37 -10.44 -28.12
C GLY A 292 14.50 -11.38 -28.95
N ALA A 293 13.21 -11.45 -28.64
CA ALA A 293 12.33 -12.33 -29.39
C ALA A 293 12.02 -11.77 -30.78
N MET A 294 11.94 -10.46 -30.86
CA MET A 294 11.61 -9.78 -32.09
C MET A 294 12.77 -9.81 -33.07
N GLU A 295 13.86 -10.45 -32.69
CA GLU A 295 14.99 -10.57 -33.57
C GLU A 295 14.86 -11.94 -34.23
N VAL A 311 9.74 -0.75 -30.68
CA VAL A 311 9.32 -0.45 -29.32
C VAL A 311 8.92 -1.77 -28.66
N PRO A 312 9.69 -2.31 -27.75
CA PRO A 312 9.31 -3.56 -27.08
C PRO A 312 8.25 -3.33 -26.02
N GLU A 313 7.52 -4.41 -25.73
CA GLU A 313 6.52 -4.44 -24.66
C GLU A 313 6.75 -5.63 -23.75
N GLY A 314 7.99 -6.14 -23.72
CA GLY A 314 8.37 -7.25 -22.87
C GLY A 314 9.84 -7.12 -22.55
N ILE A 315 10.27 -7.89 -21.56
CA ILE A 315 11.65 -7.89 -21.12
C ILE A 315 12.16 -9.32 -21.10
N GLU A 316 13.49 -9.46 -21.14
CA GLU A 316 14.12 -10.76 -21.06
C GLU A 316 14.50 -11.04 -19.61
N GLY A 317 14.26 -12.26 -19.17
CA GLY A 317 14.53 -12.59 -17.79
C GLY A 317 14.94 -14.03 -17.56
N ARG A 318 15.06 -14.42 -16.30
CA ARG A 318 15.48 -15.77 -15.97
C ARG A 318 14.63 -16.27 -14.80
N VAL A 319 14.30 -17.56 -14.83
CA VAL A 319 13.54 -18.19 -13.76
C VAL A 319 14.31 -19.40 -13.25
N PRO A 320 14.17 -19.76 -11.97
CA PRO A 320 14.91 -20.92 -11.46
C PRO A 320 14.47 -22.22 -12.10
N TYR A 321 15.43 -23.12 -12.28
CA TYR A 321 15.15 -24.44 -12.84
C TYR A 321 14.32 -25.25 -11.84
N LYS A 322 13.18 -25.76 -12.30
CA LYS A 322 12.24 -26.46 -11.42
C LYS A 322 12.12 -27.95 -11.72
N GLY A 323 12.97 -28.49 -12.59
CA GLY A 323 12.96 -29.91 -12.87
C GLY A 323 11.85 -30.36 -13.80
N PRO A 324 11.45 -31.62 -13.68
CA PRO A 324 10.46 -32.20 -14.61
C PRO A 324 9.11 -31.50 -14.52
N LEU A 325 8.35 -31.61 -15.62
CA LEU A 325 7.04 -30.99 -15.70
C LEU A 325 6.04 -31.63 -14.75
N ALA A 326 6.13 -32.96 -14.56
CA ALA A 326 5.16 -33.66 -13.74
C ALA A 326 5.13 -33.12 -12.31
N ASP A 327 6.27 -32.63 -11.81
CA ASP A 327 6.32 -32.11 -10.45
C ASP A 327 5.55 -30.79 -10.34
N THR A 328 5.72 -29.88 -11.31
CA THR A 328 5.04 -28.59 -11.24
C THR A 328 3.56 -28.73 -11.53
N VAL A 329 3.18 -29.65 -12.42
CA VAL A 329 1.77 -29.87 -12.71
C VAL A 329 1.06 -30.45 -11.50
N HIS A 330 1.72 -31.38 -10.79
CA HIS A 330 1.13 -31.96 -9.59
C HIS A 330 0.86 -30.92 -8.53
N GLN A 331 1.74 -29.92 -8.39
CA GLN A 331 1.53 -28.88 -7.39
C GLN A 331 0.39 -27.95 -7.80
N LEU A 332 0.29 -27.65 -9.09
CA LEU A 332 -0.79 -26.77 -9.55
C LEU A 332 -2.15 -27.42 -9.39
N VAL A 333 -2.30 -28.65 -9.90
CA VAL A 333 -3.58 -29.34 -9.79
C VAL A 333 -3.93 -29.62 -8.33
N GLY A 334 -2.94 -30.01 -7.53
CA GLY A 334 -3.20 -30.27 -6.13
C GLY A 334 -3.72 -29.05 -5.38
N GLY A 335 -3.21 -27.86 -5.73
CA GLY A 335 -3.75 -26.65 -5.16
C GLY A 335 -5.15 -26.35 -5.61
N LEU A 336 -5.49 -26.71 -6.85
CA LEU A 336 -6.86 -26.54 -7.32
C LEU A 336 -7.81 -27.45 -6.57
N ARG A 337 -7.41 -28.69 -6.34
CA ARG A 337 -8.25 -29.62 -5.59
C ARG A 337 -8.47 -29.13 -4.16
N ALA A 338 -7.43 -28.57 -3.54
CA ALA A 338 -7.59 -28.01 -2.20
C ALA A 338 -8.58 -26.85 -2.20
N GLY A 339 -8.45 -25.95 -3.18
CA GLY A 339 -9.37 -24.83 -3.26
C GLY A 339 -10.80 -25.27 -3.54
N MET A 340 -10.97 -26.23 -4.45
CA MET A 340 -12.30 -26.75 -4.74
C MET A 340 -12.89 -27.50 -3.54
N GLY A 341 -12.04 -28.10 -2.71
CA GLY A 341 -12.53 -28.72 -1.49
C GLY A 341 -13.05 -27.69 -0.49
N TYR A 342 -12.36 -26.55 -0.37
CA TYR A 342 -12.80 -25.50 0.54
C TYR A 342 -14.13 -24.91 0.10
N CYS A 343 -14.35 -24.79 -1.21
CA CYS A 343 -15.56 -24.20 -1.74
C CYS A 343 -16.69 -25.21 -1.92
N GLY A 344 -16.44 -26.50 -1.72
CA GLY A 344 -17.48 -27.48 -1.94
C GLY A 344 -17.80 -27.70 -3.39
N ALA A 345 -16.83 -27.51 -4.28
CA ALA A 345 -17.05 -27.63 -5.73
C ALA A 345 -16.89 -29.08 -6.13
N GLN A 346 -17.99 -29.70 -6.54
CA GLN A 346 -17.95 -31.08 -7.01
C GLN A 346 -17.27 -31.17 -8.37
N ASP A 347 -17.56 -30.23 -9.26
CA ASP A 347 -16.92 -30.09 -10.56
C ASP A 347 -16.47 -28.64 -10.74
N LEU A 348 -15.72 -28.38 -11.82
CA LEU A 348 -15.30 -27.01 -12.11
C LEU A 348 -16.47 -26.10 -12.48
N GLU A 349 -17.54 -26.65 -13.06
CA GLU A 349 -18.67 -25.79 -13.41
C GLU A 349 -19.40 -25.30 -12.17
N PHE A 350 -19.44 -26.10 -11.11
CA PHE A 350 -19.99 -25.62 -9.85
C PHE A 350 -19.12 -24.53 -9.24
N LEU A 351 -17.79 -24.61 -9.45
CA LEU A 351 -16.89 -23.60 -8.91
C LEU A 351 -17.13 -22.24 -9.54
N ARG A 352 -17.13 -22.17 -10.88
CA ARG A 352 -17.29 -20.89 -11.53
C ARG A 352 -18.71 -20.33 -11.36
N GLU A 353 -19.69 -21.15 -10.97
CA GLU A 353 -21.07 -20.67 -10.80
C GLU A 353 -21.41 -20.30 -9.38
N ASN A 354 -20.64 -20.74 -8.41
CA ASN A 354 -21.04 -20.58 -7.02
C ASN A 354 -19.96 -19.98 -6.14
N ALA A 355 -18.69 -20.07 -6.52
CA ALA A 355 -17.63 -19.57 -5.66
C ALA A 355 -17.79 -18.08 -5.44
N GLN A 356 -17.56 -17.66 -4.20
CA GLN A 356 -17.70 -16.27 -3.82
C GLN A 356 -16.38 -15.70 -3.33
N PHE A 357 -16.11 -14.45 -3.70
CA PHE A 357 -14.88 -13.80 -3.29
C PHE A 357 -15.14 -12.82 -2.17
N ILE A 358 -14.06 -12.45 -1.46
CA ILE A 358 -14.09 -11.42 -0.45
C ILE A 358 -12.90 -10.50 -0.66
N ARG A 359 -13.16 -9.20 -0.75
CA ARG A 359 -12.12 -8.23 -1.05
C ARG A 359 -11.30 -7.89 0.20
N MET A 360 -10.04 -7.50 -0.04
CA MET A 360 -9.07 -7.36 1.03
C MET A 360 -8.11 -6.24 0.68
N SER A 361 -7.47 -5.70 1.71
CA SER A 361 -6.50 -4.62 1.54
C SER A 361 -5.09 -5.19 1.43
N GLY A 362 -4.10 -4.29 1.37
CA GLY A 362 -2.72 -4.73 1.32
C GLY A 362 -2.25 -5.33 2.62
N ALA A 363 -2.77 -4.86 3.76
CA ALA A 363 -2.41 -5.45 5.04
C ALA A 363 -2.97 -6.86 5.15
N GLY A 364 -4.11 -7.13 4.54
CA GLY A 364 -4.62 -8.50 4.48
C GLY A 364 -3.79 -9.37 3.56
N LEU A 365 -3.19 -8.75 2.54
CA LEU A 365 -2.29 -9.48 1.65
C LEU A 365 -1.05 -9.94 2.40
N LEU A 366 -0.55 -9.10 3.31
CA LEU A 366 0.61 -9.49 4.12
C LEU A 366 0.26 -10.62 5.09
N GLU A 367 -0.99 -10.69 5.55
CA GLU A 367 -1.46 -11.79 6.38
C GLU A 367 -1.62 -13.08 5.58
N SER A 368 -1.93 -12.97 4.29
CA SER A 368 -2.13 -14.17 3.47
C SER A 368 -0.82 -14.91 3.21
N HIS A 369 0.30 -14.21 3.17
CA HIS A 369 1.61 -14.79 3.01
C HIS A 369 2.23 -15.13 4.35
N PRO A 370 3.19 -16.05 4.39
CA PRO A 370 3.97 -16.25 5.62
C PRO A 370 4.62 -14.95 6.08
N HIS A 371 4.55 -14.69 7.38
CA HIS A 371 4.98 -13.42 7.93
C HIS A 371 5.64 -13.61 9.28
N HIS A 372 6.60 -12.73 9.58
CA HIS A 372 7.29 -12.67 10.88
C HIS A 372 7.97 -13.99 11.24
N VAL A 373 8.32 -14.82 10.25
CA VAL A 373 9.02 -16.08 10.49
C VAL A 373 10.10 -16.24 9.43
N GLN A 374 11.30 -16.61 9.88
CA GLN A 374 12.41 -16.90 8.96
C GLN A 374 12.18 -18.22 8.23
N ILE A 375 12.22 -18.17 6.90
CA ILE A 375 11.95 -19.33 6.07
C ILE A 375 13.25 -20.09 5.80
N THR A 376 13.32 -21.34 6.28
CA THR A 376 14.49 -22.18 6.08
C THR A 376 14.34 -23.10 4.86
N LYS A 377 13.15 -23.62 4.63
CA LYS A 377 12.88 -24.57 3.56
C LYS A 377 11.99 -23.95 2.49
N GLU A 378 12.30 -24.24 1.23
CA GLU A 378 11.51 -23.81 0.09
C GLU A 378 10.46 -24.87 -0.24
N ALA A 379 9.19 -24.51 -0.09
CA ALA A 379 8.12 -25.46 -0.35
C ALA A 379 7.92 -25.66 -1.83
N PRO A 380 7.33 -26.86 -2.20
CA PRO A 380 7.14 -27.02 -3.65
C PRO A 380 6.20 -25.95 -4.22
N ASN A 381 5.12 -25.63 -3.50
CA ASN A 381 4.18 -24.63 -4.00
C ASN A 381 4.46 -23.19 -3.62
N TYR A 382 5.40 -22.95 -2.72
CA TYR A 382 5.73 -21.58 -2.32
C TYR A 382 7.22 -21.35 -2.34
N SER A 383 7.66 -20.29 -3.03
CA SER A 383 9.08 -19.96 -3.13
C SER A 383 9.30 -18.46 -3.17
N ASN B 23 -26.03 -3.74 22.31
CA ASN B 23 -26.79 -3.95 21.08
C ASN B 23 -26.23 -3.10 19.95
N ALA B 24 -26.45 -1.78 20.02
CA ALA B 24 -25.96 -0.89 18.98
C ALA B 24 -24.45 -0.69 19.06
N MET B 25 -23.84 -0.89 20.24
CA MET B 25 -22.39 -0.78 20.33
C MET B 25 -21.69 -1.95 19.66
N TRP B 26 -22.34 -3.12 19.64
CA TRP B 26 -21.77 -4.28 18.97
C TRP B 26 -21.80 -4.12 17.46
N GLU B 27 -22.84 -3.49 16.94
CA GLU B 27 -23.05 -3.37 15.50
C GLU B 27 -22.25 -2.23 14.89
N SER B 28 -21.81 -1.28 15.71
CA SER B 28 -21.02 -0.14 15.27
C SER B 28 -19.54 -0.34 15.56
N LYS B 29 -19.07 -1.58 15.50
CA LYS B 29 -17.70 -1.89 15.86
C LYS B 29 -16.70 -1.31 14.86
N PHE B 30 -16.99 -1.44 13.56
CA PHE B 30 -16.06 -1.09 12.50
C PHE B 30 -16.61 0.00 11.59
N VAL B 31 -17.35 0.96 12.14
CA VAL B 31 -17.97 1.99 11.31
C VAL B 31 -17.04 3.16 11.03
N LYS B 32 -16.28 3.60 12.02
CA LYS B 32 -15.47 4.81 11.90
C LYS B 32 -14.31 4.63 10.92
N GLU B 33 -13.87 5.76 10.35
CA GLU B 33 -12.78 5.83 9.38
C GLU B 33 -11.80 6.92 9.82
N GLY B 34 -10.51 6.67 9.63
CA GLY B 34 -9.49 7.59 10.07
C GLY B 34 -8.54 7.98 8.95
N LEU B 35 -8.03 9.21 9.06
CA LEU B 35 -7.08 9.78 8.10
C LEU B 35 -5.84 10.27 8.83
N THR B 36 -4.68 10.04 8.22
CA THR B 36 -3.41 10.50 8.77
C THR B 36 -2.78 11.56 7.86
N PHE B 37 -1.56 11.97 8.20
CA PHE B 37 -0.90 13.05 7.47
C PHE B 37 -0.63 12.64 6.03
N ASP B 38 -0.11 11.44 5.80
CA ASP B 38 0.30 11.02 4.47
C ASP B 38 -0.86 10.55 3.61
N ASP B 39 -2.10 10.73 4.08
CA ASP B 39 -3.27 10.34 3.30
C ASP B 39 -3.84 11.48 2.46
N VAL B 40 -3.46 12.74 2.76
CA VAL B 40 -4.11 13.90 2.17
C VAL B 40 -3.06 14.88 1.67
N LEU B 41 -3.55 15.92 0.99
CA LEU B 41 -2.75 17.04 0.54
C LEU B 41 -3.61 18.29 0.63
N LEU B 42 -2.97 19.43 0.86
CA LEU B 42 -3.67 20.71 0.89
C LEU B 42 -3.87 21.21 -0.54
N VAL B 43 -5.08 21.64 -0.84
CA VAL B 43 -5.43 22.12 -2.18
C VAL B 43 -5.13 23.61 -2.29
N PRO B 44 -4.38 24.04 -3.31
CA PRO B 44 -4.13 25.48 -3.48
C PRO B 44 -5.39 26.23 -3.84
N ALA B 45 -5.47 27.47 -3.34
CA ALA B 45 -6.61 28.34 -3.55
C ALA B 45 -6.12 29.72 -3.98
N LYS B 46 -7.09 30.62 -4.22
CA LYS B 46 -6.78 31.99 -4.60
C LYS B 46 -5.94 32.66 -3.52
N SER B 47 -4.85 33.31 -3.93
CA SER B 47 -3.90 33.90 -3.00
C SER B 47 -3.63 35.34 -3.37
N ASP B 48 -3.71 36.23 -2.38
CA ASP B 48 -3.30 37.63 -2.53
C ASP B 48 -2.17 37.98 -1.59
N VAL B 49 -1.54 36.99 -0.97
CA VAL B 49 -0.49 37.21 0.03
C VAL B 49 0.73 36.39 -0.36
N LEU B 50 1.91 36.95 -0.14
CA LEU B 50 3.16 36.23 -0.33
C LEU B 50 3.58 35.55 0.96
N PRO B 51 4.32 34.43 0.88
CA PRO B 51 4.73 33.74 2.12
C PRO B 51 5.46 34.64 3.11
N ARG B 52 6.20 35.64 2.63
CA ARG B 52 6.87 36.58 3.53
C ARG B 52 5.90 37.49 4.27
N GLU B 53 4.66 37.60 3.80
CA GLU B 53 3.72 38.57 4.32
C GLU B 53 2.71 37.98 5.30
N VAL B 54 2.55 36.66 5.34
CA VAL B 54 1.55 36.05 6.21
C VAL B 54 1.96 36.24 7.67
N SER B 55 0.98 36.10 8.56
CA SER B 55 1.19 36.19 9.99
C SER B 55 1.09 34.79 10.59
N VAL B 56 2.14 34.38 11.29
CA VAL B 56 2.19 33.08 11.93
C VAL B 56 1.99 33.20 13.44
N LYS B 57 1.47 34.33 13.91
CA LYS B 57 1.24 34.54 15.33
C LYS B 57 -0.04 33.84 15.73
N THR B 58 -0.04 33.29 16.94
CA THR B 58 -1.18 32.54 17.44
C THR B 58 -1.37 32.83 18.93
N VAL B 59 -2.60 32.68 19.39
CA VAL B 59 -2.95 32.95 20.78
C VAL B 59 -3.52 31.66 21.38
N LEU B 60 -2.88 31.18 22.44
CA LEU B 60 -3.39 30.04 23.19
C LEU B 60 -4.25 30.49 24.36
N SER B 61 -3.93 31.66 24.91
CA SER B 61 -4.73 32.33 25.93
C SER B 61 -4.30 33.79 25.92
N GLU B 62 -5.06 34.64 26.63
CA GLU B 62 -4.67 36.05 26.68
C GLU B 62 -3.35 36.26 27.43
N SER B 63 -2.93 35.30 28.25
CA SER B 63 -1.63 35.39 28.93
C SER B 63 -0.54 34.59 28.22
N LEU B 64 -0.87 33.86 27.16
CA LEU B 64 0.07 33.00 26.45
C LEU B 64 -0.11 33.23 24.95
N GLN B 65 0.81 34.00 24.36
CA GLN B 65 0.79 34.29 22.93
C GLN B 65 2.15 34.00 22.34
N LEU B 66 2.17 33.27 21.23
CA LEU B 66 3.40 32.85 20.58
C LEU B 66 3.52 33.54 19.23
N ASN B 67 4.74 33.92 18.87
CA ASN B 67 4.98 34.48 17.54
C ASN B 67 5.03 33.39 16.48
N ILE B 68 5.41 32.17 16.85
CA ILE B 68 5.40 31.04 15.93
C ILE B 68 4.66 29.90 16.60
N PRO B 69 3.91 29.07 15.86
CA PRO B 69 3.10 28.00 16.46
C PRO B 69 3.88 26.70 16.67
N LEU B 70 5.00 26.79 17.39
CA LEU B 70 5.86 25.64 17.64
C LEU B 70 6.11 25.50 19.14
N ILE B 71 5.86 24.29 19.66
CA ILE B 71 6.16 23.94 21.04
C ILE B 71 7.06 22.72 21.04
N SER B 72 8.12 22.76 21.86
CA SER B 72 9.00 21.62 22.05
C SER B 72 8.46 20.73 23.16
N ALA B 73 8.34 19.43 22.88
CA ALA B 73 7.72 18.50 23.81
C ALA B 73 8.53 18.35 25.09
N GLY B 74 7.83 18.04 26.18
CA GLY B 74 8.48 17.83 27.46
C GLY B 74 9.04 16.44 27.66
N MET B 75 10.21 16.18 27.08
CA MET B 75 10.87 14.89 27.20
C MET B 75 12.30 15.11 27.66
N ASP B 76 12.86 14.08 28.31
CA ASP B 76 14.21 14.20 28.87
C ASP B 76 15.30 14.23 27.82
N THR B 77 14.95 14.08 26.54
CA THR B 77 15.91 14.18 25.45
C THR B 77 15.56 15.29 24.46
N VAL B 78 14.61 16.16 24.80
CA VAL B 78 14.18 17.22 23.89
C VAL B 78 14.33 18.58 24.52
N THR B 79 13.65 18.82 25.64
CA THR B 79 13.50 20.16 26.19
C THR B 79 14.08 20.24 27.59
N GLU B 80 15.02 21.17 27.78
CA GLU B 80 15.55 21.52 29.08
C GLU B 80 15.67 23.05 29.11
N ALA B 81 16.37 23.58 30.12
CA ALA B 81 16.52 25.02 30.25
C ALA B 81 17.11 25.63 28.97
N ASP B 82 18.18 25.03 28.46
CA ASP B 82 18.81 25.54 27.24
C ASP B 82 17.87 25.48 26.06
N MET B 83 17.10 24.40 25.95
CA MET B 83 16.19 24.25 24.82
C MET B 83 15.04 25.25 24.91
N ALA B 84 14.49 25.45 26.11
CA ALA B 84 13.37 26.37 26.28
C ALA B 84 13.78 27.82 26.01
N ILE B 85 15.03 28.19 26.33
CA ILE B 85 15.49 29.54 26.04
C ILE B 85 15.57 29.78 24.55
N ALA B 86 16.24 28.89 23.82
CA ALA B 86 16.37 29.06 22.38
C ALA B 86 15.01 28.99 21.69
N MET B 87 14.12 28.14 22.20
CA MET B 87 12.78 28.04 21.63
C MET B 87 11.99 29.33 21.86
N ALA B 88 12.10 29.92 23.05
CA ALA B 88 11.34 31.14 23.34
C ALA B 88 11.93 32.35 22.62
N ARG B 89 13.26 32.43 22.52
CA ARG B 89 13.88 33.52 21.78
C ARG B 89 13.56 33.47 20.30
N GLN B 90 13.08 32.33 19.80
CA GLN B 90 12.70 32.18 18.41
C GLN B 90 11.21 32.41 18.21
N GLY B 91 10.48 32.74 19.28
CA GLY B 91 9.06 32.97 19.22
C GLY B 91 8.20 31.78 19.63
N GLY B 92 8.81 30.67 20.00
CA GLY B 92 8.07 29.47 20.36
C GLY B 92 7.93 29.30 21.86
N LEU B 93 7.72 28.06 22.28
CA LEU B 93 7.52 27.71 23.67
C LEU B 93 8.15 26.36 23.96
N GLY B 94 8.81 26.26 25.11
CA GLY B 94 9.41 25.02 25.57
C GLY B 94 8.68 24.49 26.79
N ILE B 95 8.65 23.17 26.93
CA ILE B 95 8.03 22.50 28.06
C ILE B 95 9.12 21.70 28.76
N ILE B 96 9.50 22.13 29.97
CA ILE B 96 10.49 21.41 30.74
C ILE B 96 9.90 20.08 31.19
N HIS B 97 10.60 18.99 30.90
CA HIS B 97 10.10 17.66 31.25
C HIS B 97 10.10 17.48 32.76
N LYS B 98 9.37 16.46 33.22
CA LYS B 98 9.17 16.23 34.64
C LYS B 98 10.07 15.15 35.20
N ASN B 99 10.98 14.61 34.39
CA ASN B 99 11.86 13.53 34.83
C ASN B 99 13.04 14.07 35.61
N MET B 100 12.76 14.89 36.62
CA MET B 100 13.78 15.46 37.50
C MET B 100 13.10 15.84 38.81
N SER B 101 13.91 16.24 39.78
CA SER B 101 13.34 16.63 41.07
C SER B 101 12.52 17.90 40.92
N ILE B 102 11.61 18.12 41.87
CA ILE B 102 10.76 19.31 41.86
C ILE B 102 11.61 20.58 41.96
N GLU B 103 12.64 20.53 42.81
CA GLU B 103 13.49 21.70 43.00
C GLU B 103 14.42 21.93 41.80
N GLN B 104 14.83 20.85 41.13
CA GLN B 104 15.62 21.03 39.91
C GLN B 104 14.78 21.58 38.77
N GLN B 105 13.49 21.23 38.72
CA GLN B 105 12.62 21.74 37.67
C GLN B 105 12.25 23.20 37.90
N ALA B 106 12.01 23.58 39.16
CA ALA B 106 11.65 24.96 39.46
C ALA B 106 12.78 25.93 39.16
N GLU B 107 14.03 25.51 39.40
CA GLU B 107 15.18 26.36 39.10
C GLU B 107 15.34 26.58 37.60
N GLN B 108 15.10 25.54 36.80
CA GLN B 108 15.18 25.70 35.35
C GLN B 108 14.13 26.66 34.84
N VAL B 109 12.92 26.59 35.38
CA VAL B 109 11.86 27.53 35.01
C VAL B 109 12.28 28.96 35.34
N ASP B 110 12.86 29.16 36.53
CA ASP B 110 13.33 30.50 36.89
C ASP B 110 14.48 30.94 35.98
N LYS B 111 15.34 30.00 35.58
CA LYS B 111 16.44 30.34 34.69
C LYS B 111 15.94 30.92 33.37
N VAL B 112 14.85 30.36 32.84
CA VAL B 112 14.28 30.87 31.59
C VAL B 112 13.65 32.23 31.80
N LYS B 113 12.85 32.37 32.85
CA LYS B 113 12.17 33.63 33.10
C LYS B 113 13.14 34.77 33.33
N ARG B 114 14.23 34.48 34.03
CA ARG B 114 15.26 35.46 34.31
C ARG B 114 15.95 35.95 33.03
N SER B 115 15.97 35.12 32.00
CA SER B 115 16.63 35.51 30.77
C SER B 115 15.79 36.37 29.84
N GLY B 116 15.28 37.47 30.37
CA GLY B 116 14.55 38.45 29.61
C GLY B 116 13.04 38.36 29.66
N GLY B 117 12.48 37.64 30.64
CA GLY B 117 11.04 37.46 30.71
C GLY B 117 10.45 36.62 29.60
N LEU B 118 11.07 35.50 29.27
CA LEU B 118 10.59 34.68 28.17
C LEU B 118 9.40 33.85 28.65
N LEU B 119 8.92 32.96 27.78
CA LEU B 119 7.80 32.09 28.12
C LEU B 119 8.32 30.67 28.26
N VAL B 120 7.78 29.97 29.27
CA VAL B 120 8.26 28.63 29.59
C VAL B 120 7.10 27.83 30.16
N GLY B 121 7.11 26.53 29.87
CA GLY B 121 6.14 25.62 30.43
C GLY B 121 6.86 24.47 31.11
N ALA B 122 6.08 23.66 31.82
CA ALA B 122 6.63 22.54 32.55
C ALA B 122 5.61 21.42 32.57
N ALA B 123 6.08 20.20 32.34
CA ALA B 123 5.21 19.04 32.35
C ALA B 123 4.97 18.57 33.78
N VAL B 124 3.74 18.16 34.06
CA VAL B 124 3.35 17.68 35.38
C VAL B 124 2.45 16.45 35.20
N GLY B 125 2.79 15.37 35.90
CA GLY B 125 1.97 14.17 35.89
C GLY B 125 0.83 14.24 36.88
N VAL B 126 -0.14 13.33 36.73
CA VAL B 126 -1.29 13.26 37.61
C VAL B 126 -0.87 12.50 38.87
N THR B 127 0.44 12.26 39.00
CA THR B 127 1.01 11.58 40.16
C THR B 127 0.78 12.34 41.47
N ALA B 128 1.24 11.75 42.58
CA ALA B 128 1.01 12.31 43.90
C ALA B 128 1.79 13.59 44.18
N ASP B 129 2.90 13.82 43.48
CA ASP B 129 3.68 15.03 43.73
C ASP B 129 3.28 16.17 42.80
N ALA B 130 2.13 16.04 42.13
CA ALA B 130 1.72 17.08 41.19
C ALA B 130 1.39 18.38 41.90
N MET B 131 0.66 18.31 43.01
CA MET B 131 0.23 19.53 43.69
C MET B 131 1.43 20.29 44.25
N THR B 132 2.35 19.58 44.91
CA THR B 132 3.56 20.22 45.42
C THR B 132 4.46 20.68 44.28
N ARG B 133 4.47 19.96 43.16
CA ARG B 133 5.28 20.36 42.01
C ARG B 133 4.72 21.62 41.35
N ILE B 134 3.39 21.72 41.24
CA ILE B 134 2.79 22.90 40.63
C ILE B 134 3.00 24.12 41.52
N ASP B 135 2.97 23.93 42.83
CA ASP B 135 3.21 25.05 43.75
C ASP B 135 4.58 25.66 43.53
N ALA B 136 5.60 24.82 43.37
CA ALA B 136 6.95 25.33 43.14
C ALA B 136 7.08 25.97 41.76
N LEU B 137 6.33 25.47 40.79
CA LEU B 137 6.41 26.01 39.43
C LEU B 137 5.71 27.35 39.32
N VAL B 138 4.54 27.49 39.94
CA VAL B 138 3.80 28.75 39.86
C VAL B 138 4.54 29.85 40.63
N LYS B 139 5.23 29.49 41.71
CA LYS B 139 6.04 30.46 42.44
C LYS B 139 7.30 30.83 41.66
N ALA B 140 7.68 30.04 40.67
CA ALA B 140 8.75 30.39 39.74
C ALA B 140 8.23 31.13 38.51
N SER B 141 6.96 31.56 38.52
CA SER B 141 6.35 32.33 37.43
C SER B 141 6.32 31.53 36.13
N VAL B 142 5.90 30.26 36.24
CA VAL B 142 5.69 29.44 35.05
C VAL B 142 4.46 29.96 34.30
N ASP B 143 4.51 29.88 32.97
CA ASP B 143 3.43 30.41 32.15
C ASP B 143 2.35 29.37 31.84
N ALA B 144 2.69 28.08 31.87
CA ALA B 144 1.70 27.04 31.60
C ALA B 144 2.21 25.71 32.13
N ILE B 145 1.32 24.92 32.68
CA ILE B 145 1.60 23.55 33.10
C ILE B 145 0.95 22.61 32.10
N VAL B 146 1.52 21.42 31.95
CA VAL B 146 1.02 20.41 31.03
C VAL B 146 0.70 19.16 31.84
N LEU B 147 -0.59 18.88 32.03
CA LEU B 147 -1.03 17.63 32.67
C LEU B 147 -1.24 16.58 31.58
N ASP B 148 -0.14 16.03 31.09
CA ASP B 148 -0.16 15.04 30.03
C ASP B 148 0.08 13.64 30.59
N THR B 149 -0.81 12.71 30.24
CA THR B 149 -0.69 11.30 30.58
C THR B 149 -0.94 10.47 29.33
N ALA B 150 -0.83 9.15 29.48
CA ALA B 150 -1.08 8.27 28.34
C ALA B 150 -2.54 8.29 27.92
N HIS B 151 -3.46 8.42 28.88
CA HIS B 151 -4.90 8.44 28.60
C HIS B 151 -5.49 9.65 29.31
N GLY B 152 -5.71 10.73 28.55
CA GLY B 152 -6.25 11.95 29.12
C GLY B 152 -7.72 11.87 29.45
N HIS B 153 -8.43 10.86 28.92
CA HIS B 153 -9.84 10.66 29.19
C HIS B 153 -10.07 9.83 30.45
N SER B 154 -9.05 9.68 31.30
CA SER B 154 -9.18 8.95 32.55
C SER B 154 -9.88 9.80 33.60
N GLN B 155 -10.57 9.12 34.51
CA GLN B 155 -11.26 9.82 35.59
C GLN B 155 -10.26 10.49 36.54
N GLY B 156 -9.11 9.84 36.77
CA GLY B 156 -8.09 10.44 37.61
C GLY B 156 -7.50 11.70 37.03
N VAL B 157 -7.38 11.77 35.70
CA VAL B 157 -6.85 12.98 35.07
C VAL B 157 -7.88 14.11 35.14
N ILE B 158 -9.16 13.79 34.90
CA ILE B 158 -10.20 14.81 34.93
C ILE B 158 -10.31 15.43 36.32
N ASP B 159 -10.28 14.60 37.37
CA ASP B 159 -10.41 15.11 38.73
C ASP B 159 -9.23 15.98 39.12
N LYS B 160 -8.03 15.68 38.63
CA LYS B 160 -6.87 16.52 38.95
C LYS B 160 -7.00 17.89 38.29
N VAL B 161 -7.56 17.95 37.09
CA VAL B 161 -7.74 19.25 36.41
C VAL B 161 -8.68 20.13 37.23
N LYS B 162 -9.77 19.55 37.74
CA LYS B 162 -10.66 20.29 38.64
C LYS B 162 -9.92 20.76 39.88
N GLU B 163 -9.03 19.90 40.40
CA GLU B 163 -8.27 20.24 41.60
C GLU B 163 -7.30 21.38 41.34
N VAL B 164 -6.63 21.35 40.18
CA VAL B 164 -5.67 22.39 39.86
C VAL B 164 -6.37 23.70 39.50
N ARG B 165 -7.46 23.61 38.74
CA ARG B 165 -8.19 24.82 38.35
C ARG B 165 -8.82 25.51 39.56
N ALA B 166 -9.27 24.74 40.56
CA ALA B 166 -9.90 25.36 41.72
C ALA B 166 -8.90 26.13 42.55
N LYS B 167 -7.62 25.73 42.52
CA LYS B 167 -6.60 26.40 43.30
C LYS B 167 -5.94 27.54 42.54
N TYR B 168 -5.94 27.48 41.21
CA TYR B 168 -5.34 28.51 40.36
C TYR B 168 -6.37 28.90 39.30
N PRO B 169 -7.21 29.90 39.58
CA PRO B 169 -8.25 30.25 38.61
C PRO B 169 -7.73 30.86 37.32
N SER B 170 -6.56 31.51 37.34
CA SER B 170 -6.03 32.21 36.18
C SER B 170 -4.87 31.48 35.51
N LEU B 171 -4.57 30.26 35.94
CA LEU B 171 -3.42 29.53 35.41
C LEU B 171 -3.76 28.88 34.08
N ASN B 172 -2.78 28.86 33.17
CA ASN B 172 -2.91 28.18 31.89
C ASN B 172 -2.67 26.69 32.09
N ILE B 173 -3.69 25.88 31.87
CA ILE B 173 -3.64 24.43 32.09
C ILE B 173 -3.77 23.74 30.75
N ILE B 174 -2.76 22.95 30.38
CA ILE B 174 -2.78 22.15 29.16
C ILE B 174 -2.98 20.70 29.57
N ALA B 175 -4.04 20.07 29.07
CA ALA B 175 -4.41 18.72 29.44
C ALA B 175 -4.39 17.81 28.22
N GLY B 176 -3.96 16.56 28.44
CA GLY B 176 -3.91 15.58 27.38
C GLY B 176 -3.40 14.27 27.93
N ASN B 177 -3.26 13.29 27.04
CA ASN B 177 -3.58 13.45 25.62
C ASN B 177 -4.92 12.79 25.30
N VAL B 178 -5.63 13.33 24.31
CA VAL B 178 -6.93 12.81 23.92
C VAL B 178 -6.93 12.58 22.41
N ALA B 179 -7.97 11.89 21.95
CA ALA B 179 -8.12 11.63 20.52
C ALA B 179 -9.58 11.60 20.07
N THR B 180 -10.54 11.87 20.95
CA THR B 180 -11.95 11.92 20.59
C THR B 180 -12.51 13.26 21.02
N ALA B 181 -13.63 13.65 20.40
CA ALA B 181 -14.27 14.91 20.76
C ALA B 181 -14.90 14.84 22.14
N GLU B 182 -15.43 13.69 22.52
CA GLU B 182 -16.03 13.53 23.84
C GLU B 182 -14.99 13.71 24.94
N ALA B 183 -13.76 13.25 24.71
CA ALA B 183 -12.69 13.46 25.69
C ALA B 183 -12.27 14.92 25.77
N THR B 184 -12.34 15.64 24.65
CA THR B 184 -12.02 17.07 24.67
C THR B 184 -13.05 17.83 25.51
N LYS B 185 -14.33 17.51 25.33
CA LYS B 185 -15.38 18.17 26.13
C LYS B 185 -15.16 17.94 27.61
N ALA B 186 -14.71 16.74 27.98
CA ALA B 186 -14.54 16.41 29.40
C ALA B 186 -13.40 17.24 30.02
N LEU B 187 -12.31 17.44 29.28
CA LEU B 187 -11.21 18.22 29.82
C LEU B 187 -11.57 19.71 29.87
N ILE B 188 -12.32 20.18 28.87
CA ILE B 188 -12.76 21.58 28.88
C ILE B 188 -13.71 21.81 30.05
N GLU B 189 -14.61 20.85 30.31
CA GLU B 189 -15.54 20.98 31.42
C GLU B 189 -14.85 20.86 32.77
N ALA B 190 -13.65 20.31 32.82
CA ALA B 190 -12.90 20.18 34.06
C ALA B 190 -12.09 21.42 34.43
N GLY B 191 -11.73 22.25 33.46
CA GLY B 191 -11.02 23.48 33.76
C GLY B 191 -9.85 23.79 32.84
N ALA B 192 -9.47 22.84 31.99
CA ALA B 192 -8.35 23.05 31.09
C ALA B 192 -8.75 24.00 29.97
N ASN B 193 -7.89 24.98 29.68
CA ASN B 193 -8.15 25.93 28.60
C ASN B 193 -7.35 25.62 27.33
N VAL B 194 -6.49 24.61 27.35
CA VAL B 194 -5.81 24.11 26.17
C VAL B 194 -5.79 22.59 26.25
N VAL B 195 -6.20 21.93 25.18
CA VAL B 195 -6.28 20.47 25.13
C VAL B 195 -5.23 19.97 24.14
N LYS B 196 -4.47 18.96 24.55
CA LYS B 196 -3.42 18.38 23.71
C LYS B 196 -3.92 17.08 23.10
N VAL B 197 -3.70 16.92 21.80
CA VAL B 197 -4.28 15.84 21.01
C VAL B 197 -3.15 14.93 20.49
N GLY B 198 -3.34 13.62 20.62
CA GLY B 198 -2.41 12.65 20.09
C GLY B 198 -2.30 11.36 20.88
N ILE B 199 -2.79 10.27 20.31
CA ILE B 199 -2.72 8.94 20.94
C ILE B 199 -2.11 7.98 19.92
N GLY B 200 -0.81 7.71 20.07
CA GLY B 200 -0.14 6.75 19.23
C GLY B 200 0.72 7.21 18.06
N PRO B 201 0.74 8.50 17.70
CA PRO B 201 1.49 8.89 16.50
C PRO B 201 2.96 9.22 16.72
N GLY B 202 3.43 9.19 17.97
CA GLY B 202 4.82 9.53 18.21
C GLY B 202 5.77 8.64 17.45
N SER B 203 6.89 9.21 17.01
CA SER B 203 7.89 8.44 16.29
C SER B 203 8.52 7.37 17.18
N ILE B 204 8.54 7.61 18.50
CA ILE B 204 9.08 6.65 19.45
C ILE B 204 7.99 5.89 20.17
N CYS B 205 6.74 6.02 19.74
CA CYS B 205 5.60 5.43 20.42
C CYS B 205 5.35 4.01 19.91
N THR B 206 4.98 3.11 20.84
CA THR B 206 4.62 1.75 20.49
C THR B 206 3.25 1.37 21.08
N THR B 207 2.45 2.36 21.47
CA THR B 207 1.15 2.10 22.09
C THR B 207 0.25 1.30 21.15
N ARG B 208 0.21 1.67 19.88
CA ARG B 208 -0.65 0.99 18.91
C ARG B 208 -0.20 -0.43 18.62
N VAL B 209 1.07 -0.76 18.88
CA VAL B 209 1.56 -2.11 18.65
C VAL B 209 1.36 -2.98 19.88
N VAL B 210 1.51 -2.38 21.06
CA VAL B 210 1.42 -3.13 22.32
C VAL B 210 -0.02 -3.24 22.80
N ALA B 211 -0.75 -2.12 22.80
CA ALA B 211 -2.14 -2.10 23.25
C ALA B 211 -3.14 -2.18 22.12
N GLY B 212 -2.73 -1.95 20.88
CA GLY B 212 -3.67 -1.93 19.77
C GLY B 212 -4.58 -0.72 19.75
N VAL B 213 -4.23 0.33 20.47
CA VAL B 213 -5.09 1.49 20.68
C VAL B 213 -4.46 2.70 20.00
N GLY B 214 -5.30 3.50 19.36
CA GLY B 214 -4.83 4.73 18.73
C GLY B 214 -5.88 5.30 17.81
N VAL B 215 -5.67 6.56 17.45
CA VAL B 215 -6.52 7.25 16.48
C VAL B 215 -5.63 8.00 15.49
N PRO B 216 -5.85 7.88 14.19
CA PRO B 216 -5.06 8.65 13.21
C PRO B 216 -5.09 10.14 13.52
N GLN B 217 -3.90 10.76 13.47
CA GLN B 217 -3.74 12.12 13.97
C GLN B 217 -4.68 13.10 13.30
N LEU B 218 -4.70 13.10 11.96
CA LEU B 218 -5.47 14.12 11.24
C LEU B 218 -6.96 14.01 11.55
N THR B 219 -7.46 12.79 11.73
CA THR B 219 -8.84 12.63 12.18
C THR B 219 -8.99 13.05 13.63
N ALA B 220 -8.02 12.69 14.48
CA ALA B 220 -8.09 13.05 15.89
C ALA B 220 -8.11 14.56 16.09
N VAL B 221 -7.23 15.28 15.38
CA VAL B 221 -7.19 16.74 15.50
C VAL B 221 -8.49 17.34 15.02
N TYR B 222 -8.99 16.88 13.87
CA TYR B 222 -10.23 17.42 13.31
C TYR B 222 -11.41 17.17 14.25
N ASP B 223 -11.49 15.97 14.84
CA ASP B 223 -12.59 15.66 15.74
C ASP B 223 -12.50 16.46 17.04
N CYS B 224 -11.30 16.56 17.62
CA CYS B 224 -11.15 17.29 18.88
C CYS B 224 -11.31 18.79 18.68
N ALA B 225 -10.73 19.34 17.61
CA ALA B 225 -10.85 20.77 17.36
C ALA B 225 -12.29 21.17 17.06
N THR B 226 -13.07 20.27 16.44
CA THR B 226 -14.48 20.58 16.19
C THR B 226 -15.24 20.80 17.49
N GLU B 227 -14.94 19.98 18.50
CA GLU B 227 -15.62 20.12 19.79
C GLU B 227 -15.12 21.35 20.54
N ALA B 228 -13.81 21.58 20.55
CA ALA B 228 -13.24 22.71 21.28
C ALA B 228 -13.47 24.04 20.58
N ARG B 229 -13.83 24.03 19.29
CA ARG B 229 -14.04 25.28 18.57
C ARG B 229 -15.32 25.97 19.01
N LYS B 230 -16.35 25.20 19.40
CA LYS B 230 -17.57 25.82 19.91
C LYS B 230 -17.44 26.26 21.36
N HIS B 231 -16.32 25.96 22.00
CA HIS B 231 -16.03 26.45 23.35
C HIS B 231 -14.93 27.51 23.35
N GLY B 232 -14.40 27.87 22.18
CA GLY B 232 -13.31 28.82 22.13
C GLY B 232 -12.01 28.30 22.70
N ILE B 233 -11.76 27.01 22.60
CA ILE B 233 -10.61 26.36 23.20
C ILE B 233 -9.64 25.96 22.09
N PRO B 234 -8.36 26.30 22.20
CA PRO B 234 -7.37 25.82 21.23
C PRO B 234 -6.90 24.41 21.54
N VAL B 235 -6.43 23.72 20.49
CA VAL B 235 -5.90 22.37 20.61
C VAL B 235 -4.46 22.35 20.12
N ILE B 236 -3.69 21.41 20.64
CA ILE B 236 -2.28 21.24 20.30
C ILE B 236 -2.13 19.93 19.54
N ALA B 237 -1.59 20.00 18.33
CA ALA B 237 -1.28 18.79 17.56
C ALA B 237 0.06 18.26 18.04
N ASP B 238 0.03 17.17 18.80
CA ASP B 238 1.21 16.62 19.46
C ASP B 238 1.58 15.29 18.83
N GLY B 239 2.77 15.23 18.24
CA GLY B 239 3.28 13.97 17.71
C GLY B 239 2.81 13.69 16.30
N GLY B 240 3.61 12.90 15.58
CA GLY B 240 3.30 12.48 14.23
C GLY B 240 3.98 13.28 13.15
N ILE B 241 4.49 14.47 13.46
CA ILE B 241 5.10 15.32 12.45
C ILE B 241 6.52 14.86 12.17
N LYS B 242 6.82 14.61 10.89
CA LYS B 242 8.16 14.25 10.45
C LYS B 242 8.69 15.18 9.37
N TYR B 243 7.83 16.00 8.77
CA TYR B 243 8.24 17.01 7.81
C TYR B 243 7.48 18.29 8.11
N SER B 244 7.99 19.41 7.60
CA SER B 244 7.32 20.68 7.83
C SER B 244 5.93 20.71 7.22
N GLY B 245 5.71 19.96 6.13
CA GLY B 245 4.39 19.89 5.54
C GLY B 245 3.37 19.24 6.45
N ASP B 246 3.80 18.28 7.26
CA ASP B 246 2.88 17.67 8.22
C ASP B 246 2.38 18.68 9.24
N MET B 247 3.23 19.65 9.60
CA MET B 247 2.80 20.71 10.51
C MET B 247 1.74 21.59 9.88
N VAL B 248 1.89 21.90 8.58
CA VAL B 248 0.91 22.75 7.90
C VAL B 248 -0.44 22.05 7.83
N LYS B 249 -0.44 20.74 7.59
CA LYS B 249 -1.70 20.00 7.55
C LYS B 249 -2.38 19.98 8.92
N ALA B 250 -1.59 19.84 9.99
CA ALA B 250 -2.16 19.83 11.33
C ALA B 250 -2.79 21.18 11.67
N LEU B 251 -2.12 22.27 11.31
CA LEU B 251 -2.68 23.59 11.58
C LEU B 251 -3.92 23.85 10.73
N ALA B 252 -3.92 23.37 9.48
CA ALA B 252 -5.09 23.54 8.64
C ALA B 252 -6.23 22.60 9.04
N ALA B 253 -5.93 21.55 9.80
CA ALA B 253 -6.95 20.61 10.27
C ALA B 253 -7.69 21.10 11.50
N GLY B 254 -7.22 22.17 12.14
CA GLY B 254 -7.93 22.74 13.27
C GLY B 254 -7.05 23.03 14.48
N ALA B 255 -5.79 22.63 14.43
CA ALA B 255 -4.90 22.85 15.56
C ALA B 255 -4.37 24.27 15.58
N HIS B 256 -4.25 24.83 16.78
CA HIS B 256 -3.69 26.17 16.92
C HIS B 256 -2.17 26.15 16.88
N VAL B 257 -1.56 25.20 17.60
CA VAL B 257 -0.11 25.05 17.64
C VAL B 257 0.22 23.58 17.46
N VAL B 258 1.49 23.32 17.19
CA VAL B 258 2.00 21.97 16.96
C VAL B 258 3.13 21.71 17.95
N MET B 259 3.18 20.49 18.47
CA MET B 259 4.24 20.07 19.38
C MET B 259 5.12 19.05 18.68
N LEU B 260 6.43 19.26 18.73
CA LEU B 260 7.40 18.41 18.03
C LEU B 260 8.38 17.81 19.02
N GLY B 261 8.80 16.58 18.71
CA GLY B 261 9.81 15.91 19.52
C GLY B 261 10.98 15.43 18.71
N SER B 262 10.72 14.60 17.69
CA SER B 262 11.79 14.00 16.92
C SER B 262 12.53 15.04 16.07
N MET B 263 11.83 16.07 15.60
CA MET B 263 12.47 17.08 14.77
C MET B 263 13.30 18.06 15.58
N PHE B 264 13.26 17.97 16.91
CA PHE B 264 14.06 18.81 17.78
C PHE B 264 15.12 18.05 18.59
N ALA B 265 15.10 16.71 18.55
CA ALA B 265 16.00 15.95 19.41
C ALA B 265 17.45 16.01 18.93
N GLY B 266 17.67 16.07 17.63
CA GLY B 266 19.02 16.15 17.11
C GLY B 266 19.62 17.53 17.11
N VAL B 267 19.00 18.47 17.80
CA VAL B 267 19.43 19.86 17.85
C VAL B 267 20.44 20.04 18.97
N ALA B 268 21.38 20.98 18.78
CA ALA B 268 22.44 21.19 19.75
C ALA B 268 21.90 21.59 21.12
N GLU B 269 20.78 22.29 21.16
CA GLU B 269 20.23 22.75 22.43
C GLU B 269 19.51 21.65 23.21
N SER B 270 19.35 20.47 22.63
CA SER B 270 18.70 19.38 23.35
C SER B 270 19.64 18.82 24.41
N PRO B 271 19.11 18.26 25.49
CA PRO B 271 20.00 17.79 26.58
C PRO B 271 20.95 16.68 26.16
N GLY B 272 20.58 15.88 25.17
CA GLY B 272 21.44 14.78 24.75
C GLY B 272 22.78 15.28 24.23
N GLU B 273 23.77 14.39 24.28
CA GLU B 273 25.12 14.69 23.80
C GLU B 273 25.34 13.97 22.47
N THR B 274 26.19 14.53 21.62
CA THR B 274 26.43 14.03 20.27
C THR B 274 27.40 12.85 20.26
N GLU B 275 27.00 11.74 19.63
CA GLU B 275 27.84 10.58 19.45
C GLU B 275 27.92 10.19 17.98
N ILE B 276 28.98 9.44 17.62
CA ILE B 276 29.23 9.03 16.24
C ILE B 276 28.86 7.57 16.05
N TYR B 277 28.09 7.29 14.99
CA TYR B 277 27.86 5.92 14.53
C TYR B 277 28.05 5.91 13.03
N GLN B 278 29.00 5.10 12.54
CA GLN B 278 29.33 5.00 11.12
C GLN B 278 29.75 6.34 10.53
N GLY B 279 30.52 7.12 11.30
CA GLY B 279 31.01 8.37 10.77
C GLY B 279 29.96 9.45 10.62
N ARG B 280 28.81 9.30 11.28
CA ARG B 280 27.73 10.27 11.18
C ARG B 280 27.25 10.63 12.57
N GLN B 281 26.96 11.92 12.75
CA GLN B 281 26.60 12.47 14.05
C GLN B 281 25.17 12.10 14.45
N PHE B 282 25.00 11.68 15.70
CA PHE B 282 23.70 11.30 16.23
C PHE B 282 23.45 11.76 17.66
N LYS B 283 22.18 11.88 18.02
CA LYS B 283 21.76 12.25 19.36
C LYS B 283 20.77 11.21 19.86
N VAL B 284 20.87 10.86 21.14
CA VAL B 284 19.97 9.88 21.72
C VAL B 284 18.57 10.47 21.82
N TYR B 285 17.58 9.73 21.35
CA TYR B 285 16.17 10.14 21.44
C TYR B 285 15.37 8.96 21.98
N ARG B 286 14.83 9.12 23.19
CA ARG B 286 14.09 8.06 23.86
C ARG B 286 12.66 8.53 24.11
N GLY B 287 11.75 7.56 24.18
CA GLY B 287 10.39 7.86 24.56
C GLY B 287 10.20 7.88 26.06
N MET B 288 9.18 8.62 26.51
CA MET B 288 8.88 8.67 27.94
C MET B 288 8.34 7.36 28.47
N GLY B 289 7.81 6.51 27.61
CA GLY B 289 7.36 5.17 27.99
C GLY B 289 8.37 4.08 27.77
N SER B 290 9.56 4.40 27.26
CA SER B 290 10.59 3.40 27.06
C SER B 290 11.18 2.97 28.41
N VAL B 291 11.83 1.80 28.40
CA VAL B 291 12.39 1.26 29.63
C VAL B 291 13.47 2.17 30.20
N GLY B 292 14.18 2.89 29.33
CA GLY B 292 15.27 3.73 29.80
C GLY B 292 14.82 4.99 30.52
N ALA B 293 13.68 5.57 30.10
CA ALA B 293 13.25 6.82 30.72
C ALA B 293 12.69 6.62 32.12
N MET B 294 12.09 5.46 32.35
CA MET B 294 11.51 5.12 33.65
C MET B 294 12.54 4.63 34.66
N GLU B 295 13.68 4.15 34.19
CA GLU B 295 14.70 3.67 35.10
C GLU B 295 15.07 4.87 35.94
N LYS B 296 15.12 6.03 35.28
CA LYS B 296 15.41 7.29 35.94
C LYS B 296 14.29 7.66 36.91
N LEU B 310 3.39 -0.89 33.71
CA LEU B 310 4.41 -1.92 33.85
C LEU B 310 5.09 -2.21 32.51
N VAL B 311 4.29 -2.56 31.51
CA VAL B 311 4.82 -2.85 30.18
C VAL B 311 5.19 -1.54 29.49
N PRO B 312 6.36 -1.44 28.88
CA PRO B 312 6.75 -0.17 28.24
C PRO B 312 5.93 0.11 27.00
N GLU B 313 5.83 1.40 26.67
CA GLU B 313 5.11 1.86 25.49
C GLU B 313 5.95 2.82 24.67
N GLY B 314 7.28 2.72 24.78
CA GLY B 314 8.18 3.55 24.00
C GLY B 314 9.48 2.83 23.76
N ILE B 315 10.26 3.35 22.82
CA ILE B 315 11.56 2.78 22.48
C ILE B 315 12.61 3.88 22.47
N GLU B 316 13.87 3.47 22.61
CA GLU B 316 15.01 4.36 22.53
C GLU B 316 15.56 4.33 21.11
N GLY B 317 15.97 5.49 20.61
CA GLY B 317 16.44 5.58 19.24
C GLY B 317 17.51 6.61 19.01
N ARG B 318 17.79 6.88 17.73
CA ARG B 318 18.83 7.83 17.35
C ARG B 318 18.28 8.75 16.27
N VAL B 319 18.67 10.02 16.36
CA VAL B 319 18.29 11.00 15.34
C VAL B 319 19.57 11.70 14.86
N PRO B 320 19.64 12.11 13.59
CA PRO B 320 20.84 12.80 13.11
C PRO B 320 21.00 14.17 13.76
N TYR B 321 22.24 14.55 14.00
CA TYR B 321 22.52 15.86 14.57
C TYR B 321 22.20 16.95 13.55
N LYS B 322 21.40 17.93 13.96
CA LYS B 322 20.87 18.94 13.06
C LYS B 322 21.45 20.34 13.32
N GLY B 323 22.46 20.45 14.17
CA GLY B 323 23.09 21.71 14.45
C GLY B 323 22.26 22.59 15.36
N PRO B 324 22.46 23.91 15.28
CA PRO B 324 21.74 24.83 16.16
C PRO B 324 20.24 24.77 15.91
N LEU B 325 19.47 25.19 16.93
CA LEU B 325 18.02 25.15 16.84
C LEU B 325 17.50 26.12 15.79
N ALA B 326 18.17 27.28 15.66
CA ALA B 326 17.70 28.31 14.74
C ALA B 326 17.62 27.80 13.31
N ASP B 327 18.48 26.83 12.94
CA ASP B 327 18.49 26.34 11.57
C ASP B 327 17.21 25.56 11.25
N THR B 328 16.80 24.64 12.13
CA THR B 328 15.62 23.84 11.84
C THR B 328 14.34 24.64 12.01
N VAL B 329 14.30 25.59 12.97
CA VAL B 329 13.11 26.41 13.15
C VAL B 329 12.89 27.29 11.93
N HIS B 330 13.98 27.83 11.36
CA HIS B 330 13.86 28.63 10.15
C HIS B 330 13.29 27.80 9.00
N GLN B 331 13.63 26.50 8.94
CA GLN B 331 13.09 25.63 7.91
C GLN B 331 11.61 25.32 8.17
N LEU B 332 11.22 25.16 9.44
CA LEU B 332 9.85 24.85 9.77
C LEU B 332 8.92 26.01 9.46
N VAL B 333 9.23 27.20 9.97
CA VAL B 333 8.39 28.37 9.73
C VAL B 333 8.37 28.71 8.23
N GLY B 334 9.54 28.64 7.58
CA GLY B 334 9.59 28.92 6.16
C GLY B 334 8.72 27.98 5.35
N GLY B 335 8.66 26.71 5.76
CA GLY B 335 7.76 25.78 5.11
C GLY B 335 6.30 26.11 5.40
N LEU B 336 6.01 26.62 6.60
CA LEU B 336 4.65 27.03 6.92
C LEU B 336 4.24 28.26 6.11
N ARG B 337 5.15 29.23 5.97
CA ARG B 337 4.82 30.41 5.19
C ARG B 337 4.54 30.06 3.74
N ALA B 338 5.31 29.13 3.17
CA ALA B 338 5.05 28.70 1.80
C ALA B 338 3.69 28.02 1.68
N GLY B 339 3.36 27.16 2.64
CA GLY B 339 2.06 26.48 2.59
C GLY B 339 0.90 27.43 2.71
N MET B 340 1.00 28.41 3.62
CA MET B 340 -0.06 29.40 3.75
C MET B 340 -0.17 30.29 2.52
N GLY B 341 0.94 30.48 1.80
CA GLY B 341 0.88 31.22 0.54
C GLY B 341 0.11 30.47 -0.54
N TYR B 342 0.29 29.14 -0.59
CA TYR B 342 -0.44 28.34 -1.57
C TYR B 342 -1.94 28.38 -1.33
N CYS B 343 -2.35 28.40 -0.07
CA CYS B 343 -3.76 28.42 0.31
C CYS B 343 -4.34 29.83 0.37
N GLY B 344 -3.51 30.85 0.24
CA GLY B 344 -4.00 32.21 0.35
C GLY B 344 -4.40 32.60 1.75
N ALA B 345 -3.79 31.98 2.76
CA ALA B 345 -4.17 32.24 4.14
C ALA B 345 -3.36 33.40 4.69
N GLN B 346 -4.03 34.54 4.88
CA GLN B 346 -3.42 35.70 5.53
C GLN B 346 -3.25 35.48 7.04
N ASP B 347 -4.18 34.77 7.67
CA ASP B 347 -4.09 34.46 9.09
C ASP B 347 -4.10 32.94 9.31
N LEU B 348 -3.72 32.54 10.52
CA LEU B 348 -3.88 31.13 10.90
C LEU B 348 -5.34 30.80 11.10
N GLU B 349 -6.15 31.79 11.48
CA GLU B 349 -7.59 31.57 11.60
C GLU B 349 -8.23 31.32 10.25
N PHE B 350 -7.76 32.03 9.23
CA PHE B 350 -8.24 31.79 7.87
C PHE B 350 -7.80 30.43 7.37
N LEU B 351 -6.63 29.95 7.79
CA LEU B 351 -6.16 28.65 7.35
C LEU B 351 -7.05 27.53 7.89
N ARG B 352 -7.28 27.51 9.20
CA ARG B 352 -8.04 26.41 9.79
C ARG B 352 -9.53 26.49 9.47
N GLU B 353 -10.03 27.65 9.04
CA GLU B 353 -11.44 27.81 8.71
C GLU B 353 -11.75 27.64 7.23
N ASN B 354 -10.74 27.69 6.35
CA ASN B 354 -10.98 27.66 4.91
C ASN B 354 -10.14 26.65 4.14
N ALA B 355 -8.99 26.21 4.67
CA ALA B 355 -8.13 25.31 3.91
C ALA B 355 -8.85 24.00 3.61
N GLN B 356 -8.64 23.49 2.40
CA GLN B 356 -9.31 22.29 1.92
C GLN B 356 -8.30 21.20 1.62
N PHE B 357 -8.64 19.98 1.98
CA PHE B 357 -7.79 18.82 1.75
C PHE B 357 -8.32 18.00 0.58
N ILE B 358 -7.45 17.13 0.06
CA ILE B 358 -7.84 16.15 -0.96
C ILE B 358 -7.24 14.81 -0.57
N ARG B 359 -8.05 13.77 -0.56
CA ARG B 359 -7.60 12.45 -0.16
C ARG B 359 -6.81 11.79 -1.28
N MET B 360 -5.92 10.88 -0.88
CA MET B 360 -4.89 10.38 -1.78
C MET B 360 -4.64 8.91 -1.45
N SER B 361 -4.12 8.19 -2.45
CA SER B 361 -3.82 6.77 -2.29
C SER B 361 -2.35 6.58 -1.92
N GLY B 362 -1.94 5.33 -1.81
CA GLY B 362 -0.55 5.03 -1.51
C GLY B 362 0.39 5.35 -2.67
N ALA B 363 -0.10 5.22 -3.90
CA ALA B 363 0.71 5.57 -5.06
C ALA B 363 0.90 7.08 -5.15
N GLY B 364 -0.07 7.86 -4.66
CA GLY B 364 0.11 9.30 -4.61
C GLY B 364 1.12 9.75 -3.60
N LEU B 365 1.32 8.94 -2.55
CA LEU B 365 2.30 9.25 -1.54
C LEU B 365 3.72 9.18 -2.10
N LEU B 366 4.01 8.16 -2.90
CA LEU B 366 5.32 8.04 -3.53
C LEU B 366 5.58 9.14 -4.55
N GLU B 367 4.52 9.63 -5.20
CA GLU B 367 4.70 10.72 -6.14
C GLU B 367 4.97 12.03 -5.43
N SER B 368 4.45 12.19 -4.21
CA SER B 368 4.65 13.43 -3.46
C SER B 368 6.08 13.55 -2.96
N HIS B 369 6.77 12.43 -2.82
CA HIS B 369 8.16 12.45 -2.40
C HIS B 369 9.04 12.32 -3.62
N PRO B 370 10.28 12.77 -3.54
CA PRO B 370 11.21 12.58 -4.66
C PRO B 370 11.31 11.11 -5.06
N HIS B 371 11.30 10.87 -6.37
CA HIS B 371 11.25 9.52 -6.91
C HIS B 371 12.07 9.44 -8.18
N HIS B 372 12.62 8.26 -8.45
CA HIS B 372 13.38 7.95 -9.65
C HIS B 372 14.59 8.86 -9.83
N VAL B 373 15.09 9.44 -8.74
CA VAL B 373 16.31 10.25 -8.76
C VAL B 373 17.13 9.87 -7.55
N GLN B 374 18.38 9.50 -7.77
CA GLN B 374 19.30 9.23 -6.68
C GLN B 374 19.77 10.56 -6.12
N ILE B 375 19.57 10.76 -4.82
CA ILE B 375 19.84 12.05 -4.20
C ILE B 375 21.31 12.13 -3.80
N THR B 376 22.01 13.11 -4.37
CA THR B 376 23.43 13.32 -4.13
C THR B 376 23.67 14.26 -2.96
N LYS B 377 22.86 15.30 -2.84
CA LYS B 377 23.01 16.27 -1.78
C LYS B 377 21.77 16.22 -0.89
N GLU B 378 21.97 16.27 0.41
CA GLU B 378 20.86 16.21 1.37
C GLU B 378 20.37 17.63 1.65
N ALA B 379 19.10 17.87 1.39
CA ALA B 379 18.56 19.21 1.56
C ALA B 379 18.36 19.54 3.05
N PRO B 380 18.39 20.81 3.40
CA PRO B 380 18.16 21.18 4.81
C PRO B 380 16.75 20.87 5.29
N ASN B 381 15.74 20.98 4.44
CA ASN B 381 14.38 20.61 4.81
C ASN B 381 14.08 19.14 4.55
N TYR B 382 14.82 18.51 3.64
CA TYR B 382 14.58 17.11 3.26
C TYR B 382 15.87 16.29 3.38
N ALA C 24 -28.56 -14.42 -8.78
CA ALA C 24 -27.98 -13.51 -7.80
C ALA C 24 -26.60 -13.99 -7.35
N MET C 25 -26.32 -15.28 -7.56
CA MET C 25 -25.02 -15.81 -7.19
C MET C 25 -23.91 -15.33 -8.12
N TRP C 26 -24.23 -15.07 -9.38
CA TRP C 26 -23.20 -14.59 -10.31
C TRP C 26 -22.87 -13.12 -10.09
N GLU C 27 -23.86 -12.30 -9.71
CA GLU C 27 -23.61 -10.87 -9.56
C GLU C 27 -22.99 -10.50 -8.23
N SER C 28 -23.05 -11.39 -7.23
CA SER C 28 -22.48 -11.11 -5.92
C SER C 28 -21.12 -11.79 -5.71
N LYS C 29 -20.35 -11.97 -6.77
CA LYS C 29 -19.09 -12.69 -6.63
C LYS C 29 -18.07 -11.87 -5.84
N PHE C 30 -17.99 -10.57 -6.12
CA PHE C 30 -16.95 -9.71 -5.55
C PHE C 30 -17.55 -8.62 -4.66
N VAL C 31 -18.65 -8.92 -3.97
CA VAL C 31 -19.28 -7.91 -3.13
C VAL C 31 -18.69 -7.92 -1.72
N LYS C 32 -18.42 -9.09 -1.15
CA LYS C 32 -18.00 -9.14 0.25
C LYS C 32 -16.63 -8.49 0.42
N GLU C 33 -16.41 -7.91 1.61
CA GLU C 33 -15.18 -7.22 1.96
C GLU C 33 -14.71 -7.64 3.35
N GLY C 34 -13.41 -7.74 3.53
CA GLY C 34 -12.83 -8.22 4.76
C GLY C 34 -11.81 -7.27 5.35
N LEU C 35 -11.69 -7.32 6.67
CA LEU C 35 -10.76 -6.49 7.45
C LEU C 35 -9.84 -7.37 8.27
N THR C 36 -8.56 -7.00 8.35
CA THR C 36 -7.58 -7.72 9.13
C THR C 36 -7.11 -6.88 10.32
N PHE C 37 -6.11 -7.40 11.05
CA PHE C 37 -5.64 -6.73 12.26
C PHE C 37 -5.07 -5.35 11.97
N ASP C 38 -4.25 -5.25 10.93
CA ASP C 38 -3.53 -4.01 10.63
C ASP C 38 -4.38 -2.98 9.90
N ASP C 39 -5.68 -3.23 9.75
CA ASP C 39 -6.59 -2.30 9.10
C ASP C 39 -7.29 -1.36 10.07
N VAL C 40 -7.26 -1.65 11.38
CA VAL C 40 -8.08 -0.96 12.35
C VAL C 40 -7.22 -0.57 13.55
N LEU C 41 -7.84 0.20 14.44
CA LEU C 41 -7.26 0.54 15.73
C LEU C 41 -8.39 0.62 16.74
N LEU C 42 -8.07 0.33 18.00
CA LEU C 42 -9.05 0.47 19.07
C LEU C 42 -9.16 1.93 19.48
N VAL C 43 -10.39 2.41 19.60
CA VAL C 43 -10.65 3.81 19.92
C VAL C 43 -10.65 3.99 21.44
N PRO C 44 -9.88 4.95 21.96
CA PRO C 44 -9.93 5.21 23.41
C PRO C 44 -11.29 5.74 23.82
N ALA C 45 -11.71 5.34 25.02
CA ALA C 45 -12.98 5.79 25.58
C ALA C 45 -12.74 6.21 27.02
N LYS C 46 -13.80 6.73 27.66
CA LYS C 46 -13.71 7.11 29.06
C LYS C 46 -13.35 5.90 29.90
N SER C 47 -12.39 6.09 30.81
CA SER C 47 -11.87 5.00 31.61
C SER C 47 -12.02 5.35 33.08
N ASP C 48 -12.57 4.41 33.84
CA ASP C 48 -12.66 4.49 35.29
C ASP C 48 -11.88 3.38 35.95
N VAL C 49 -11.05 2.66 35.19
CA VAL C 49 -10.30 1.51 35.69
C VAL C 49 -8.83 1.72 35.33
N LEU C 50 -7.93 1.32 36.25
CA LEU C 50 -6.51 1.35 35.95
C LEU C 50 -6.06 0.03 35.35
N PRO C 51 -5.03 0.07 34.50
CA PRO C 51 -4.53 -1.19 33.91
C PRO C 51 -4.11 -2.23 34.93
N ARG C 52 -3.62 -1.83 36.11
CA ARG C 52 -3.23 -2.80 37.11
C ARG C 52 -4.44 -3.50 37.73
N GLU C 53 -5.63 -2.92 37.59
CA GLU C 53 -6.81 -3.40 38.28
C GLU C 53 -7.70 -4.29 37.44
N VAL C 54 -7.53 -4.29 36.11
CA VAL C 54 -8.42 -5.07 35.26
C VAL C 54 -8.21 -6.57 35.51
N SER C 55 -9.24 -7.33 35.18
CA SER C 55 -9.21 -8.79 35.28
C SER C 55 -9.20 -9.38 33.87
N VAL C 56 -8.24 -10.25 33.62
CA VAL C 56 -8.10 -10.88 32.31
C VAL C 56 -8.64 -12.31 32.29
N LYS C 57 -9.47 -12.65 33.27
CA LYS C 57 -10.07 -13.98 33.35
C LYS C 57 -11.20 -14.18 32.36
N THR C 58 -11.32 -15.39 31.83
CA THR C 58 -12.38 -15.73 30.91
C THR C 58 -12.82 -17.17 31.18
N VAL C 59 -14.08 -17.44 30.84
CA VAL C 59 -14.68 -18.76 31.04
C VAL C 59 -15.18 -19.26 29.69
N LEU C 60 -14.71 -20.44 29.29
CA LEU C 60 -15.19 -21.08 28.08
C LEU C 60 -16.35 -22.03 28.34
N SER C 61 -16.41 -22.62 29.52
CA SER C 61 -17.53 -23.46 29.94
C SER C 61 -17.48 -23.60 31.45
N GLU C 62 -18.52 -24.20 32.04
CA GLU C 62 -18.50 -24.44 33.48
C GLU C 62 -17.42 -25.43 33.89
N SER C 63 -16.91 -26.25 32.97
CA SER C 63 -15.84 -27.17 33.29
C SER C 63 -14.46 -26.67 32.87
N LEU C 64 -14.38 -25.54 32.16
CA LEU C 64 -13.10 -25.02 31.67
C LEU C 64 -13.06 -23.51 31.88
N GLN C 65 -12.27 -23.08 32.86
CA GLN C 65 -12.12 -21.66 33.18
C GLN C 65 -10.64 -21.31 33.20
N LEU C 66 -10.27 -20.25 32.47
CA LEU C 66 -8.89 -19.83 32.36
C LEU C 66 -8.68 -18.48 33.03
N ASN C 67 -7.54 -18.32 33.69
CA ASN C 67 -7.20 -17.04 34.32
C ASN C 67 -6.69 -16.02 33.30
N ILE C 68 -6.08 -16.48 32.21
CA ILE C 68 -5.66 -15.58 31.13
C ILE C 68 -6.18 -16.14 29.81
N PRO C 69 -6.54 -15.30 28.85
CA PRO C 69 -7.12 -15.80 27.58
C PRO C 69 -6.05 -16.18 26.56
N LEU C 70 -5.14 -17.06 26.95
CA LEU C 70 -4.04 -17.48 26.10
C LEU C 70 -4.03 -19.00 26.00
N ILE C 71 -4.03 -19.51 24.77
CA ILE C 71 -3.93 -20.94 24.50
C ILE C 71 -2.74 -21.18 23.59
N SER C 72 -1.94 -22.19 23.91
CA SER C 72 -0.84 -22.59 23.06
C SER C 72 -1.34 -23.62 22.06
N ALA C 73 -1.06 -23.38 20.77
CA ALA C 73 -1.61 -24.21 19.70
C ALA C 73 -1.04 -25.62 19.72
N GLY C 74 -1.83 -26.56 19.22
CA GLY C 74 -1.43 -27.95 19.15
C GLY C 74 -0.57 -28.27 17.93
N MET C 75 0.71 -27.91 18.00
CA MET C 75 1.67 -28.17 16.93
C MET C 75 2.89 -28.89 17.50
N ASP C 76 3.59 -29.63 16.64
CA ASP C 76 4.72 -30.42 17.06
C ASP C 76 5.94 -29.59 17.43
N THR C 77 5.90 -28.27 17.24
CA THR C 77 6.99 -27.39 17.62
C THR C 77 6.55 -26.31 18.61
N VAL C 78 5.35 -26.42 19.18
CA VAL C 78 4.85 -25.41 20.09
C VAL C 78 4.52 -26.02 21.45
N THR C 79 3.59 -26.97 21.47
CA THR C 79 3.02 -27.46 22.72
C THR C 79 3.22 -28.96 22.86
N GLU C 80 3.87 -29.37 23.95
CA GLU C 80 3.95 -30.76 24.39
C GLU C 80 3.75 -30.74 25.90
N ALA C 81 4.09 -31.85 26.57
CA ALA C 81 3.86 -31.96 28.01
C ALA C 81 4.50 -30.79 28.77
N ASP C 82 5.76 -30.47 28.47
CA ASP C 82 6.43 -29.39 29.18
C ASP C 82 5.77 -28.03 28.92
N MET C 83 5.36 -27.79 27.67
CA MET C 83 4.76 -26.51 27.33
C MET C 83 3.38 -26.35 27.97
N ALA C 84 2.55 -27.39 27.91
CA ALA C 84 1.20 -27.31 28.46
C ALA C 84 1.23 -27.10 29.97
N ILE C 85 2.22 -27.67 30.65
CA ILE C 85 2.35 -27.46 32.09
C ILE C 85 2.66 -25.99 32.39
N ALA C 86 3.70 -25.44 31.74
CA ALA C 86 4.08 -24.06 31.98
C ALA C 86 2.96 -23.10 31.59
N MET C 87 2.23 -23.43 30.54
CA MET C 87 1.11 -22.61 30.14
C MET C 87 -0.01 -22.66 31.18
N ALA C 88 -0.27 -23.84 31.72
CA ALA C 88 -1.35 -24.00 32.70
C ALA C 88 -1.00 -23.35 34.03
N ARG C 89 0.27 -23.39 34.43
CA ARG C 89 0.68 -22.76 35.68
C ARG C 89 0.51 -21.25 35.63
N GLN C 90 0.39 -20.68 34.43
CA GLN C 90 0.25 -19.24 34.25
C GLN C 90 -1.20 -18.81 34.10
N GLY C 91 -2.15 -19.75 34.18
CA GLY C 91 -3.55 -19.45 34.00
C GLY C 91 -4.07 -19.72 32.60
N GLY C 92 -3.24 -20.23 31.69
CA GLY C 92 -3.62 -20.48 30.33
C GLY C 92 -3.97 -21.94 30.09
N LEU C 93 -3.87 -22.34 28.82
CA LEU C 93 -4.23 -23.70 28.43
C LEU C 93 -3.30 -24.15 27.30
N GLY C 94 -2.86 -25.41 27.37
CA GLY C 94 -2.04 -26.00 26.35
C GLY C 94 -2.81 -27.08 25.61
N ILE C 95 -2.48 -27.24 24.33
CA ILE C 95 -3.10 -28.24 23.46
C ILE C 95 -2.01 -29.19 23.00
N ILE C 96 -2.05 -30.43 23.47
CA ILE C 96 -1.10 -31.45 23.03
C ILE C 96 -1.42 -31.84 21.60
N HIS C 97 -0.43 -31.76 20.71
CA HIS C 97 -0.65 -32.06 19.31
C HIS C 97 -0.88 -33.55 19.11
N LYS C 98 -1.39 -33.90 17.93
CA LYS C 98 -1.78 -35.27 17.59
C LYS C 98 -0.73 -36.00 16.77
N ASN C 99 0.43 -35.39 16.51
CA ASN C 99 1.47 -36.02 15.71
C ASN C 99 2.33 -36.97 16.52
N MET C 100 1.69 -37.91 17.23
CA MET C 100 2.39 -38.91 18.00
C MET C 100 1.46 -40.11 18.18
N SER C 101 1.98 -41.18 18.74
CA SER C 101 1.18 -42.38 18.93
C SER C 101 0.07 -42.12 19.94
N ILE C 102 -0.97 -42.95 19.88
CA ILE C 102 -2.12 -42.79 20.77
C ILE C 102 -1.70 -42.96 22.23
N GLU C 103 -0.82 -43.92 22.50
CA GLU C 103 -0.39 -44.13 23.89
C GLU C 103 0.60 -43.06 24.33
N GLN C 104 1.40 -42.52 23.41
CA GLN C 104 2.31 -41.44 23.77
C GLN C 104 1.56 -40.14 24.07
N GLN C 105 0.46 -39.89 23.37
CA GLN C 105 -0.31 -38.68 23.64
C GLN C 105 -1.08 -38.80 24.95
N ALA C 106 -1.59 -40.00 25.25
CA ALA C 106 -2.33 -40.19 26.50
C ALA C 106 -1.42 -40.05 27.72
N GLU C 107 -0.18 -40.54 27.63
CA GLU C 107 0.75 -40.41 28.75
C GLU C 107 1.14 -38.96 28.99
N GLN C 108 1.34 -38.19 27.92
CA GLN C 108 1.69 -36.78 28.09
C GLN C 108 0.56 -36.02 28.77
N VAL C 109 -0.69 -36.31 28.38
CA VAL C 109 -1.83 -35.69 29.04
C VAL C 109 -1.85 -36.06 30.53
N ASP C 110 -1.60 -37.33 30.83
CA ASP C 110 -1.54 -37.77 32.22
C ASP C 110 -0.39 -37.10 32.96
N LYS C 111 0.74 -36.88 32.27
CA LYS C 111 1.88 -36.23 32.89
C LYS C 111 1.55 -34.79 33.29
N VAL C 112 0.76 -34.09 32.46
CA VAL C 112 0.37 -32.72 32.79
C VAL C 112 -0.56 -32.71 33.99
N LYS C 113 -1.57 -33.59 33.98
CA LYS C 113 -2.54 -33.65 35.07
C LYS C 113 -1.91 -34.13 36.38
N ARG C 114 -0.75 -34.80 36.30
CA ARG C 114 -0.08 -35.28 37.50
C ARG C 114 0.59 -34.16 38.29
N SER C 115 0.80 -33.00 37.66
CA SER C 115 1.52 -31.88 38.25
C SER C 115 0.63 -30.94 39.06
N GLY C 116 -0.43 -31.45 39.69
CA GLY C 116 -1.35 -30.63 40.44
C GLY C 116 -2.73 -30.52 39.83
N GLY C 117 -3.10 -31.45 38.95
CA GLY C 117 -4.34 -31.41 38.19
C GLY C 117 -4.51 -30.09 37.49
N LEU C 118 -3.68 -29.86 36.47
CA LEU C 118 -3.72 -28.64 35.70
C LEU C 118 -4.77 -28.79 34.62
N LEU C 119 -4.84 -27.83 33.70
CA LEU C 119 -5.78 -27.92 32.62
C LEU C 119 -4.99 -28.20 31.35
N VAL C 120 -5.51 -29.10 30.52
CA VAL C 120 -4.81 -29.54 29.34
C VAL C 120 -5.82 -29.98 28.29
N GLY C 121 -5.48 -29.75 27.03
CA GLY C 121 -6.30 -30.19 25.93
C GLY C 121 -5.45 -31.01 24.97
N ALA C 122 -6.12 -31.63 24.01
CA ALA C 122 -5.42 -32.48 23.05
C ALA C 122 -6.12 -32.39 21.70
N ALA C 123 -5.31 -32.27 20.65
CA ALA C 123 -5.85 -32.19 19.30
C ALA C 123 -6.09 -33.59 18.75
N VAL C 124 -7.17 -33.74 18.00
CA VAL C 124 -7.54 -35.01 17.38
C VAL C 124 -7.99 -34.72 15.96
N GLY C 125 -7.44 -35.45 15.00
CA GLY C 125 -7.87 -35.29 13.63
C GLY C 125 -9.08 -36.13 13.31
N VAL C 126 -9.75 -35.75 12.22
CA VAL C 126 -10.95 -36.45 11.76
C VAL C 126 -10.51 -37.67 10.96
N THR C 127 -9.85 -38.62 11.62
CA THR C 127 -9.42 -39.85 10.99
C THR C 127 -10.34 -40.99 11.37
N ALA C 128 -10.11 -42.15 10.75
CA ALA C 128 -10.96 -43.31 11.03
C ALA C 128 -10.71 -43.87 12.42
N ASP C 129 -9.50 -43.67 12.95
CA ASP C 129 -9.12 -44.12 14.28
C ASP C 129 -9.23 -43.03 15.33
N ALA C 130 -9.96 -41.94 15.02
CA ALA C 130 -10.06 -40.83 15.95
C ALA C 130 -10.73 -41.24 17.25
N MET C 131 -11.79 -42.04 17.18
CA MET C 131 -12.52 -42.43 18.38
C MET C 131 -11.64 -43.22 19.34
N THR C 132 -10.83 -44.15 18.81
CA THR C 132 -9.88 -44.86 19.68
C THR C 132 -8.86 -43.91 20.28
N ARG C 133 -8.48 -42.86 19.56
CA ARG C 133 -7.60 -41.86 20.13
C ARG C 133 -8.32 -41.03 21.19
N ILE C 134 -9.59 -40.70 20.94
CA ILE C 134 -10.35 -39.92 21.90
C ILE C 134 -10.64 -40.73 23.16
N ASP C 135 -10.91 -42.03 23.01
CA ASP C 135 -11.17 -42.87 24.18
C ASP C 135 -9.96 -42.92 25.10
N ALA C 136 -8.76 -43.01 24.54
CA ALA C 136 -7.55 -43.05 25.37
C ALA C 136 -7.32 -41.73 26.10
N LEU C 137 -7.75 -40.61 25.50
CA LEU C 137 -7.51 -39.31 26.12
C LEU C 137 -8.44 -39.08 27.31
N VAL C 138 -9.70 -39.50 27.21
CA VAL C 138 -10.63 -39.29 28.31
C VAL C 138 -10.26 -40.14 29.52
N LYS C 139 -9.64 -41.31 29.31
CA LYS C 139 -9.17 -42.08 30.47
C LYS C 139 -8.02 -41.41 31.18
N ALA C 140 -7.31 -40.49 30.51
CA ALA C 140 -6.34 -39.63 31.18
C ALA C 140 -7.00 -38.34 31.66
N SER C 141 -8.32 -38.25 31.50
CA SER C 141 -9.10 -37.16 32.06
C SER C 141 -8.70 -35.83 31.44
N VAL C 142 -8.58 -35.83 30.10
CA VAL C 142 -8.29 -34.60 29.38
C VAL C 142 -9.48 -33.66 29.52
N ASP C 143 -9.19 -32.37 29.59
CA ASP C 143 -10.23 -31.38 29.88
C ASP C 143 -10.96 -30.92 28.63
N ALA C 144 -10.34 -31.02 27.47
CA ALA C 144 -11.00 -30.64 26.23
C ALA C 144 -10.27 -31.31 25.07
N ILE C 145 -11.04 -31.78 24.09
CA ILE C 145 -10.48 -32.30 22.85
C ILE C 145 -10.72 -31.26 21.76
N VAL C 146 -9.82 -31.24 20.78
CA VAL C 146 -9.88 -30.28 19.69
C VAL C 146 -9.98 -31.06 18.39
N LEU C 147 -11.15 -31.01 17.76
CA LEU C 147 -11.33 -31.57 16.42
C LEU C 147 -10.97 -30.47 15.43
N ASP C 148 -9.65 -30.28 15.24
CA ASP C 148 -9.13 -29.24 14.38
C ASP C 148 -8.72 -29.84 13.03
N THR C 149 -9.26 -29.28 11.96
CA THR C 149 -8.90 -29.64 10.59
C THR C 149 -8.72 -28.35 9.78
N ALA C 150 -8.32 -28.52 8.52
CA ALA C 150 -8.15 -27.36 7.64
C ALA C 150 -9.49 -26.73 7.29
N HIS C 151 -10.54 -27.53 7.15
CA HIS C 151 -11.86 -27.05 6.75
C HIS C 151 -12.89 -27.61 7.73
N GLY C 152 -13.31 -26.78 8.69
CA GLY C 152 -14.27 -27.21 9.69
C GLY C 152 -15.69 -27.34 9.19
N HIS C 153 -16.01 -26.75 8.03
CA HIS C 153 -17.35 -26.82 7.46
C HIS C 153 -17.55 -28.06 6.60
N SER C 154 -16.68 -29.07 6.73
CA SER C 154 -16.81 -30.30 5.97
C SER C 154 -17.88 -31.20 6.59
N GLN C 155 -18.50 -32.02 5.75
CA GLN C 155 -19.51 -32.95 6.23
C GLN C 155 -18.89 -34.02 7.13
N GLY C 156 -17.67 -34.45 6.82
CA GLY C 156 -17.00 -35.42 7.66
C GLY C 156 -16.68 -34.89 9.05
N VAL C 157 -16.38 -33.60 9.15
CA VAL C 157 -16.10 -33.01 10.46
C VAL C 157 -17.37 -32.91 11.30
N ILE C 158 -18.48 -32.49 10.68
CA ILE C 158 -19.73 -32.33 11.39
C ILE C 158 -20.21 -33.67 11.95
N ASP C 159 -20.13 -34.73 11.13
CA ASP C 159 -20.57 -36.04 11.57
C ASP C 159 -19.73 -36.57 12.72
N LYS C 160 -18.44 -36.23 12.75
CA LYS C 160 -17.59 -36.67 13.84
C LYS C 160 -17.98 -35.98 15.15
N VAL C 161 -18.37 -34.70 15.08
CA VAL C 161 -18.80 -33.99 16.27
C VAL C 161 -20.07 -34.62 16.84
N LYS C 162 -21.03 -34.97 15.98
CA LYS C 162 -22.20 -35.71 16.42
C LYS C 162 -21.79 -37.03 17.04
N GLU C 163 -20.80 -37.69 16.44
CA GLU C 163 -20.33 -38.98 16.93
C GLU C 163 -19.65 -38.86 18.29
N VAL C 164 -18.83 -37.82 18.47
CA VAL C 164 -18.11 -37.65 19.73
C VAL C 164 -19.05 -37.17 20.84
N ARG C 165 -19.97 -36.25 20.50
CA ARG C 165 -20.89 -35.74 21.51
C ARG C 165 -21.82 -36.83 22.02
N ALA C 166 -22.20 -37.78 21.17
CA ALA C 166 -23.09 -38.85 21.58
C ALA C 166 -22.43 -39.80 22.58
N LYS C 167 -21.11 -39.97 22.50
CA LYS C 167 -20.43 -40.87 23.42
C LYS C 167 -19.96 -40.19 24.70
N TYR C 168 -19.66 -38.90 24.65
CA TYR C 168 -19.20 -38.14 25.82
C TYR C 168 -20.02 -36.86 25.90
N PRO C 169 -21.17 -36.90 26.57
CA PRO C 169 -22.03 -35.69 26.63
C PRO C 169 -21.45 -34.54 27.42
N SER C 170 -20.54 -34.79 28.37
CA SER C 170 -20.03 -33.75 29.24
C SER C 170 -18.64 -33.27 28.85
N LEU C 171 -18.12 -33.75 27.73
CA LEU C 171 -16.77 -33.38 27.31
C LEU C 171 -16.78 -32.04 26.59
N ASN C 172 -15.72 -31.25 26.83
CA ASN C 172 -15.54 -29.99 26.14
C ASN C 172 -14.98 -30.26 24.75
N ILE C 173 -15.73 -29.90 23.72
CA ILE C 173 -15.36 -30.18 22.33
C ILE C 173 -15.07 -28.85 21.64
N ILE C 174 -13.85 -28.72 21.13
CA ILE C 174 -13.41 -27.55 20.36
C ILE C 174 -13.32 -27.97 18.90
N ALA C 175 -14.07 -27.29 18.04
CA ALA C 175 -14.13 -27.63 16.63
C ALA C 175 -13.65 -26.47 15.77
N GLY C 176 -12.94 -26.80 14.70
CA GLY C 176 -12.43 -25.80 13.77
C GLY C 176 -11.67 -26.49 12.66
N ASN C 177 -11.16 -25.69 11.73
CA ASN C 177 -11.28 -24.25 11.79
C ASN C 177 -12.38 -23.77 10.84
N VAL C 178 -13.00 -22.65 11.18
CA VAL C 178 -14.06 -22.06 10.37
C VAL C 178 -13.76 -20.57 10.19
N ALA C 179 -14.52 -19.95 9.28
CA ALA C 179 -14.37 -18.53 9.04
C ALA C 179 -15.67 -17.85 8.66
N THR C 180 -16.81 -18.55 8.65
CA THR C 180 -18.10 -17.97 8.32
C THR C 180 -19.09 -18.23 9.45
N ALA C 181 -20.15 -17.42 9.48
CA ALA C 181 -21.19 -17.62 10.48
C ALA C 181 -21.98 -18.89 10.23
N GLU C 182 -22.16 -19.27 8.96
CA GLU C 182 -22.86 -20.51 8.65
C GLU C 182 -22.08 -21.72 9.14
N ALA C 183 -20.75 -21.67 9.04
CA ALA C 183 -19.94 -22.79 9.54
C ALA C 183 -19.94 -22.84 11.05
N THR C 184 -20.04 -21.68 11.71
CA THR C 184 -20.12 -21.66 13.16
C THR C 184 -21.41 -22.31 13.65
N LYS C 185 -22.54 -21.93 13.04
CA LYS C 185 -23.82 -22.48 13.45
C LYS C 185 -23.89 -23.99 13.22
N ALA C 186 -23.25 -24.47 12.14
CA ALA C 186 -23.29 -25.89 11.82
C ALA C 186 -22.56 -26.73 12.87
N LEU C 187 -21.42 -26.22 13.37
CA LEU C 187 -20.68 -26.97 14.37
C LEU C 187 -21.37 -26.93 15.73
N ILE C 188 -22.05 -25.83 16.05
CA ILE C 188 -22.80 -25.75 17.29
C ILE C 188 -23.94 -26.75 17.30
N GLU C 189 -24.65 -26.88 16.18
CA GLU C 189 -25.72 -27.86 16.09
C GLU C 189 -25.19 -29.29 16.04
N ALA C 190 -23.91 -29.47 15.75
CA ALA C 190 -23.33 -30.81 15.76
C ALA C 190 -22.95 -31.27 17.16
N GLY C 191 -22.73 -30.33 18.08
CA GLY C 191 -22.45 -30.68 19.46
C GLY C 191 -21.31 -29.91 20.09
N ALA C 192 -20.58 -29.15 19.29
CA ALA C 192 -19.43 -28.41 19.80
C ALA C 192 -19.88 -27.21 20.62
N ASN C 193 -19.28 -27.04 21.80
CA ASN C 193 -19.56 -25.90 22.66
C ASN C 193 -18.46 -24.85 22.61
N VAL C 194 -17.40 -25.08 21.84
CA VAL C 194 -16.36 -24.09 21.58
C VAL C 194 -15.99 -24.14 20.11
N VAL C 195 -16.00 -22.98 19.45
CA VAL C 195 -15.72 -22.87 18.03
C VAL C 195 -14.41 -22.11 17.83
N LYS C 196 -13.53 -22.65 17.01
CA LYS C 196 -12.23 -22.05 16.73
C LYS C 196 -12.22 -21.43 15.34
N VAL C 197 -11.74 -20.19 15.24
CA VAL C 197 -11.88 -19.37 14.04
C VAL C 197 -10.49 -19.07 13.49
N GLY C 198 -10.33 -19.24 12.17
CA GLY C 198 -9.09 -18.88 11.50
C GLY C 198 -8.71 -19.77 10.34
N ILE C 199 -8.81 -19.24 9.12
CA ILE C 199 -8.43 -19.98 7.91
C ILE C 199 -7.48 -19.09 7.12
N GLY C 200 -6.19 -19.37 7.20
CA GLY C 200 -5.20 -18.65 6.43
C GLY C 200 -4.33 -17.57 7.09
N PRO C 201 -4.57 -17.16 8.34
CA PRO C 201 -3.75 -16.07 8.90
C PRO C 201 -2.48 -16.50 9.58
N GLY C 202 -2.23 -17.81 9.70
CA GLY C 202 -1.05 -18.28 10.40
C GLY C 202 0.23 -17.75 9.80
N SER C 203 1.22 -17.53 10.66
CA SER C 203 2.52 -17.05 10.20
C SER C 203 3.22 -18.07 9.32
N ILE C 204 2.95 -19.35 9.53
CA ILE C 204 3.54 -20.41 8.72
C ILE C 204 2.56 -20.98 7.70
N CYS C 205 1.39 -20.36 7.55
CA CYS C 205 0.33 -20.85 6.70
C CYS C 205 0.48 -20.31 5.28
N THR C 206 0.20 -21.16 4.28
CA THR C 206 0.19 -20.75 2.89
C THR C 206 -1.12 -21.10 2.19
N THR C 207 -2.19 -21.37 2.95
CA THR C 207 -3.46 -21.76 2.36
C THR C 207 -3.99 -20.69 1.42
N ARG C 208 -3.92 -19.42 1.82
CA ARG C 208 -4.44 -18.35 0.98
C ARG C 208 -3.62 -18.16 -0.30
N VAL C 209 -2.37 -18.60 -0.30
CA VAL C 209 -1.52 -18.53 -1.48
C VAL C 209 -1.64 -19.78 -2.35
N VAL C 210 -1.77 -20.94 -1.71
CA VAL C 210 -1.80 -22.22 -2.42
C VAL C 210 -3.20 -22.56 -2.91
N ALA C 211 -4.20 -22.42 -2.03
CA ALA C 211 -5.57 -22.73 -2.38
C ALA C 211 -6.36 -21.50 -2.80
N GLY C 212 -5.86 -20.31 -2.51
CA GLY C 212 -6.59 -19.09 -2.81
C GLY C 212 -7.79 -18.85 -1.93
N VAL C 213 -7.90 -19.57 -0.82
CA VAL C 213 -9.07 -19.54 0.04
C VAL C 213 -8.67 -18.94 1.38
N GLY C 214 -9.55 -18.08 1.91
CA GLY C 214 -9.33 -17.48 3.21
C GLY C 214 -10.28 -16.33 3.49
N VAL C 215 -10.37 -15.94 4.75
CA VAL C 215 -11.17 -14.79 5.16
C VAL C 215 -10.33 -13.96 6.13
N PRO C 216 -10.21 -12.65 5.94
CA PRO C 216 -9.45 -11.83 6.89
C PRO C 216 -9.91 -12.05 8.33
N GLN C 217 -8.94 -12.24 9.22
CA GLN C 217 -9.23 -12.74 10.57
C GLN C 217 -10.25 -11.89 11.30
N LEU C 218 -10.03 -10.57 11.35
CA LEU C 218 -10.87 -9.72 12.19
C LEU C 218 -12.32 -9.79 11.74
N THR C 219 -12.56 -9.90 10.44
CA THR C 219 -13.92 -10.12 9.96
C THR C 219 -14.41 -11.52 10.31
N ALA C 220 -13.55 -12.52 10.17
CA ALA C 220 -13.93 -13.89 10.50
C ALA C 220 -14.32 -14.02 11.96
N VAL C 221 -13.52 -13.43 12.86
CA VAL C 221 -13.84 -13.48 14.28
C VAL C 221 -15.15 -12.77 14.56
N TYR C 222 -15.34 -11.59 13.97
CA TYR C 222 -16.56 -10.81 14.21
C TYR C 222 -17.80 -11.56 13.71
N ASP C 223 -17.71 -12.18 12.53
CA ASP C 223 -18.86 -12.92 12.00
C ASP C 223 -19.18 -14.14 12.84
N CYS C 224 -18.15 -14.91 13.22
CA CYS C 224 -18.38 -16.13 13.97
C CYS C 224 -18.85 -15.83 15.39
N ALA C 225 -18.24 -14.82 16.04
CA ALA C 225 -18.66 -14.46 17.38
C ALA C 225 -20.09 -13.93 17.39
N THR C 226 -20.50 -13.24 16.32
CA THR C 226 -21.88 -12.78 16.23
C THR C 226 -22.85 -13.95 16.19
N GLU C 227 -22.49 -15.01 15.46
CA GLU C 227 -23.36 -16.17 15.38
C GLU C 227 -23.35 -16.96 16.69
N ALA C 228 -22.16 -17.17 17.27
CA ALA C 228 -22.06 -17.94 18.49
C ALA C 228 -22.54 -17.17 19.73
N ARG C 229 -22.68 -15.84 19.64
CA ARG C 229 -23.12 -15.09 20.82
C ARG C 229 -24.60 -15.30 21.10
N LYS C 230 -25.41 -15.52 20.06
CA LYS C 230 -26.83 -15.78 20.28
C LYS C 230 -27.10 -17.21 20.73
N HIS C 231 -26.08 -18.07 20.75
CA HIS C 231 -26.18 -19.40 21.35
C HIS C 231 -25.39 -19.51 22.64
N GLY C 232 -24.75 -18.43 23.07
CA GLY C 232 -23.92 -18.48 24.26
C GLY C 232 -22.67 -19.31 24.11
N ILE C 233 -22.09 -19.33 22.91
CA ILE C 233 -20.93 -20.18 22.60
C ILE C 233 -19.71 -19.28 22.48
N PRO C 234 -18.60 -19.59 23.15
CA PRO C 234 -17.38 -18.81 22.96
C PRO C 234 -16.65 -19.21 21.69
N VAL C 235 -15.87 -18.27 21.17
CA VAL C 235 -15.08 -18.49 19.97
C VAL C 235 -13.61 -18.24 20.28
N ILE C 236 -12.74 -18.94 19.56
CA ILE C 236 -11.30 -18.85 19.75
C ILE C 236 -10.70 -18.18 18.52
N ALA C 237 -9.99 -17.07 18.74
CA ALA C 237 -9.26 -16.41 17.66
C ALA C 237 -7.93 -17.14 17.47
N ASP C 238 -7.85 -17.93 16.41
CA ASP C 238 -6.68 -18.71 16.17
C ASP C 238 -5.85 -18.28 14.96
N GLY C 239 -4.62 -17.85 15.23
CA GLY C 239 -3.68 -17.46 14.20
C GLY C 239 -3.77 -15.99 13.84
N GLY C 240 -2.66 -15.46 13.33
CA GLY C 240 -2.58 -14.09 12.87
C GLY C 240 -1.95 -13.12 13.86
N ILE C 241 -1.86 -13.48 15.13
CA ILE C 241 -1.34 -12.57 16.15
C ILE C 241 0.18 -12.57 16.07
N LYS C 242 0.76 -11.38 15.90
CA LYS C 242 2.21 -11.20 15.89
C LYS C 242 2.67 -10.16 16.90
N TYR C 243 1.75 -9.37 17.46
CA TYR C 243 2.06 -8.41 18.51
C TYR C 243 0.97 -8.51 19.57
N SER C 244 1.28 -8.01 20.77
CA SER C 244 0.30 -8.06 21.86
C SER C 244 -0.93 -7.23 21.54
N GLY C 245 -0.78 -6.16 20.75
CA GLY C 245 -1.94 -5.36 20.38
C GLY C 245 -2.92 -6.11 19.50
N ASP C 246 -2.43 -6.98 18.63
CA ASP C 246 -3.32 -7.80 17.80
C ASP C 246 -4.17 -8.72 18.65
N MET C 247 -3.63 -9.19 19.78
CA MET C 247 -4.41 -10.00 20.70
C MET C 247 -5.55 -9.19 21.30
N VAL C 248 -5.28 -7.92 21.62
CA VAL C 248 -6.33 -7.05 22.16
C VAL C 248 -7.42 -6.81 21.12
N LYS C 249 -7.03 -6.65 19.85
CA LYS C 249 -8.00 -6.47 18.79
C LYS C 249 -8.86 -7.72 18.59
N ALA C 250 -8.25 -8.90 18.70
CA ALA C 250 -9.01 -10.14 18.54
C ALA C 250 -10.05 -10.29 19.65
N LEU C 251 -9.65 -9.98 20.89
CA LEU C 251 -10.58 -10.08 22.00
C LEU C 251 -11.68 -9.03 21.90
N ALA C 252 -11.34 -7.83 21.42
CA ALA C 252 -12.33 -6.77 21.26
C ALA C 252 -13.25 -7.04 20.07
N ALA C 253 -12.87 -7.93 19.16
CA ALA C 253 -13.72 -8.26 18.02
C ALA C 253 -14.80 -9.28 18.35
N GLY C 254 -14.73 -9.93 19.51
CA GLY C 254 -15.76 -10.86 19.91
C GLY C 254 -15.23 -12.18 20.43
N ALA C 255 -13.91 -12.37 20.35
CA ALA C 255 -13.29 -13.62 20.77
C ALA C 255 -13.14 -13.70 22.28
N HIS C 256 -13.36 -14.89 22.83
CA HIS C 256 -13.18 -15.11 24.27
C HIS C 256 -11.70 -15.32 24.60
N VAL C 257 -11.01 -16.16 23.82
CA VAL C 257 -9.61 -16.46 24.03
C VAL C 257 -8.87 -16.38 22.70
N VAL C 258 -7.55 -16.41 22.78
CA VAL C 258 -6.67 -16.32 21.62
C VAL C 258 -5.75 -17.53 21.62
N MET C 259 -5.50 -18.08 20.44
CA MET C 259 -4.57 -19.19 20.26
C MET C 259 -3.34 -18.70 19.52
N LEU C 260 -2.16 -19.01 20.06
CA LEU C 260 -0.90 -18.52 19.53
C LEU C 260 0.03 -19.67 19.16
N GLY C 261 0.81 -19.44 18.12
CA GLY C 261 1.81 -20.41 17.69
C GLY C 261 3.19 -19.79 17.59
N SER C 262 3.33 -18.73 16.79
CA SER C 262 4.63 -18.13 16.56
C SER C 262 5.18 -17.42 17.80
N MET C 263 4.30 -16.82 18.60
CA MET C 263 4.77 -16.11 19.79
C MET C 263 5.08 -17.03 20.96
N PHE C 264 4.80 -18.33 20.82
CA PHE C 264 5.16 -19.32 21.83
C PHE C 264 6.21 -20.31 21.34
N ALA C 265 6.56 -20.29 20.06
CA ALA C 265 7.49 -21.27 19.51
C ALA C 265 8.92 -21.00 19.97
N GLY C 266 9.28 -19.73 20.17
CA GLY C 266 10.60 -19.39 20.65
C GLY C 266 10.78 -19.48 22.14
N VAL C 267 9.83 -20.09 22.83
CA VAL C 267 9.87 -20.22 24.29
C VAL C 267 10.67 -21.47 24.64
N ALA C 268 11.36 -21.41 25.78
CA ALA C 268 12.25 -22.50 26.18
C ALA C 268 11.50 -23.82 26.36
N GLU C 269 10.25 -23.77 26.79
CA GLU C 269 9.47 -24.97 27.06
C GLU C 269 8.92 -25.63 25.81
N SER C 270 9.05 -25.03 24.63
CA SER C 270 8.48 -25.63 23.44
C SER C 270 9.31 -26.82 22.93
N PRO C 271 8.65 -27.79 22.29
CA PRO C 271 9.33 -29.01 21.83
C PRO C 271 10.36 -28.79 20.72
N GLY C 272 10.27 -27.70 19.97
CA GLY C 272 11.12 -27.53 18.80
C GLY C 272 12.59 -27.67 19.11
N GLU C 273 13.37 -27.92 18.06
CA GLU C 273 14.80 -28.12 18.22
C GLU C 273 15.57 -26.81 18.03
N THR C 274 16.66 -26.69 18.77
CA THR C 274 17.48 -25.48 18.75
C THR C 274 18.45 -25.54 17.59
N GLU C 275 18.44 -24.50 16.76
CA GLU C 275 19.38 -24.36 15.67
C GLU C 275 20.07 -23.01 15.76
N ILE C 276 21.25 -22.92 15.17
CA ILE C 276 22.07 -21.71 15.23
C ILE C 276 21.97 -20.99 13.90
N TYR C 277 21.64 -19.70 13.95
CA TYR C 277 21.66 -18.82 12.79
C TYR C 277 22.34 -17.51 13.13
N GLN C 278 23.41 -17.20 12.39
CA GLN C 278 24.20 -16.00 12.61
C GLN C 278 24.69 -15.91 14.05
N GLY C 279 25.07 -17.07 14.60
CA GLY C 279 25.60 -17.08 15.95
C GLY C 279 24.56 -16.81 17.01
N ARG C 280 23.28 -16.97 16.68
CA ARG C 280 22.18 -16.65 17.57
C ARG C 280 21.22 -17.82 17.65
N GLN C 281 20.70 -18.09 18.84
CA GLN C 281 19.80 -19.21 19.02
C GLN C 281 18.43 -18.95 18.40
N PHE C 282 17.91 -19.95 17.72
CA PHE C 282 16.60 -19.94 17.11
C PHE C 282 15.92 -21.25 17.44
N LYS C 283 14.62 -21.31 17.21
CA LYS C 283 13.85 -22.51 17.49
C LYS C 283 13.03 -22.86 16.26
N VAL C 284 12.95 -24.16 15.97
CA VAL C 284 12.22 -24.60 14.78
C VAL C 284 10.74 -24.35 14.97
N TYR C 285 10.12 -23.68 13.99
CA TYR C 285 8.69 -23.45 13.98
C TYR C 285 8.15 -23.81 12.61
N ARG C 286 7.40 -24.91 12.54
CA ARG C 286 6.83 -25.42 11.31
C ARG C 286 5.32 -25.49 11.42
N GLY C 287 4.65 -25.41 10.27
CA GLY C 287 3.22 -25.61 10.24
C GLY C 287 2.85 -27.07 10.15
N MET C 288 1.65 -27.39 10.62
CA MET C 288 1.16 -28.77 10.55
C MET C 288 0.94 -29.22 9.11
N GLY C 289 0.81 -28.29 8.17
CA GLY C 289 0.69 -28.58 6.76
C GLY C 289 1.98 -28.60 5.99
N SER C 290 3.12 -28.37 6.65
CA SER C 290 4.40 -28.44 5.95
C SER C 290 4.74 -29.88 5.62
N VAL C 291 5.64 -30.05 4.64
CA VAL C 291 6.00 -31.39 4.20
C VAL C 291 6.67 -32.17 5.33
N GLY C 292 7.43 -31.47 6.18
CA GLY C 292 8.11 -32.15 7.26
C GLY C 292 7.18 -32.56 8.39
N ALA C 293 6.15 -31.78 8.63
CA ALA C 293 5.21 -32.10 9.67
C ALA C 293 4.24 -33.16 9.19
N MET C 294 4.14 -33.30 7.88
CA MET C 294 3.32 -34.32 7.26
C MET C 294 3.84 -35.75 7.43
N GLU C 295 5.14 -35.94 7.32
CA GLU C 295 5.75 -37.25 7.45
C GLU C 295 5.59 -37.73 8.88
N LYS C 296 5.77 -36.80 9.81
CA LYS C 296 5.66 -37.07 11.23
C LYS C 296 4.25 -37.55 11.54
N GLY C 297 3.28 -36.93 10.88
CA GLY C 297 1.89 -37.30 11.07
C GLY C 297 1.44 -38.36 10.09
N LEU C 310 -2.52 -33.84 -0.56
CA LEU C 310 -1.22 -34.25 -1.10
C LEU C 310 -0.21 -33.11 -1.05
N VAL C 311 -0.62 -31.92 -1.50
CA VAL C 311 0.29 -30.78 -1.55
C VAL C 311 0.28 -30.05 -0.21
N PRO C 312 1.41 -29.48 0.21
CA PRO C 312 1.47 -28.82 1.51
C PRO C 312 0.79 -27.45 1.52
N GLU C 313 0.42 -27.02 2.72
CA GLU C 313 -0.17 -25.71 2.94
C GLU C 313 0.54 -24.96 4.05
N GLY C 314 1.83 -25.28 4.28
CA GLY C 314 2.62 -24.62 5.29
C GLY C 314 4.08 -24.63 4.90
N ILE C 315 4.86 -23.84 5.63
CA ILE C 315 6.29 -23.72 5.38
C ILE C 315 7.04 -24.01 6.68
N GLU C 316 8.30 -24.40 6.54
CA GLU C 316 9.16 -24.70 7.67
C GLU C 316 10.04 -23.49 7.96
N GLY C 317 10.16 -23.13 9.24
CA GLY C 317 10.93 -21.97 9.61
C GLY C 317 11.53 -21.97 11.00
N ARG C 318 12.05 -20.81 11.42
CA ARG C 318 12.65 -20.62 12.74
C ARG C 318 12.22 -19.27 13.30
N VAL C 319 12.07 -19.22 14.62
CA VAL C 319 11.71 -17.98 15.31
C VAL C 319 12.77 -17.69 16.37
N PRO C 320 13.04 -16.41 16.68
CA PRO C 320 14.09 -16.11 17.68
C PRO C 320 13.73 -16.63 19.06
N TYR C 321 14.75 -17.11 19.76
CA TYR C 321 14.58 -17.64 21.11
C TYR C 321 14.26 -16.53 22.10
N LYS C 322 13.18 -16.70 22.85
CA LYS C 322 12.68 -15.67 23.77
C LYS C 322 12.81 -16.07 25.23
N GLY C 323 13.49 -17.18 25.54
CA GLY C 323 13.68 -17.59 26.91
C GLY C 323 12.45 -18.24 27.51
N PRO C 324 12.33 -18.17 28.83
CA PRO C 324 11.21 -18.82 29.52
C PRO C 324 9.86 -18.28 29.10
N LEU C 325 8.83 -19.09 29.30
CA LEU C 325 7.48 -18.70 28.91
C LEU C 325 6.95 -17.51 29.70
N ALA C 326 7.30 -17.44 31.00
CA ALA C 326 6.75 -16.40 31.85
C ALA C 326 7.09 -15.00 31.36
N ASP C 327 8.23 -14.82 30.70
CA ASP C 327 8.61 -13.49 30.24
C ASP C 327 7.70 -12.98 29.13
N THR C 328 7.42 -13.85 28.18
CA THR C 328 6.55 -13.56 27.06
C THR C 328 5.10 -13.32 27.48
N VAL C 329 4.63 -14.11 28.42
CA VAL C 329 3.26 -14.02 28.91
C VAL C 329 3.04 -12.71 29.64
N HIS C 330 4.02 -12.28 30.44
CA HIS C 330 3.90 -11.00 31.13
C HIS C 330 3.77 -9.84 30.15
N GLN C 331 4.48 -9.91 29.01
CA GLN C 331 4.36 -8.87 28.01
C GLN C 331 3.01 -8.91 27.31
N LEU C 332 2.47 -10.10 27.08
CA LEU C 332 1.17 -10.21 26.45
C LEU C 332 0.06 -9.68 27.35
N VAL C 333 0.00 -10.19 28.59
CA VAL C 333 -1.03 -9.73 29.52
C VAL C 333 -0.85 -8.25 29.82
N GLY C 334 0.39 -7.80 30.01
CA GLY C 334 0.64 -6.40 30.26
C GLY C 334 0.16 -5.52 29.12
N GLY C 335 0.34 -5.98 27.88
CA GLY C 335 -0.20 -5.26 26.75
C GLY C 335 -1.72 -5.28 26.71
N LEU C 336 -2.32 -6.39 27.15
CA LEU C 336 -3.77 -6.47 27.24
C LEU C 336 -4.31 -5.54 28.32
N ARG C 337 -3.63 -5.47 29.47
CA ARG C 337 -4.08 -4.58 30.54
C ARG C 337 -4.04 -3.13 30.09
N ALA C 338 -3.01 -2.75 29.33
CA ALA C 338 -2.94 -1.38 28.83
C ALA C 338 -4.11 -1.07 27.90
N GLY C 339 -4.41 -2.00 26.98
CA GLY C 339 -5.52 -1.78 26.06
C GLY C 339 -6.86 -1.70 26.76
N MET C 340 -7.10 -2.59 27.73
CA MET C 340 -8.36 -2.55 28.49
C MET C 340 -8.47 -1.28 29.31
N GLY C 341 -7.35 -0.71 29.75
CA GLY C 341 -7.40 0.57 30.44
C GLY C 341 -7.78 1.71 29.53
N TYR C 342 -7.29 1.68 28.28
CA TYR C 342 -7.62 2.73 27.33
C TYR C 342 -9.11 2.71 26.97
N CYS C 343 -9.70 1.52 26.90
CA CYS C 343 -11.12 1.38 26.56
C CYS C 343 -12.04 1.47 27.78
N GLY C 344 -11.48 1.48 28.99
CA GLY C 344 -12.28 1.48 30.20
C GLY C 344 -12.98 0.18 30.49
N ALA C 345 -12.44 -0.93 30.00
CA ALA C 345 -13.04 -2.25 30.21
C ALA C 345 -12.44 -2.87 31.46
N GLN C 346 -13.25 -3.06 32.51
CA GLN C 346 -12.73 -3.73 33.69
C GLN C 346 -12.58 -5.23 33.44
N ASP C 347 -13.50 -5.83 32.70
CA ASP C 347 -13.44 -7.25 32.36
C ASP C 347 -13.45 -7.40 30.85
N LEU C 348 -13.14 -8.61 30.39
CA LEU C 348 -13.12 -8.89 28.96
C LEU C 348 -14.51 -8.85 28.32
N GLU C 349 -15.55 -9.16 29.08
CA GLU C 349 -16.90 -9.12 28.52
C GLU C 349 -17.34 -7.69 28.25
N PHE C 350 -16.92 -6.74 29.08
CA PHE C 350 -17.18 -5.33 28.78
C PHE C 350 -16.39 -4.88 27.55
N LEU C 351 -15.20 -5.43 27.36
CA LEU C 351 -14.38 -5.04 26.21
C LEU C 351 -15.03 -5.46 24.90
N ARG C 352 -15.40 -6.73 24.78
CA ARG C 352 -15.95 -7.21 23.51
C ARG C 352 -17.35 -6.65 23.24
N GLU C 353 -18.02 -6.11 24.26
CA GLU C 353 -19.36 -5.57 24.11
C GLU C 353 -19.38 -4.06 23.89
N ASN C 354 -18.27 -3.37 24.17
CA ASN C 354 -18.23 -1.91 24.09
C ASN C 354 -17.07 -1.34 23.28
N ALA C 355 -15.98 -2.08 23.07
CA ALA C 355 -14.83 -1.51 22.38
C ALA C 355 -15.19 -1.12 20.96
N GLN C 356 -14.68 0.04 20.53
CA GLN C 356 -14.99 0.59 19.22
C GLN C 356 -13.70 0.70 18.41
N PHE C 357 -13.78 0.34 17.13
CA PHE C 357 -12.65 0.39 16.22
C PHE C 357 -12.77 1.60 15.29
N ILE C 358 -11.64 1.92 14.66
CA ILE C 358 -11.58 2.94 13.62
C ILE C 358 -10.77 2.37 12.46
N ARG C 359 -11.32 2.46 11.25
CA ARG C 359 -10.68 1.88 10.08
C ARG C 359 -9.54 2.77 9.62
N MET C 360 -8.56 2.15 8.95
CA MET C 360 -7.29 2.80 8.72
C MET C 360 -6.73 2.40 7.35
N SER C 361 -5.88 3.26 6.81
CA SER C 361 -5.23 3.04 5.52
C SER C 361 -3.85 2.45 5.73
N GLY C 362 -3.12 2.28 4.62
CA GLY C 362 -1.77 1.76 4.71
C GLY C 362 -0.76 2.75 5.26
N ALA C 363 -0.97 4.04 4.99
CA ALA C 363 -0.08 5.07 5.53
C ALA C 363 -0.24 5.21 7.03
N GLY C 364 -1.43 4.93 7.56
CA GLY C 364 -1.62 4.94 9.00
C GLY C 364 -0.92 3.80 9.71
N LEU C 365 -0.73 2.66 9.02
CA LEU C 365 -0.02 1.54 9.62
C LEU C 365 1.44 1.90 9.91
N LEU C 366 2.08 2.63 8.99
CA LEU C 366 3.44 3.12 9.25
C LEU C 366 3.43 4.14 10.37
N GLU C 367 2.32 4.85 10.54
CA GLU C 367 2.21 5.80 11.64
C GLU C 367 2.06 5.09 12.98
N SER C 368 1.44 3.91 12.98
CA SER C 368 1.26 3.17 14.23
C SER C 368 2.56 2.57 14.74
N HIS C 369 3.47 2.23 13.85
CA HIS C 369 4.78 1.70 14.18
C HIS C 369 5.79 2.83 14.34
N PRO C 370 6.88 2.59 15.08
CA PRO C 370 7.97 3.57 15.11
C PRO C 370 8.52 3.86 13.73
N HIS C 371 8.75 5.14 13.45
CA HIS C 371 9.12 5.58 12.11
C HIS C 371 10.11 6.73 12.18
N HIS C 372 10.95 6.84 11.15
CA HIS C 372 11.91 7.92 10.97
C HIS C 372 12.88 8.06 12.14
N VAL C 373 13.07 6.98 12.90
CA VAL C 373 14.02 6.96 14.01
C VAL C 373 14.77 5.63 13.96
N GLN C 374 16.09 5.70 14.06
CA GLN C 374 16.89 4.48 14.14
C GLN C 374 16.67 3.85 15.51
N ILE C 375 16.21 2.61 15.54
CA ILE C 375 15.89 1.96 16.81
C ILE C 375 17.18 1.32 17.33
N THR C 376 17.64 1.80 18.48
CA THR C 376 18.91 1.35 19.05
C THR C 376 18.71 0.17 19.99
N LYS C 377 17.66 0.21 20.82
CA LYS C 377 17.38 -0.88 21.73
C LYS C 377 16.03 -1.47 21.34
N GLU C 378 15.95 -2.79 21.30
CA GLU C 378 14.71 -3.48 20.97
C GLU C 378 13.97 -3.79 22.27
N ALA C 379 12.75 -3.30 22.36
CA ALA C 379 11.96 -3.38 23.58
C ALA C 379 11.49 -4.80 23.84
N PRO C 380 11.16 -5.13 25.10
CA PRO C 380 10.66 -6.49 25.39
C PRO C 380 9.38 -6.83 24.65
N ASN C 381 8.52 -5.83 24.43
CA ASN C 381 7.29 -6.00 23.65
C ASN C 381 7.49 -5.77 22.16
N TYR C 382 8.54 -5.06 21.77
CA TYR C 382 8.78 -4.70 20.38
C TYR C 382 10.18 -5.11 19.93
N ASN D 23 -18.34 28.07 7.96
CA ASN D 23 -19.39 27.14 8.35
C ASN D 23 -19.36 25.88 7.49
N ALA D 24 -19.63 26.04 6.19
CA ALA D 24 -19.65 24.92 5.27
C ALA D 24 -18.25 24.51 4.80
N MET D 25 -17.28 25.42 4.89
CA MET D 25 -15.91 25.06 4.50
C MET D 25 -15.28 24.12 5.51
N TRP D 26 -15.71 24.18 6.77
CA TRP D 26 -15.16 23.28 7.79
C TRP D 26 -15.66 21.85 7.58
N GLU D 27 -16.88 21.69 7.09
CA GLU D 27 -17.51 20.38 6.94
C GLU D 27 -17.08 19.67 5.67
N SER D 28 -16.60 20.39 4.66
CA SER D 28 -16.13 19.79 3.42
C SER D 28 -14.61 19.71 3.36
N LYS D 29 -13.96 19.55 4.51
CA LYS D 29 -12.51 19.62 4.57
C LYS D 29 -11.86 18.41 3.89
N PHE D 30 -12.41 17.22 4.10
CA PHE D 30 -11.82 15.97 3.63
C PHE D 30 -12.75 15.24 2.66
N VAL D 31 -13.47 15.97 1.83
CA VAL D 31 -14.43 15.36 0.90
C VAL D 31 -13.76 14.96 -0.41
N LYS D 32 -12.86 15.80 -0.92
CA LYS D 32 -12.28 15.62 -2.23
C LYS D 32 -11.38 14.38 -2.30
N GLU D 33 -11.28 13.81 -3.51
CA GLU D 33 -10.46 12.63 -3.79
C GLU D 33 -9.61 12.87 -5.04
N GLY D 34 -8.38 12.38 -5.00
CA GLY D 34 -7.45 12.58 -6.09
C GLY D 34 -6.85 11.28 -6.58
N LEU D 35 -6.50 11.25 -7.86
CA LEU D 35 -5.91 10.09 -8.51
C LEU D 35 -4.59 10.49 -9.17
N THR D 36 -3.60 9.58 -9.09
CA THR D 36 -2.30 9.80 -9.71
C THR D 36 -2.11 8.81 -10.86
N PHE D 37 -0.91 8.81 -11.44
CA PHE D 37 -0.65 8.02 -12.65
C PHE D 37 -0.77 6.53 -12.36
N ASP D 38 -0.18 6.06 -11.26
CA ASP D 38 -0.11 4.64 -10.95
C ASP D 38 -1.39 4.12 -10.31
N ASP D 39 -2.47 4.91 -10.28
CA ASP D 39 -3.74 4.48 -9.74
C ASP D 39 -4.67 3.89 -10.78
N VAL D 40 -4.41 4.12 -12.08
CA VAL D 40 -5.35 3.80 -13.13
C VAL D 40 -4.64 3.06 -14.26
N LEU D 41 -5.44 2.60 -15.21
CA LEU D 41 -4.98 2.01 -16.45
C LEU D 41 -5.96 2.42 -17.54
N LEU D 42 -5.45 2.51 -18.77
CA LEU D 42 -6.31 2.81 -19.91
C LEU D 42 -7.02 1.54 -20.37
N VAL D 43 -8.32 1.65 -20.60
CA VAL D 43 -9.14 0.51 -21.01
C VAL D 43 -9.08 0.35 -22.51
N PRO D 44 -8.78 -0.83 -23.03
CA PRO D 44 -8.79 -1.03 -24.49
C PRO D 44 -10.20 -0.90 -25.04
N ALA D 45 -10.30 -0.35 -26.24
CA ALA D 45 -11.57 -0.17 -26.94
C ALA D 45 -11.43 -0.65 -28.38
N LYS D 46 -12.53 -0.61 -29.11
CA LYS D 46 -12.53 -1.02 -30.51
C LYS D 46 -11.55 -0.15 -31.29
N SER D 47 -10.68 -0.80 -32.06
CA SER D 47 -9.60 -0.12 -32.77
C SER D 47 -9.62 -0.49 -34.24
N ASP D 48 -9.57 0.51 -35.10
CA ASP D 48 -9.43 0.33 -36.54
C ASP D 48 -8.17 0.98 -37.10
N VAL D 49 -7.23 1.40 -36.24
CA VAL D 49 -6.05 2.13 -36.66
C VAL D 49 -4.81 1.41 -36.14
N LEU D 50 -3.74 1.40 -36.95
CA LEU D 50 -2.47 0.83 -36.53
C LEU D 50 -1.60 1.89 -35.86
N PRO D 51 -0.76 1.49 -34.91
CA PRO D 51 0.13 2.47 -34.26
C PRO D 51 1.02 3.22 -35.23
N ARG D 52 1.42 2.59 -36.33
CA ARG D 52 2.26 3.27 -37.31
C ARG D 52 1.48 4.33 -38.09
N GLU D 53 0.15 4.27 -38.06
CA GLU D 53 -0.69 5.16 -38.87
C GLU D 53 -1.26 6.34 -38.10
N VAL D 54 -1.24 6.30 -36.76
CA VAL D 54 -1.86 7.37 -35.98
C VAL D 54 -1.06 8.66 -36.16
N SER D 55 -1.73 9.78 -35.84
CA SER D 55 -1.12 11.11 -35.89
C SER D 55 -0.90 11.60 -34.47
N VAL D 56 0.34 11.99 -34.17
CA VAL D 56 0.70 12.48 -32.84
C VAL D 56 0.87 14.00 -32.83
N LYS D 57 0.34 14.68 -33.83
CA LYS D 57 0.46 16.13 -33.93
C LYS D 57 -0.56 16.82 -33.04
N THR D 58 -0.17 17.97 -32.48
CA THR D 58 -1.03 18.74 -31.61
C THR D 58 -0.83 20.23 -31.89
N VAL D 59 -1.88 21.01 -31.62
CA VAL D 59 -1.88 22.44 -31.88
C VAL D 59 -2.17 23.17 -30.57
N LEU D 60 -1.25 24.04 -30.16
CA LEU D 60 -1.47 24.87 -28.98
C LEU D 60 -2.03 26.24 -29.32
N SER D 61 -1.69 26.77 -30.49
CA SER D 61 -2.24 28.02 -30.99
C SER D 61 -1.99 28.07 -32.49
N GLU D 62 -2.54 29.09 -33.16
CA GLU D 62 -2.32 29.23 -34.59
C GLU D 62 -0.85 29.47 -34.93
N SER D 63 -0.06 29.97 -33.98
CA SER D 63 1.36 30.18 -34.18
C SER D 63 2.23 29.09 -33.58
N LEU D 64 1.64 28.14 -32.86
CA LEU D 64 2.40 27.11 -32.14
C LEU D 64 1.76 25.74 -32.41
N GLN D 65 2.38 24.97 -33.30
CA GLN D 65 1.94 23.63 -33.64
C GLN D 65 3.12 22.69 -33.56
N LEU D 66 2.96 21.57 -32.86
CA LEU D 66 4.03 20.61 -32.64
C LEU D 66 3.76 19.31 -33.39
N ASN D 67 4.83 18.71 -33.91
CA ASN D 67 4.71 17.39 -34.54
C ASN D 67 4.60 16.29 -33.51
N ILE D 68 5.21 16.47 -32.33
CA ILE D 68 5.07 15.53 -31.21
C ILE D 68 4.71 16.31 -29.96
N PRO D 69 3.91 15.74 -29.04
CA PRO D 69 3.47 16.46 -27.84
C PRO D 69 4.47 16.36 -26.68
N LEU D 70 5.72 16.73 -26.93
CA LEU D 70 6.76 16.66 -25.92
C LEU D 70 7.42 18.03 -25.78
N ILE D 71 7.48 18.54 -24.56
CA ILE D 71 8.17 19.77 -24.25
C ILE D 71 9.20 19.48 -23.16
N SER D 72 10.41 19.98 -23.35
CA SER D 72 11.45 19.85 -22.34
C SER D 72 11.35 21.01 -21.36
N ALA D 73 11.31 20.69 -20.07
CA ALA D 73 11.05 21.71 -19.06
C ALA D 73 12.19 22.73 -18.98
N GLY D 74 11.84 23.93 -18.56
CA GLY D 74 12.82 25.00 -18.43
C GLY D 74 13.59 24.94 -17.14
N MET D 75 14.59 24.05 -17.08
CA MET D 75 15.43 23.89 -15.90
C MET D 75 16.89 24.01 -16.33
N ASP D 76 17.74 24.45 -15.39
CA ASP D 76 19.15 24.68 -15.71
C ASP D 76 19.94 23.39 -15.89
N THR D 77 19.32 22.22 -15.68
CA THR D 77 19.96 20.95 -15.92
C THR D 77 19.23 20.12 -16.97
N VAL D 78 18.28 20.72 -17.68
CA VAL D 78 17.51 20.01 -18.69
C VAL D 78 17.64 20.68 -20.05
N THR D 79 17.23 21.94 -20.14
CA THR D 79 17.04 22.60 -21.43
C THR D 79 17.95 23.82 -21.55
N GLU D 80 18.81 23.81 -22.56
CA GLU D 80 19.59 24.96 -22.99
C GLU D 80 19.58 24.97 -24.50
N ALA D 81 20.47 25.74 -25.12
CA ALA D 81 20.50 25.87 -26.56
C ALA D 81 20.57 24.50 -27.25
N ASP D 82 21.48 23.64 -26.80
CA ASP D 82 21.62 22.32 -27.43
C ASP D 82 20.36 21.48 -27.29
N MET D 83 19.73 21.51 -26.11
CA MET D 83 18.53 20.72 -25.90
C MET D 83 17.36 21.27 -26.72
N ALA D 84 17.20 22.59 -26.74
CA ALA D 84 16.09 23.18 -27.50
C ALA D 84 16.23 22.92 -29.00
N ILE D 85 17.47 22.87 -29.49
CA ILE D 85 17.70 22.57 -30.90
C ILE D 85 17.28 21.13 -31.21
N ALA D 86 17.81 20.17 -30.45
CA ALA D 86 17.50 18.77 -30.71
C ALA D 86 16.03 18.47 -30.50
N MET D 87 15.41 19.11 -29.50
CA MET D 87 13.98 18.91 -29.26
C MET D 87 13.15 19.45 -30.41
N ALA D 88 13.53 20.59 -30.98
CA ALA D 88 12.75 21.18 -32.07
C ALA D 88 12.92 20.39 -33.37
N ARG D 89 14.14 19.90 -33.63
CA ARG D 89 14.34 19.04 -34.80
C ARG D 89 13.59 17.72 -34.69
N GLN D 90 13.13 17.35 -33.50
CA GLN D 90 12.39 16.12 -33.29
C GLN D 90 10.88 16.35 -33.34
N GLY D 91 10.44 17.58 -33.57
CA GLY D 91 9.03 17.91 -33.60
C GLY D 91 8.48 18.44 -32.30
N GLY D 92 9.31 18.59 -31.28
CA GLY D 92 8.88 19.03 -29.97
C GLY D 92 9.16 20.50 -29.73
N LEU D 93 9.28 20.86 -28.45
CA LEU D 93 9.50 22.24 -28.04
C LEU D 93 10.42 22.27 -26.83
N GLY D 94 11.35 23.22 -26.83
CA GLY D 94 12.25 23.42 -25.71
C GLY D 94 11.94 24.73 -25.00
N ILE D 95 12.19 24.75 -23.69
CA ILE D 95 11.95 25.92 -22.86
C ILE D 95 13.29 26.35 -22.26
N ILE D 96 13.80 27.49 -22.68
CA ILE D 96 15.03 28.02 -22.08
C ILE D 96 14.73 28.52 -20.66
N HIS D 97 15.48 28.02 -19.69
CA HIS D 97 15.25 28.38 -18.30
C HIS D 97 15.67 29.82 -18.04
N LYS D 98 15.24 30.35 -16.89
CA LYS D 98 15.44 31.75 -16.56
C LYS D 98 16.59 31.98 -15.59
N ASN D 99 17.37 30.95 -15.25
CA ASN D 99 18.50 31.15 -14.34
C ASN D 99 19.70 31.72 -15.07
N MET D 100 19.49 32.82 -15.78
CA MET D 100 20.57 33.51 -16.48
C MET D 100 20.13 34.95 -16.70
N SER D 101 21.06 35.76 -17.19
CA SER D 101 20.76 37.15 -17.45
C SER D 101 19.76 37.29 -18.59
N ILE D 102 19.15 38.46 -18.67
CA ILE D 102 18.24 38.75 -19.77
C ILE D 102 18.98 38.64 -21.09
N GLU D 103 20.25 39.07 -21.12
CA GLU D 103 21.04 39.01 -22.34
C GLU D 103 21.54 37.61 -22.66
N GLN D 104 21.79 36.83 -21.61
CA GLN D 104 22.21 35.45 -21.77
C GLN D 104 21.08 34.61 -22.37
N GLN D 105 19.85 34.86 -21.93
CA GLN D 105 18.69 34.11 -22.38
C GLN D 105 18.27 34.52 -23.78
N ALA D 106 18.36 35.82 -24.10
CA ALA D 106 18.03 36.26 -25.44
C ALA D 106 19.03 35.70 -26.46
N GLU D 107 20.29 35.56 -26.06
CA GLU D 107 21.28 34.98 -26.95
C GLU D 107 21.01 33.51 -27.21
N GLN D 108 20.57 32.77 -26.17
CA GLN D 108 20.28 31.36 -26.35
C GLN D 108 19.09 31.16 -27.28
N VAL D 109 18.04 31.97 -27.11
CA VAL D 109 16.88 31.88 -28.01
C VAL D 109 17.29 32.18 -29.44
N ASP D 110 18.10 33.22 -29.65
CA ASP D 110 18.56 33.53 -31.00
C ASP D 110 19.46 32.43 -31.55
N LYS D 111 20.29 31.82 -30.69
CA LYS D 111 21.18 30.75 -31.13
C LYS D 111 20.38 29.55 -31.63
N VAL D 112 19.26 29.23 -30.98
CA VAL D 112 18.45 28.09 -31.41
C VAL D 112 17.84 28.38 -32.77
N LYS D 113 17.29 29.58 -32.96
CA LYS D 113 16.64 29.88 -34.23
C LYS D 113 17.65 29.96 -35.37
N ARG D 114 18.91 30.32 -35.07
CA ARG D 114 19.92 30.35 -36.12
C ARG D 114 20.48 28.98 -36.45
N SER D 115 20.31 28.00 -35.56
CA SER D 115 20.84 26.67 -35.78
C SER D 115 19.86 25.74 -36.48
N GLY D 116 18.65 26.21 -36.74
CA GLY D 116 17.63 25.41 -37.37
C GLY D 116 16.52 24.97 -36.46
N GLY D 117 16.40 25.55 -35.26
CA GLY D 117 15.38 25.14 -34.32
C GLY D 117 14.08 25.78 -34.78
N LEU D 118 13.05 24.98 -35.01
CA LEU D 118 11.84 25.55 -35.59
C LEU D 118 11.04 26.32 -34.55
N LEU D 119 10.79 25.73 -33.39
CA LEU D 119 10.09 26.39 -32.30
C LEU D 119 10.97 26.42 -31.06
N VAL D 120 10.89 27.51 -30.29
CA VAL D 120 11.66 27.64 -29.05
C VAL D 120 10.87 28.52 -28.09
N GLY D 121 10.98 28.21 -26.79
CA GLY D 121 10.34 29.00 -25.76
C GLY D 121 11.33 29.41 -24.68
N ALA D 122 10.86 30.28 -23.79
CA ALA D 122 11.70 30.79 -22.71
C ALA D 122 10.84 31.05 -21.47
N ALA D 123 11.37 30.64 -20.32
CA ALA D 123 10.68 30.85 -19.04
C ALA D 123 10.98 32.25 -18.49
N VAL D 124 9.98 32.85 -17.85
CA VAL D 124 10.11 34.17 -17.26
C VAL D 124 9.45 34.16 -15.87
N GLY D 125 10.17 34.66 -14.87
CA GLY D 125 9.60 34.77 -13.55
C GLY D 125 8.80 36.05 -13.36
N VAL D 126 7.94 36.04 -12.34
CA VAL D 126 7.08 37.18 -11.99
C VAL D 126 7.85 38.19 -11.14
N THR D 127 8.87 38.81 -11.71
CA THR D 127 9.64 39.86 -11.04
C THR D 127 9.28 41.22 -11.63
N ALA D 128 9.85 42.27 -11.03
CA ALA D 128 9.55 43.63 -11.49
C ALA D 128 10.18 43.90 -12.86
N ASP D 129 11.27 43.20 -13.19
CA ASP D 129 11.96 43.35 -14.46
C ASP D 129 11.50 42.33 -15.50
N ALA D 130 10.33 41.72 -15.28
CA ALA D 130 9.85 40.70 -16.21
C ALA D 130 9.62 41.28 -17.60
N MET D 131 9.07 42.49 -17.68
CA MET D 131 8.83 43.11 -18.99
C MET D 131 10.12 43.32 -19.76
N THR D 132 11.18 43.76 -19.07
CA THR D 132 12.46 43.94 -19.74
C THR D 132 12.99 42.61 -20.28
N ARG D 133 12.72 41.51 -19.58
CA ARG D 133 13.16 40.21 -20.06
C ARG D 133 12.32 39.76 -21.26
N ILE D 134 11.02 40.01 -21.24
CA ILE D 134 10.16 39.61 -22.35
C ILE D 134 10.47 40.42 -23.60
N ASP D 135 10.78 41.70 -23.44
CA ASP D 135 11.10 42.54 -24.59
C ASP D 135 12.31 41.99 -25.34
N ALA D 136 13.35 41.57 -24.62
CA ALA D 136 14.53 41.03 -25.27
C ALA D 136 14.24 39.68 -25.92
N LEU D 137 13.29 38.92 -25.37
CA LEU D 137 12.99 37.60 -25.93
C LEU D 137 12.21 37.71 -27.23
N VAL D 138 11.25 38.63 -27.31
CA VAL D 138 10.49 38.77 -28.54
C VAL D 138 11.36 39.35 -29.65
N LYS D 139 12.34 40.19 -29.31
CA LYS D 139 13.28 40.68 -30.30
C LYS D 139 14.24 39.60 -30.75
N ALA D 140 14.37 38.51 -29.99
CA ALA D 140 15.07 37.32 -30.43
C ALA D 140 14.13 36.34 -31.11
N SER D 141 12.89 36.76 -31.37
CA SER D 141 11.88 35.96 -32.08
C SER D 141 11.55 34.68 -31.31
N VAL D 142 11.33 34.81 -30.01
CA VAL D 142 10.88 33.67 -29.21
C VAL D 142 9.46 33.32 -29.61
N ASP D 143 9.16 32.03 -29.64
CA ASP D 143 7.85 31.57 -30.09
C ASP D 143 6.83 31.47 -28.98
N ALA D 144 7.27 31.35 -27.73
CA ALA D 144 6.36 31.29 -26.59
C ALA D 144 7.13 31.66 -25.33
N ILE D 145 6.48 32.40 -24.45
CA ILE D 145 7.05 32.70 -23.13
C ILE D 145 6.31 31.86 -22.10
N VAL D 146 7.00 31.52 -21.02
CA VAL D 146 6.43 30.70 -19.95
C VAL D 146 6.53 31.49 -18.67
N LEU D 147 5.38 31.98 -18.19
CA LEU D 147 5.30 32.62 -16.88
C LEU D 147 5.03 31.52 -15.85
N ASP D 148 6.09 30.80 -15.50
CA ASP D 148 6.00 29.68 -14.57
C ASP D 148 6.47 30.11 -13.19
N THR D 149 5.61 29.89 -12.20
CA THR D 149 5.92 30.13 -10.80
C THR D 149 5.43 28.93 -10.00
N ALA D 150 5.69 28.97 -8.69
CA ALA D 150 5.24 27.88 -7.82
C ALA D 150 3.72 27.88 -7.68
N HIS D 151 3.11 29.07 -7.65
CA HIS D 151 1.66 29.21 -7.45
C HIS D 151 1.12 30.13 -8.52
N GLY D 152 0.52 29.55 -9.57
CA GLY D 152 -0.03 30.34 -10.65
C GLY D 152 -1.34 31.03 -10.30
N HIS D 153 -1.99 30.61 -9.21
CA HIS D 153 -3.24 31.21 -8.77
C HIS D 153 -3.00 32.44 -7.89
N SER D 154 -1.78 32.97 -7.89
CA SER D 154 -1.44 34.16 -7.13
C SER D 154 -1.95 35.40 -7.84
N GLN D 155 -2.24 36.44 -7.05
CA GLN D 155 -2.69 37.70 -7.63
C GLN D 155 -1.58 38.38 -8.42
N GLY D 156 -0.34 38.26 -7.96
CA GLY D 156 0.78 38.84 -8.68
C GLY D 156 1.00 38.20 -10.04
N VAL D 157 0.75 36.90 -10.16
CA VAL D 157 0.91 36.22 -11.44
C VAL D 157 -0.21 36.65 -12.39
N ILE D 158 -1.45 36.73 -11.89
CA ILE D 158 -2.58 37.09 -12.73
C ILE D 158 -2.40 38.50 -13.31
N ASP D 159 -1.98 39.44 -12.46
CA ASP D 159 -1.76 40.81 -12.92
C ASP D 159 -0.65 40.88 -13.95
N LYS D 160 0.36 40.03 -13.83
CA LYS D 160 1.44 40.00 -14.80
C LYS D 160 0.95 39.48 -16.15
N VAL D 161 0.07 38.47 -16.13
CA VAL D 161 -0.48 37.94 -17.37
C VAL D 161 -1.31 38.98 -18.11
N LYS D 162 -2.13 39.73 -17.36
CA LYS D 162 -2.89 40.82 -17.97
C LYS D 162 -1.96 41.89 -18.54
N GLU D 163 -0.84 42.16 -17.85
CA GLU D 163 0.08 43.19 -18.32
C GLU D 163 0.77 42.78 -19.61
N VAL D 164 1.18 41.52 -19.72
CA VAL D 164 1.89 41.06 -20.92
C VAL D 164 0.92 40.95 -22.10
N ARG D 165 -0.31 40.49 -21.84
CA ARG D 165 -1.29 40.38 -22.91
C ARG D 165 -1.65 41.74 -23.47
N ALA D 166 -1.68 42.78 -22.62
CA ALA D 166 -2.01 44.12 -23.09
C ALA D 166 -0.91 44.70 -23.98
N LYS D 167 0.34 44.34 -23.73
CA LYS D 167 1.45 44.86 -24.53
C LYS D 167 1.74 44.01 -25.75
N TYR D 168 1.48 42.70 -25.68
CA TYR D 168 1.70 41.78 -26.80
C TYR D 168 0.43 40.97 -26.99
N PRO D 169 -0.52 41.48 -27.77
CA PRO D 169 -1.78 40.74 -27.97
C PRO D 169 -1.59 39.45 -28.77
N SER D 170 -0.53 39.34 -29.55
CA SER D 170 -0.32 38.19 -30.43
C SER D 170 0.70 37.20 -29.92
N LEU D 171 1.22 37.38 -28.70
CA LEU D 171 2.25 36.51 -28.16
C LEU D 171 1.64 35.26 -27.54
N ASN D 172 2.32 34.12 -27.70
CA ASN D 172 1.94 32.88 -27.05
C ASN D 172 2.40 32.93 -25.60
N ILE D 173 1.46 32.92 -24.66
CA ILE D 173 1.74 33.03 -23.24
C ILE D 173 1.32 31.74 -22.55
N ILE D 174 2.27 31.07 -21.92
CA ILE D 174 2.03 29.85 -21.16
C ILE D 174 2.12 30.22 -19.68
N ALA D 175 1.05 29.97 -18.93
CA ALA D 175 0.98 30.35 -17.52
C ALA D 175 0.82 29.13 -16.64
N GLY D 176 1.46 29.16 -15.48
CA GLY D 176 1.39 28.08 -14.52
C GLY D 176 2.21 28.43 -13.31
N ASN D 177 2.26 27.48 -12.36
CA ASN D 177 1.55 26.22 -12.48
C ASN D 177 0.29 26.25 -11.62
N VAL D 178 -0.74 25.54 -12.07
CA VAL D 178 -2.01 25.47 -11.35
C VAL D 178 -2.42 24.01 -11.20
N ALA D 179 -3.44 23.79 -10.38
CA ALA D 179 -3.95 22.43 -10.18
C ALA D 179 -5.45 22.39 -9.96
N THR D 180 -6.17 23.50 -10.03
CA THR D 180 -7.61 23.53 -9.86
C THR D 180 -8.27 24.21 -11.05
N ALA D 181 -9.56 23.92 -11.23
CA ALA D 181 -10.32 24.57 -12.29
C ALA D 181 -10.53 26.05 -12.00
N GLU D 182 -10.62 26.41 -10.71
CA GLU D 182 -10.78 27.82 -10.33
C GLU D 182 -9.57 28.64 -10.77
N ALA D 183 -8.38 28.07 -10.66
CA ALA D 183 -7.17 28.77 -11.11
C ALA D 183 -7.07 28.80 -12.62
N THR D 184 -7.59 27.77 -13.30
CA THR D 184 -7.55 27.75 -14.76
C THR D 184 -8.37 28.89 -15.36
N LYS D 185 -9.59 29.08 -14.87
CA LYS D 185 -10.41 30.17 -15.39
C LYS D 185 -9.76 31.53 -15.16
N ALA D 186 -9.07 31.69 -14.02
CA ALA D 186 -8.46 32.98 -13.71
C ALA D 186 -7.33 33.31 -14.68
N LEU D 187 -6.52 32.30 -15.05
CA LEU D 187 -5.42 32.56 -15.97
C LEU D 187 -5.92 32.75 -17.40
N ILE D 188 -6.95 32.02 -17.79
CA ILE D 188 -7.50 32.18 -19.14
C ILE D 188 -8.11 33.57 -19.29
N GLU D 189 -8.86 34.01 -18.29
CA GLU D 189 -9.46 35.34 -18.33
C GLU D 189 -8.44 36.46 -18.15
N ALA D 190 -7.23 36.14 -17.70
CA ALA D 190 -6.18 37.15 -17.60
C ALA D 190 -5.47 37.39 -18.91
N GLY D 191 -5.50 36.43 -19.83
CA GLY D 191 -4.92 36.60 -21.15
C GLY D 191 -4.12 35.42 -21.67
N ALA D 192 -3.85 34.45 -20.81
CA ALA D 192 -3.07 33.28 -21.20
C ALA D 192 -3.91 32.34 -22.05
N ASN D 193 -3.35 31.86 -23.16
CA ASN D 193 -4.03 30.89 -24.01
C ASN D 193 -3.50 29.47 -23.85
N VAL D 194 -2.49 29.26 -23.00
CA VAL D 194 -2.02 27.92 -22.65
C VAL D 194 -1.75 27.88 -21.16
N VAL D 195 -2.29 26.88 -20.48
CA VAL D 195 -2.18 26.72 -19.03
C VAL D 195 -1.32 25.50 -18.72
N LYS D 196 -0.35 25.67 -17.82
CA LYS D 196 0.54 24.58 -17.43
C LYS D 196 0.12 24.06 -16.05
N VAL D 197 -0.03 22.75 -15.94
CA VAL D 197 -0.67 22.12 -14.78
C VAL D 197 0.36 21.24 -14.07
N GLY D 198 0.43 21.38 -12.74
CA GLY D 198 1.30 20.51 -11.95
C GLY D 198 1.90 21.19 -10.74
N ILE D 199 1.44 20.81 -9.54
CA ILE D 199 1.97 21.34 -8.29
C ILE D 199 2.32 20.14 -7.42
N GLY D 200 3.62 19.82 -7.35
CA GLY D 200 4.09 18.75 -6.50
C GLY D 200 4.46 17.38 -7.07
N PRO D 201 4.21 17.09 -8.34
CA PRO D 201 4.51 15.73 -8.83
C PRO D 201 5.92 15.52 -9.35
N GLY D 202 6.74 16.58 -9.38
CA GLY D 202 8.08 16.46 -9.93
C GLY D 202 8.91 15.40 -9.23
N SER D 203 9.77 14.73 -10.01
CA SER D 203 10.65 13.72 -9.45
C SER D 203 11.66 14.34 -8.48
N ILE D 204 12.02 15.60 -8.67
CA ILE D 204 12.93 16.31 -7.78
C ILE D 204 12.18 17.28 -6.86
N CYS D 205 10.86 17.23 -6.86
CA CYS D 205 10.04 18.20 -6.13
C CYS D 205 9.80 17.74 -4.69
N THR D 206 9.82 18.70 -3.76
CA THR D 206 9.49 18.45 -2.37
C THR D 206 8.41 19.40 -1.87
N THR D 207 7.67 20.04 -2.78
CA THR D 207 6.64 20.98 -2.37
C THR D 207 5.60 20.30 -1.49
N ARG D 208 5.18 19.09 -1.85
CA ARG D 208 4.19 18.37 -1.08
C ARG D 208 4.75 17.89 0.26
N VAL D 209 6.08 17.80 0.39
CA VAL D 209 6.69 17.40 1.65
C VAL D 209 6.99 18.61 2.53
N VAL D 210 7.39 19.73 1.93
CA VAL D 210 7.77 20.93 2.67
C VAL D 210 6.55 21.78 3.01
N ALA D 211 5.68 22.03 2.02
CA ALA D 211 4.50 22.85 2.23
C ALA D 211 3.24 22.04 2.49
N GLY D 212 3.24 20.74 2.18
CA GLY D 212 2.04 19.95 2.33
C GLY D 212 0.95 20.23 1.32
N VAL D 213 1.28 20.89 0.22
CA VAL D 213 0.32 21.35 -0.76
C VAL D 213 0.53 20.60 -2.06
N GLY D 214 -0.56 20.18 -2.69
CA GLY D 214 -0.49 19.51 -3.96
C GLY D 214 -1.82 18.88 -4.31
N VAL D 215 -1.94 18.51 -5.59
CA VAL D 215 -3.09 17.79 -6.10
C VAL D 215 -2.58 16.66 -6.99
N PRO D 216 -3.07 15.44 -6.83
CA PRO D 216 -2.63 14.34 -7.70
C PRO D 216 -2.78 14.70 -9.17
N GLN D 217 -1.73 14.40 -9.95
CA GLN D 217 -1.61 14.92 -11.31
C GLN D 217 -2.85 14.59 -12.16
N LEU D 218 -3.24 13.32 -12.19
CA LEU D 218 -4.32 12.92 -13.09
C LEU D 218 -5.64 13.60 -12.74
N THR D 219 -5.91 13.78 -11.45
CA THR D 219 -7.09 14.53 -11.06
C THR D 219 -6.95 16.00 -11.41
N ALA D 220 -5.76 16.57 -11.18
CA ALA D 220 -5.52 17.97 -11.51
C ALA D 220 -5.67 18.23 -13.00
N VAL D 221 -5.09 17.36 -13.84
CA VAL D 221 -5.19 17.54 -15.28
C VAL D 221 -6.65 17.43 -15.72
N TYR D 222 -7.35 16.42 -15.21
CA TYR D 222 -8.75 16.23 -15.58
C TYR D 222 -9.62 17.42 -15.15
N ASP D 223 -9.41 17.91 -13.93
CA ASP D 223 -10.19 19.04 -13.45
C ASP D 223 -9.84 20.33 -14.20
N CYS D 224 -8.55 20.56 -14.45
CA CYS D 224 -8.15 21.77 -15.16
C CYS D 224 -8.58 21.72 -16.63
N ALA D 225 -8.41 20.56 -17.27
CA ALA D 225 -8.82 20.43 -18.66
C ALA D 225 -10.33 20.57 -18.82
N THR D 226 -11.10 20.19 -17.78
CA THR D 226 -12.55 20.38 -17.83
C THR D 226 -12.91 21.85 -17.94
N GLU D 227 -12.19 22.71 -17.21
CA GLU D 227 -12.48 24.14 -17.26
C GLU D 227 -11.96 24.77 -18.57
N ALA D 228 -10.75 24.40 -18.98
CA ALA D 228 -10.17 24.99 -20.18
C ALA D 228 -10.84 24.49 -21.45
N ARG D 229 -11.61 23.41 -21.36
CA ARG D 229 -12.31 22.89 -22.53
C ARG D 229 -13.45 23.80 -22.96
N LYS D 230 -14.06 24.52 -22.01
CA LYS D 230 -15.15 25.42 -22.35
C LYS D 230 -14.67 26.72 -22.96
N HIS D 231 -13.36 27.00 -22.95
CA HIS D 231 -12.81 28.16 -23.63
C HIS D 231 -11.92 27.80 -24.81
N GLY D 232 -11.77 26.52 -25.13
CA GLY D 232 -10.88 26.11 -26.20
C GLY D 232 -9.41 26.32 -25.88
N ILE D 233 -9.02 26.15 -24.63
CA ILE D 233 -7.65 26.41 -24.16
C ILE D 233 -6.98 25.07 -23.89
N PRO D 234 -5.78 24.84 -24.41
CA PRO D 234 -5.04 23.63 -24.06
C PRO D 234 -4.34 23.76 -22.71
N VAL D 235 -4.10 22.60 -22.09
CA VAL D 235 -3.41 22.51 -20.81
C VAL D 235 -2.18 21.62 -20.96
N ILE D 236 -1.18 21.88 -20.12
CA ILE D 236 0.09 21.17 -20.15
C ILE D 236 0.24 20.35 -18.87
N ALA D 237 0.42 19.04 -19.03
CA ALA D 237 0.72 18.16 -17.91
C ALA D 237 2.21 18.21 -17.63
N ASP D 238 2.59 18.89 -16.55
CA ASP D 238 3.99 19.15 -16.22
C ASP D 238 4.38 18.39 -14.96
N GLY D 239 5.34 17.49 -15.10
CA GLY D 239 5.92 16.78 -13.96
C GLY D 239 5.14 15.53 -13.59
N GLY D 240 5.86 14.58 -12.99
CA GLY D 240 5.26 13.34 -12.54
C GLY D 240 5.45 12.17 -13.49
N ILE D 241 5.80 12.44 -14.74
CA ILE D 241 5.91 11.40 -15.75
C ILE D 241 7.24 10.69 -15.57
N LYS D 242 7.20 9.36 -15.41
CA LYS D 242 8.40 8.56 -15.30
C LYS D 242 8.47 7.42 -16.31
N TYR D 243 7.36 7.07 -16.97
CA TYR D 243 7.33 6.06 -18.01
C TYR D 243 6.48 6.58 -19.17
N SER D 244 6.66 5.95 -20.34
CA SER D 244 5.90 6.36 -21.51
C SER D 244 4.41 6.15 -21.30
N GLY D 245 4.03 5.15 -20.50
CA GLY D 245 2.62 4.94 -20.21
C GLY D 245 1.99 6.08 -19.43
N ASP D 246 2.76 6.70 -18.53
CA ASP D 246 2.25 7.85 -17.79
C ASP D 246 1.96 9.03 -18.72
N MET D 247 2.74 9.18 -19.79
CA MET D 247 2.47 10.25 -20.75
C MET D 247 1.16 10.01 -21.48
N VAL D 248 0.87 8.76 -21.84
CA VAL D 248 -0.38 8.45 -22.51
C VAL D 248 -1.56 8.73 -21.58
N LYS D 249 -1.40 8.41 -20.29
CA LYS D 249 -2.44 8.71 -19.32
C LYS D 249 -2.65 10.21 -19.17
N ALA D 250 -1.57 10.99 -19.22
CA ALA D 250 -1.70 12.44 -19.12
C ALA D 250 -2.47 13.00 -20.30
N LEU D 251 -2.19 12.51 -21.51
CA LEU D 251 -2.90 12.99 -22.69
C LEU D 251 -4.36 12.52 -22.68
N ALA D 252 -4.61 11.30 -22.21
CA ALA D 252 -5.97 10.78 -22.17
C ALA D 252 -6.81 11.45 -21.08
N ALA D 253 -6.17 12.11 -20.12
CA ALA D 253 -6.90 12.82 -19.08
C ALA D 253 -7.36 14.20 -19.50
N GLY D 254 -6.88 14.72 -20.64
CA GLY D 254 -7.33 15.99 -21.14
C GLY D 254 -6.24 16.95 -21.58
N ALA D 255 -4.98 16.58 -21.35
CA ALA D 255 -3.86 17.45 -21.67
C ALA D 255 -3.52 17.39 -23.16
N HIS D 256 -3.13 18.53 -23.72
CA HIS D 256 -2.70 18.59 -25.11
C HIS D 256 -1.25 18.13 -25.27
N VAL D 257 -0.36 18.61 -24.40
CA VAL D 257 1.05 18.25 -24.45
C VAL D 257 1.51 17.89 -23.05
N VAL D 258 2.69 17.29 -22.97
CA VAL D 258 3.28 16.85 -21.72
C VAL D 258 4.67 17.47 -21.60
N MET D 259 5.03 17.87 -20.39
CA MET D 259 6.34 18.42 -20.10
C MET D 259 7.13 17.44 -19.24
N LEU D 260 8.38 17.17 -19.64
CA LEU D 260 9.21 16.18 -18.99
C LEU D 260 10.48 16.82 -18.46
N GLY D 261 10.98 16.31 -17.33
CA GLY D 261 12.22 16.78 -16.77
C GLY D 261 13.23 15.68 -16.52
N SER D 262 12.85 14.67 -15.73
CA SER D 262 13.79 13.62 -15.36
C SER D 262 14.14 12.73 -16.55
N MET D 263 13.20 12.54 -17.47
CA MET D 263 13.45 11.67 -18.62
C MET D 263 14.32 12.33 -19.68
N PHE D 264 14.65 13.62 -19.52
CA PHE D 264 15.54 14.31 -20.42
C PHE D 264 16.85 14.76 -19.77
N ALA D 265 16.99 14.63 -18.46
CA ALA D 265 18.16 15.17 -17.78
C ALA D 265 19.42 14.36 -18.07
N GLY D 266 19.29 13.04 -18.24
CA GLY D 266 20.42 12.20 -18.55
C GLY D 266 20.79 12.15 -20.01
N VAL D 267 20.23 13.03 -20.82
CA VAL D 267 20.44 13.05 -22.27
C VAL D 267 21.69 13.85 -22.58
N ALA D 268 22.40 13.46 -23.65
CA ALA D 268 23.67 14.09 -23.99
C ALA D 268 23.50 15.58 -24.28
N GLU D 269 22.36 16.00 -24.83
CA GLU D 269 22.13 17.40 -25.17
C GLU D 269 21.79 18.26 -23.96
N SER D 270 21.64 17.66 -22.78
CA SER D 270 21.31 18.43 -21.60
C SER D 270 22.53 19.24 -21.17
N PRO D 271 22.31 20.38 -20.50
CA PRO D 271 23.44 21.26 -20.16
C PRO D 271 24.44 20.63 -19.22
N GLY D 272 24.03 19.69 -18.39
CA GLY D 272 24.95 19.09 -17.45
C GLY D 272 26.11 18.39 -18.13
N GLU D 273 27.19 18.23 -17.38
CA GLU D 273 28.36 17.50 -17.85
C GLU D 273 28.34 16.11 -17.26
N THR D 274 28.84 15.12 -17.99
CA THR D 274 28.80 13.75 -17.49
C THR D 274 29.77 13.54 -16.35
N GLU D 275 29.28 12.90 -15.30
CA GLU D 275 30.08 12.61 -14.13
C GLU D 275 30.02 11.12 -13.90
N ILE D 276 31.09 10.57 -13.36
CA ILE D 276 31.16 9.14 -13.13
C ILE D 276 31.21 8.74 -11.66
N TYR D 277 30.31 7.85 -11.29
CA TYR D 277 30.26 7.32 -9.94
C TYR D 277 30.32 5.81 -10.07
N GLN D 278 31.27 5.18 -9.39
CA GLN D 278 31.36 3.73 -9.43
C GLN D 278 31.44 3.16 -10.84
N GLY D 279 32.19 3.82 -11.70
CA GLY D 279 32.34 3.34 -13.07
C GLY D 279 31.15 3.47 -13.98
N ARG D 280 30.16 4.27 -13.59
CA ARG D 280 28.97 4.45 -14.42
C ARG D 280 28.74 5.95 -14.63
N GLN D 281 28.36 6.33 -15.85
CA GLN D 281 28.17 7.72 -16.21
C GLN D 281 26.85 8.29 -15.67
N PHE D 282 26.92 9.51 -15.14
CA PHE D 282 25.75 10.18 -14.59
C PHE D 282 25.68 11.62 -15.07
N LYS D 283 24.51 12.23 -14.91
CA LYS D 283 24.29 13.65 -15.16
C LYS D 283 23.51 14.25 -14.00
N VAL D 284 23.87 15.48 -13.63
CA VAL D 284 23.23 16.17 -12.52
C VAL D 284 21.80 16.57 -12.89
N TYR D 285 20.85 16.27 -12.02
CA TYR D 285 19.47 16.71 -12.18
C TYR D 285 19.01 17.30 -10.85
N ARG D 286 18.81 18.62 -10.83
CA ARG D 286 18.41 19.35 -9.65
C ARG D 286 17.10 20.08 -9.91
N GLY D 287 16.35 20.34 -8.83
CA GLY D 287 15.16 21.14 -8.97
C GLY D 287 15.46 22.64 -8.93
N MET D 288 14.56 23.41 -9.53
CA MET D 288 14.70 24.86 -9.53
C MET D 288 14.57 25.45 -8.14
N GLY D 289 13.93 24.73 -7.22
CA GLY D 289 13.83 25.14 -5.83
C GLY D 289 14.92 24.60 -4.94
N SER D 290 15.87 23.84 -5.49
CA SER D 290 16.96 23.33 -4.68
C SER D 290 17.91 24.45 -4.29
N VAL D 291 18.69 24.20 -3.22
CA VAL D 291 19.61 25.21 -2.73
C VAL D 291 20.68 25.54 -3.75
N GLY D 292 21.09 24.56 -4.56
CA GLY D 292 22.13 24.80 -5.54
C GLY D 292 21.67 25.63 -6.72
N ALA D 293 20.42 25.47 -7.11
CA ALA D 293 19.89 26.22 -8.23
C ALA D 293 19.80 27.69 -7.90
N MET D 294 19.38 27.96 -6.68
CA MET D 294 19.14 29.30 -6.17
C MET D 294 20.43 30.08 -5.99
N GLU D 295 21.52 29.37 -5.76
CA GLU D 295 22.79 30.02 -5.59
C GLU D 295 23.11 30.74 -6.88
N LYS D 296 22.87 30.10 -8.02
CA LYS D 296 23.18 30.75 -9.27
C LYS D 296 21.97 31.44 -9.89
N LEU D 310 11.99 31.98 1.74
N LEU D 310 15.25 31.46 2.56
CA LEU D 310 12.80 31.39 0.67
CA LEU D 310 16.16 30.39 2.21
C LEU D 310 13.55 30.16 1.18
C LEU D 310 15.49 29.03 2.38
N VAL D 311 12.78 29.12 1.48
N VAL D 311 14.26 28.91 1.86
CA VAL D 311 13.26 27.82 1.93
CA VAL D 311 13.45 27.72 2.07
C VAL D 311 13.15 26.87 0.75
C VAL D 311 13.28 26.98 0.74
N PRO D 312 14.10 25.97 0.50
CA PRO D 312 14.03 25.20 -0.76
C PRO D 312 12.82 24.30 -0.84
N GLU D 313 12.42 24.00 -2.07
CA GLU D 313 11.33 23.07 -2.37
C GLU D 313 11.77 22.04 -3.41
N GLY D 314 13.08 21.78 -3.48
CA GLY D 314 13.63 20.81 -4.39
C GLY D 314 14.90 20.22 -3.82
N ILE D 315 15.34 19.12 -4.44
CA ILE D 315 16.54 18.43 -4.02
C ILE D 315 17.47 18.25 -5.23
N GLU D 316 18.75 18.05 -4.93
CA GLU D 316 19.77 17.83 -5.95
C GLU D 316 20.08 16.35 -6.09
N GLY D 317 20.19 15.88 -7.34
CA GLY D 317 20.45 14.48 -7.61
C GLY D 317 21.15 14.20 -8.92
N ARG D 318 21.24 12.92 -9.29
CA ARG D 318 21.84 12.48 -10.54
C ARG D 318 21.00 11.38 -11.15
N VAL D 319 20.95 11.38 -12.48
CA VAL D 319 20.20 10.38 -13.25
C VAL D 319 21.16 9.71 -14.22
N PRO D 320 20.94 8.44 -14.58
CA PRO D 320 21.88 7.75 -15.47
C PRO D 320 21.91 8.39 -16.86
N TYR D 321 23.10 8.42 -17.45
CA TYR D 321 23.28 8.94 -18.79
C TYR D 321 22.65 8.01 -19.83
N LYS D 322 21.77 8.56 -20.66
CA LYS D 322 20.98 7.78 -21.60
C LYS D 322 21.35 8.03 -23.06
N GLY D 323 22.42 8.76 -23.33
CA GLY D 323 22.85 8.99 -24.69
C GLY D 323 22.03 10.05 -25.41
N PRO D 324 21.97 9.95 -26.74
CA PRO D 324 21.30 10.98 -27.53
C PRO D 324 19.81 11.10 -27.20
N LEU D 325 19.27 12.29 -27.47
CA LEU D 325 17.88 12.58 -27.21
C LEU D 325 16.95 11.78 -28.12
N ALA D 326 17.35 11.60 -29.38
CA ALA D 326 16.49 10.94 -30.35
C ALA D 326 16.12 9.53 -29.92
N ASP D 327 17.00 8.86 -29.17
CA ASP D 327 16.72 7.50 -28.73
C ASP D 327 15.59 7.48 -27.72
N THR D 328 15.62 8.36 -26.72
CA THR D 328 14.56 8.36 -25.72
C THR D 328 13.26 8.93 -26.28
N VAL D 329 13.34 9.90 -27.18
CA VAL D 329 12.14 10.42 -27.81
C VAL D 329 11.48 9.36 -28.69
N HIS D 330 12.30 8.56 -29.37
CA HIS D 330 11.76 7.46 -30.18
C HIS D 330 10.98 6.47 -29.31
N GLN D 331 11.46 6.22 -28.09
CA GLN D 331 10.73 5.33 -27.20
C GLN D 331 9.46 5.99 -26.67
N LEU D 332 9.51 7.30 -26.43
CA LEU D 332 8.33 8.01 -25.94
C LEU D 332 7.22 8.02 -27.00
N VAL D 333 7.55 8.44 -28.21
CA VAL D 333 6.55 8.49 -29.28
C VAL D 333 6.05 7.09 -29.59
N GLY D 334 6.96 6.11 -29.65
CA GLY D 334 6.54 4.74 -29.91
C GLY D 334 5.59 4.20 -28.86
N GLY D 335 5.80 4.56 -27.59
CA GLY D 335 4.86 4.17 -26.56
C GLY D 335 3.51 4.83 -26.68
N LEU D 336 3.49 6.08 -27.15
CA LEU D 336 2.22 6.76 -27.38
C LEU D 336 1.45 6.14 -28.54
N ARG D 337 2.16 5.78 -29.62
CA ARG D 337 1.49 5.18 -30.77
C ARG D 337 0.83 3.86 -30.39
N ALA D 338 1.48 3.06 -29.55
CA ALA D 338 0.90 1.81 -29.11
C ALA D 338 -0.36 2.06 -28.28
N GLY D 339 -0.31 3.03 -27.36
CA GLY D 339 -1.46 3.34 -26.54
C GLY D 339 -2.64 3.84 -27.35
N MET D 340 -2.38 4.74 -28.31
CA MET D 340 -3.47 5.24 -29.16
C MET D 340 -4.03 4.12 -30.02
N GLY D 341 -3.21 3.11 -30.36
CA GLY D 341 -3.74 1.97 -31.07
C GLY D 341 -4.64 1.11 -30.20
N TYR D 342 -4.31 0.96 -28.92
CA TYR D 342 -5.16 0.17 -28.03
C TYR D 342 -6.52 0.82 -27.82
N CYS D 343 -6.56 2.15 -27.79
CA CYS D 343 -7.81 2.86 -27.60
C CYS D 343 -8.55 3.14 -28.91
N GLY D 344 -7.93 2.86 -30.05
CA GLY D 344 -8.54 3.16 -31.32
C GLY D 344 -8.59 4.64 -31.62
N ALA D 345 -7.68 5.42 -31.05
CA ALA D 345 -7.64 6.86 -31.23
C ALA D 345 -6.75 7.20 -32.42
N GLN D 346 -7.37 7.67 -33.50
CA GLN D 346 -6.60 8.12 -34.66
C GLN D 346 -5.92 9.45 -34.38
N ASP D 347 -6.55 10.30 -33.56
CA ASP D 347 -6.00 11.59 -33.20
C ASP D 347 -5.80 11.68 -31.69
N LEU D 348 -5.03 12.69 -31.27
CA LEU D 348 -4.94 12.98 -29.85
C LEU D 348 -6.23 13.58 -29.32
N GLU D 349 -6.96 14.28 -30.19
CA GLU D 349 -8.24 14.86 -29.80
C GLU D 349 -9.29 13.78 -29.57
N PHE D 350 -9.25 12.70 -30.36
CA PHE D 350 -10.11 11.54 -30.07
C PHE D 350 -9.68 10.86 -28.78
N LEU D 351 -8.38 10.84 -28.49
CA LEU D 351 -7.89 10.18 -27.29
C LEU D 351 -8.41 10.88 -26.03
N ARG D 352 -8.21 12.19 -25.94
CA ARG D 352 -8.61 12.92 -24.74
C ARG D 352 -10.12 13.06 -24.61
N GLU D 353 -10.87 12.85 -25.69
CA GLU D 353 -12.32 12.98 -25.70
C GLU D 353 -13.05 11.66 -25.50
N ASN D 354 -12.39 10.51 -25.68
CA ASN D 354 -13.07 9.22 -25.64
C ASN D 354 -12.41 8.16 -24.77
N ALA D 355 -11.12 8.26 -24.47
CA ALA D 355 -10.44 7.21 -23.71
C ALA D 355 -11.04 7.07 -22.31
N GLN D 356 -11.16 5.82 -21.86
CA GLN D 356 -11.76 5.50 -20.57
C GLN D 356 -10.72 4.84 -19.67
N PHE D 357 -10.73 5.22 -18.40
CA PHE D 357 -9.81 4.67 -17.41
C PHE D 357 -10.50 3.63 -16.55
N ILE D 358 -9.68 2.82 -15.87
CA ILE D 358 -10.16 1.85 -14.88
C ILE D 358 -9.28 1.98 -13.65
N ARG D 359 -9.91 2.14 -12.49
CA ARG D 359 -9.19 2.35 -11.24
C ARG D 359 -8.71 1.02 -10.65
N MET D 360 -7.60 1.08 -9.91
CA MET D 360 -6.90 -0.11 -9.47
C MET D 360 -6.25 0.18 -8.12
N SER D 361 -5.96 -0.88 -7.39
CA SER D 361 -5.35 -0.76 -6.06
C SER D 361 -3.83 -0.85 -6.18
N GLY D 362 -3.15 -0.86 -5.04
CA GLY D 362 -1.70 -0.99 -5.05
C GLY D 362 -1.24 -2.35 -5.49
N ALA D 363 -2.04 -3.38 -5.24
CA ALA D 363 -1.69 -4.72 -5.70
C ALA D 363 -1.74 -4.83 -7.21
N GLY D 364 -2.61 -4.04 -7.86
CA GLY D 364 -2.64 -4.03 -9.31
C GLY D 364 -1.42 -3.37 -9.93
N LEU D 365 -0.80 -2.42 -9.23
CA LEU D 365 0.42 -1.79 -9.73
C LEU D 365 1.57 -2.79 -9.79
N LEU D 366 1.66 -3.68 -8.81
CA LEU D 366 2.73 -4.67 -8.81
C LEU D 366 2.59 -5.63 -9.98
N GLU D 367 1.36 -5.91 -10.38
CA GLU D 367 1.10 -6.73 -11.53
C GLU D 367 1.46 -6.04 -12.86
N SER D 368 1.25 -4.73 -12.91
CA SER D 368 1.43 -3.97 -14.14
C SER D 368 2.91 -3.89 -14.50
N HIS D 369 3.78 -3.95 -13.52
CA HIS D 369 5.22 -4.01 -13.72
C HIS D 369 5.67 -5.45 -13.87
N PRO D 370 6.82 -5.68 -14.50
CA PRO D 370 7.38 -7.04 -14.51
C PRO D 370 7.58 -7.55 -13.09
N HIS D 371 7.18 -8.80 -12.87
CA HIS D 371 7.17 -9.36 -11.53
C HIS D 371 7.53 -10.83 -11.56
N HIS D 372 8.10 -11.30 -10.45
CA HIS D 372 8.46 -12.70 -10.22
C HIS D 372 9.43 -13.24 -11.27
N VAL D 373 10.14 -12.36 -11.96
CA VAL D 373 11.17 -12.75 -12.92
C VAL D 373 12.34 -11.79 -12.78
N GLN D 374 13.55 -12.35 -12.71
CA GLN D 374 14.76 -11.52 -12.67
C GLN D 374 15.02 -10.91 -14.04
N ILE D 375 15.19 -9.59 -14.08
CA ILE D 375 15.39 -8.88 -15.34
C ILE D 375 16.86 -8.95 -15.70
N THR D 376 17.16 -9.50 -16.88
CA THR D 376 18.55 -9.76 -17.26
C THR D 376 19.23 -8.59 -17.97
N LYS D 377 18.53 -7.93 -18.89
CA LYS D 377 19.07 -6.84 -19.68
C LYS D 377 18.29 -5.56 -19.42
N GLU D 378 18.92 -4.42 -19.67
CA GLU D 378 18.26 -3.13 -19.51
C GLU D 378 17.49 -2.84 -20.79
N ALA D 379 16.17 -2.79 -20.69
CA ALA D 379 15.33 -2.53 -21.85
C ALA D 379 15.30 -1.03 -22.13
N PRO D 380 15.06 -0.65 -23.39
CA PRO D 380 14.96 0.79 -23.70
C PRO D 380 13.77 1.45 -23.03
N ASN D 381 12.68 0.72 -22.85
CA ASN D 381 11.48 1.25 -22.23
C ASN D 381 11.49 1.13 -20.71
N TYR D 382 12.19 0.13 -20.19
CA TYR D 382 12.14 -0.18 -18.76
C TYR D 382 13.53 -0.28 -18.17
P IMP E . 2.78 -15.22 -17.50
O1P IMP E . 2.40 -16.68 -17.58
O2P IMP E . 4.20 -14.88 -17.10
O3P IMP E . 1.87 -14.56 -16.50
O5' IMP E . 2.52 -14.57 -18.92
C5' IMP E . 1.95 -15.31 -19.99
C4' IMP E . 1.19 -14.44 -20.96
O4' IMP E . 1.83 -13.15 -21.09
C3' IMP E . 1.11 -14.93 -22.39
O3' IMP E . 0.17 -15.98 -22.56
C2' IMP E . 0.78 -13.66 -23.16
O2' IMP E . -0.61 -13.38 -23.09
C1' IMP E . 1.53 -12.60 -22.36
N9 IMP E . 2.79 -12.21 -23.03
C8 IMP E . 3.78 -13.04 -23.47
N7 IMP E . 4.76 -12.29 -24.03
C5 IMP E . 4.40 -10.98 -23.95
C6 IMP E . 5.02 -9.81 -24.37
O6 IMP E . 6.23 -9.85 -24.62
N1 IMP E . 4.41 -8.60 -24.15
C2 IMP E . 3.17 -8.56 -23.53
N3 IMP E . 2.56 -9.73 -23.13
C4 IMP E . 3.16 -10.92 -23.33
C1 8L1 F . 4.38 -7.04 -29.60
C2 8L1 F . 5.04 -8.13 -30.17
C3 8L1 F . 4.70 -9.42 -29.81
C8 8L1 F . 1.46 -10.10 -27.22
C7 8L1 F . 1.98 -8.89 -27.26
C4 8L1 F . 3.72 -9.65 -28.86
C5 8L1 F . 3.05 -8.58 -28.28
C6 8L1 F . 3.40 -7.27 -28.64
C10 8L1 F . 2.53 -4.57 -30.42
C11 8L1 F . 4.77 -5.65 -30.01
C12 8L1 F . 5.23 -5.67 -31.46
C13 8L1 F . 5.97 -5.28 -29.14
C17 8L1 F . 0.51 -3.21 -30.39
C18 8L1 F . -0.14 -3.78 -31.47
C19 8L1 F . -1.40 -3.36 -31.90
C20 8L1 F . -2.02 -2.31 -31.22
C21 8L1 F . -1.37 -1.73 -30.13
C22 8L1 F . -0.12 -2.17 -29.72
C24 8L1 F . -1.97 -4.07 -33.08
C26 8L1 F . -3.25 -4.51 -35.29
C27 8L1 F . -2.52 -5.53 -34.69
C29 8L1 F . -2.51 -6.88 -35.34
F1 8L1 F . -3.04 -6.76 -36.55
F2 8L1 F . -3.24 -7.70 -34.62
F3 8L1 F . -1.27 -7.31 -35.42
N1 8L1 F . 1.49 -8.03 -26.35
N3 8L1 F . 3.69 -4.70 -29.76
N4 8L1 F . 1.74 -3.61 -29.95
N5 8L1 F . -1.83 -5.34 -33.53
O1 8L1 F . 1.92 -6.70 -26.23
O2 8L1 F . 2.26 -5.27 -31.38
S 8L1 F . -2.96 -3.20 -34.20
CL 8L1 F . -3.64 -1.65 -31.64
K K G . 3.02 -6.68 -16.42
K K H . -0.55 -16.88 6.00
P IMP I . 7.08 12.99 17.78
O1P IMP I . 6.65 11.79 16.96
O2P IMP I . 7.09 14.33 17.10
O3P IMP I . 8.46 12.70 18.32
O5' IMP I . 6.05 13.11 19.00
C5' IMP I . 6.40 12.69 20.31
C4' IMP I . 5.22 12.71 21.25
O4' IMP I . 4.83 11.35 21.57
C3' IMP I . 5.43 13.38 22.60
O3' IMP I . 5.29 14.80 22.55
C2' IMP I . 4.41 12.68 23.49
O2' IMP I . 3.12 13.24 23.31
C1' IMP I . 4.41 11.27 22.91
N9 IMP I . 5.32 10.37 23.64
C8 IMP I . 6.50 10.70 24.26
N7 IMP I . 7.03 9.57 24.80
C5 IMP I . 6.21 8.53 24.53
C6 IMP I . 6.28 7.18 24.84
O6 IMP I . 7.36 6.70 25.19
N1 IMP I . 5.28 6.33 24.42
C2 IMP I . 4.22 6.84 23.70
N3 IMP I . 4.15 8.18 23.39
C4 IMP I . 5.14 9.01 23.80
C1 8L1 J . 3.83 5.25 29.91
C2 8L1 J . 4.77 6.01 30.61
C3 8L1 J . 5.05 7.31 30.22
C8 8L1 J . 2.69 9.09 27.19
C7 8L1 J . 2.77 7.76 27.23
C4 8L1 J . 4.39 7.85 29.12
C5 8L1 J . 3.46 7.11 28.41
C6 8L1 J . 3.19 5.80 28.81
C10 8L1 J . 1.06 3.87 30.56
C11 8L1 J . 3.56 3.83 30.35
C12 8L1 J . 3.86 3.69 31.84
C13 8L1 J . 4.53 2.96 29.59
C17 8L1 J . -1.36 3.52 30.37
C18 8L1 J . -1.79 4.40 31.35
C19 8L1 J . -3.13 4.59 31.65
C20 8L1 J . -4.09 3.85 30.93
C21 8L1 J . -3.65 2.97 29.95
C22 8L1 J . -2.30 2.80 29.66
C24 8L1 J . -3.41 5.59 32.74
C26 8L1 J . -4.59 7.10 34.49
C27 8L1 J . -3.20 7.14 34.36
C29 8L1 J . -2.42 8.05 35.24
F1 8L1 J . -1.86 7.35 36.22
F2 8L1 J . -3.22 8.97 35.77
F3 8L1 J . -1.48 8.65 34.53
N1 8L1 J . 2.25 7.11 26.20
N3 8L1 J . 2.19 3.44 30.01
N4 8L1 J . -0.05 3.31 30.05
N5 8L1 J . -2.55 6.35 33.46
O1 8L1 J . 2.25 5.73 26.07
O2 8L1 J . 1.05 4.70 31.46
S 8L1 J . -5.02 5.92 33.30
CL 8L1 J . -5.86 3.94 31.15
K K K . 3.91 5.16 16.77
C1 GOL L . -8.10 31.12 31.84
O1 GOL L . -8.88 30.72 32.94
C2 GOL L . -6.96 32.01 32.32
O2 GOL L . -5.74 31.52 31.83
C3 GOL L . -7.18 33.43 31.83
O3 GOL L . -5.97 34.15 31.89
K K M . 7.53 15.00 -5.51
P IMP N . 0.27 -18.50 14.33
O1P IMP N . 1.71 -18.60 13.88
O2P IMP N . -0.04 -18.46 15.81
O3P IMP N . -0.30 -17.26 13.69
O5' IMP N . -0.48 -19.78 13.73
C5' IMP N . -1.21 -20.66 14.57
C4' IMP N . -2.32 -21.36 13.84
O4' IMP N . -1.98 -21.57 12.45
C3' IMP N . -2.67 -22.76 14.32
O3' IMP N . -3.41 -22.76 15.52
C2' IMP N . -3.41 -23.35 13.12
O2' IMP N . -4.76 -22.92 13.12
C1' IMP N . -2.68 -22.69 11.95
N9 IMP N . -1.72 -23.62 11.31
C8 IMP N . -0.74 -24.34 11.92
N7 IMP N . -0.09 -25.07 10.98
C5 IMP N . -0.65 -24.81 9.77
C6 IMP N . -0.38 -25.28 8.49
O6 IMP N . 0.71 -25.84 8.27
N1 IMP N . -1.13 -24.83 7.43
C2 IMP N . -2.15 -23.93 7.64
N3 IMP N . -2.42 -23.47 8.92
C4 IMP N . -1.68 -23.90 9.97
C1 8L1 O . -3.04 -30.01 6.06
C2 8L1 O . -2.42 -30.87 6.99
C3 8L1 O . -2.47 -30.58 8.34
C8 8L1 O . -4.82 -27.34 9.68
C7 8L1 O . -4.37 -27.33 8.44
C4 8L1 O . -3.10 -29.43 8.78
C5 8L1 O . -3.70 -28.56 7.88
C6 8L1 O . -3.66 -28.85 6.52
C10 8L1 O . -5.38 -30.21 3.94
C11 8L1 O . -2.95 -30.37 4.60
C12 8L1 O . -2.81 -31.87 4.47
C13 8L1 O . -1.68 -29.71 4.09
C17 8L1 O . -7.53 -29.68 2.89
C18 8L1 O . -8.38 -30.51 3.63
C19 8L1 O . -9.75 -30.56 3.39
C20 8L1 O . -10.28 -29.74 2.39
C21 8L1 O . -9.43 -28.92 1.65
C22 8L1 O . -8.07 -28.89 1.89
C24 8L1 O . -10.52 -31.49 4.28
C26 8L1 O . -12.47 -32.71 5.51
C27 8L1 O . -11.15 -33.08 5.74
C29 8L1 O . -10.88 -34.19 6.72
F1 8L1 O . -10.05 -35.06 6.17
F2 8L1 O . -12.03 -34.77 7.02
F3 8L1 O . -10.34 -33.68 7.81
N1 8L1 O . -4.55 -26.19 7.77
N3 8L1 O . -4.09 -29.86 3.83
N4 8L1 O . -6.17 -29.59 3.07
N5 8L1 O . -10.10 -32.46 5.12
O1 8L1 O . -4.14 -25.99 6.45
O2 8L1 O . -5.77 -31.03 4.77
S 8L1 O . -12.26 -31.44 4.37
CL 8L1 O . -12.02 -29.66 1.92
C1 GOL P . -21.54 -29.11 26.38
O1 GOL P . -22.95 -29.17 26.51
C2 GOL P . -20.90 -29.39 27.73
O2 GOL P . -19.83 -30.30 27.55
C3 GOL P . -20.36 -28.11 28.33
O3 GOL P . -19.70 -28.39 29.55
P IMP Q . 9.76 15.76 -13.74
O1P IMP Q . 9.38 15.16 -15.07
O2P IMP Q . 11.20 15.63 -13.29
O3P IMP Q . 8.88 15.15 -12.69
O5' IMP Q . 9.44 17.32 -13.83
C5' IMP Q . 9.56 18.15 -12.69
C4' IMP Q . 8.73 19.41 -12.79
O4' IMP Q . 8.57 19.97 -11.45
C3' IMP Q . 9.33 20.54 -13.62
O3' IMP Q . 9.01 20.44 -14.99
C2' IMP Q . 8.76 21.80 -12.96
O2' IMP Q . 7.44 22.06 -13.40
C1' IMP Q . 8.70 21.37 -11.49
N9 IMP Q . 9.89 21.76 -10.73
C8 IMP Q . 11.15 22.03 -11.20
N7 IMP Q . 11.93 22.33 -10.14
C5 IMP Q . 11.20 22.27 -9.01
C6 IMP Q . 11.51 22.49 -7.67
O6 IMP Q . 12.69 22.57 -7.32
N1 IMP Q . 10.53 22.33 -6.71
C2 IMP Q . 9.25 21.97 -7.09
N3 IMP Q . 8.96 21.76 -8.43
C4 IMP Q . 9.91 21.90 -9.37
C1 8L1 R . 10.90 28.06 -5.72
C2 8L1 R . 11.84 28.49 -6.65
C3 8L1 R . 11.76 28.05 -7.97
C8 8L1 R . 8.53 25.65 -9.21
C7 8L1 R . 8.73 25.80 -7.91
C4 8L1 R . 10.75 27.19 -8.36
C5 8L1 R . 9.81 26.74 -7.44
C6 8L1 R . 9.90 27.19 -6.12
C10 8L1 R . 8.67 29.41 -3.95
C11 8L1 R . 10.99 28.52 -4.29
C12 8L1 R . 11.71 29.86 -4.23
C13 8L1 R . 11.85 27.49 -3.55
C17 8L1 R . 6.36 29.83 -3.26
C18 8L1 R . 6.07 30.95 -4.03
C19 8L1 R . 4.84 31.59 -3.99
C20 8L1 R . 3.84 31.08 -3.14
C21 8L1 R . 4.13 29.95 -2.37
C22 8L1 R . 5.36 29.34 -2.42
C24 8L1 R . 4.71 32.79 -4.88
C26 8L1 R . 3.78 34.82 -6.20
C27 8L1 R . 5.13 34.49 -6.31
C29 8L1 R . 6.02 35.30 -7.19
F1 8L1 R . 6.95 35.88 -6.45
F2 8L1 R . 5.30 36.22 -7.81
F3 8L1 R . 6.59 34.51 -8.09
N1 8L1 R . 7.93 25.06 -7.13
N3 8L1 R . 9.65 28.55 -3.71
N4 8L1 R . 7.54 29.16 -3.26
N5 8L1 R . 5.66 33.42 -5.63
O1 8L1 R . 7.98 25.07 -5.74
O2 8L1 R . 8.77 30.33 -4.74
S 8L1 R . 3.21 33.62 -5.11
CL 8L1 R . 2.20 31.75 -2.92
#